data_6GYN
#
_entry.id   6GYN
#
_cell.length_a   1.00
_cell.length_b   1.00
_cell.length_c   1.00
_cell.angle_alpha   90.00
_cell.angle_beta   90.00
_cell.angle_gamma   90.00
#
_symmetry.space_group_name_H-M   'P 1'
#
loop_
_entity.id
_entity.type
_entity.pdbx_description
1 polymer 'Potassium/sodium hyperpolarization-activated cyclic nucleotide-gated channel 4'
2 non-polymer 1,2-DIACYL-SN-GLYCERO-3-PHOSPHOCHOLINE
3 non-polymer 1,2-Distearoyl-sn-glycerophosphoethanolamine
#
_entity_poly.entity_id   1
_entity_poly.type   'polypeptide(L)'
_entity_poly.pdbx_seq_one_letter_code
;SMLPEAEVRLGQAGFMQRQFGAMLQPGVNKFSLRMFGSQKAVEREQERVKSAGFWIIHPYSDFRFYWDLTMLLLMVGNLI
IIPVGITFFKDENTTPWIVFNVVSDTFFLIDLVLNFRTGIVVEDNTEIILDPQRIKMKYLKSWFMVDFISSIPVDYIFLI
VETRIDSEVYKTARALRIVRFTKILSLLRLLRLSRLIRYIHQWEEIFHMTYDLASAVVRIVNLIGMMLLLCHWDGCLQFL
VPMLQDFPDDCWVSINNMVNNSWGKQYSYALFKAMSHMLCIGYGRQAPVGMSDVWLTMLSMIVGATCYAMFIGHATALIQ
SLDSSRRQYQEKYKQVEQYMSFHKLPPDTRQRIHDYYEHRYQGKMFDEESILGELSEPLREEIINFNCRKLVASMPLFAN
ADPNFVTSMLTKLRFEVFQPGDYIIREGTIGKKMYFIQHGVVSVLTKGNKETKLADGSYFGEICLLTRGRRTASVRADTY
CRLYSLSVDNFNEVLEEYPMMRRAFETVALDRLDRIGKKNS
;
_entity_poly.pdbx_strand_id   A,B,C,D
#
loop_
_chem_comp.id
_chem_comp.type
_chem_comp.name
_chem_comp.formula
3PE non-polymer 1,2-Distearoyl-sn-glycerophosphoethanolamine 'C41 H82 N O8 P'
PC1 non-polymer 1,2-DIACYL-SN-GLYCERO-3-PHOSPHOCHOLINE 'C44 H88 N O8 P'
#
# COMPACT_ATOMS: atom_id res chain seq x y z
N MET A 16 -47.23 20.74 -24.95
CA MET A 16 -46.98 19.81 -23.85
C MET A 16 -46.41 20.54 -22.64
N GLN A 17 -47.30 21.17 -21.86
CA GLN A 17 -46.87 21.88 -20.66
C GLN A 17 -46.61 20.95 -19.49
N ARG A 18 -47.03 19.68 -19.60
CA ARG A 18 -46.77 18.71 -18.56
C ARG A 18 -45.48 17.94 -18.78
N GLN A 19 -45.06 17.75 -20.04
CA GLN A 19 -43.84 16.99 -20.31
C GLN A 19 -42.60 17.75 -19.87
N PHE A 20 -42.61 19.08 -20.04
CA PHE A 20 -41.49 19.90 -19.59
C PHE A 20 -41.39 19.91 -18.08
N GLY A 21 -42.52 19.88 -17.38
CA GLY A 21 -42.49 19.76 -15.93
C GLY A 21 -42.10 18.37 -15.48
N ALA A 22 -42.36 17.36 -16.31
CA ALA A 22 -42.00 16.00 -15.94
C ALA A 22 -40.49 15.76 -16.12
N MET A 23 -39.89 16.34 -17.15
CA MET A 23 -38.48 16.06 -17.43
C MET A 23 -37.55 16.74 -16.43
N LEU A 24 -37.99 17.84 -15.82
CA LEU A 24 -37.13 18.49 -14.84
C LEU A 24 -37.09 17.77 -13.50
N GLN A 25 -38.04 16.95 -13.24
CA GLN A 25 -38.12 16.21 -11.99
C GLN A 25 -37.34 14.90 -12.10
N PRO A 26 -36.72 14.44 -10.99
CA PRO A 26 -35.93 13.22 -11.06
C PRO A 26 -36.76 11.96 -11.27
N GLY A 27 -36.64 11.37 -12.45
CA GLY A 27 -37.42 10.20 -12.77
C GLY A 27 -36.96 8.98 -11.99
N VAL A 28 -37.84 7.99 -11.91
CA VAL A 28 -37.55 6.75 -11.21
C VAL A 28 -36.69 5.89 -12.13
N ASN A 29 -35.43 5.73 -11.77
CA ASN A 29 -34.53 4.84 -12.49
C ASN A 29 -33.72 4.04 -11.49
N LYS A 30 -32.66 3.37 -11.97
CA LYS A 30 -31.77 2.65 -11.06
C LYS A 30 -31.08 3.60 -10.10
N PHE A 31 -30.71 4.79 -10.60
CA PHE A 31 -29.96 5.73 -9.79
C PHE A 31 -30.81 6.36 -8.69
N SER A 32 -32.03 6.77 -9.01
CA SER A 32 -32.87 7.40 -8.00
C SER A 32 -33.33 6.38 -6.97
N LEU A 33 -33.61 5.15 -7.39
CA LEU A 33 -33.97 4.11 -6.44
C LEU A 33 -32.79 3.71 -5.57
N ARG A 34 -31.56 3.84 -6.06
CA ARG A 34 -30.43 3.52 -5.21
C ARG A 34 -30.09 4.67 -4.27
N MET A 35 -30.26 5.92 -4.72
CA MET A 35 -29.98 7.05 -3.84
C MET A 35 -31.06 7.23 -2.79
N PHE A 36 -32.29 7.48 -3.21
CA PHE A 36 -33.35 7.79 -2.27
C PHE A 36 -33.88 6.56 -1.55
N GLY A 37 -33.51 5.36 -1.99
CA GLY A 37 -33.91 4.15 -1.32
C GLY A 37 -35.16 3.52 -1.88
N SER A 38 -36.29 4.21 -1.76
CA SER A 38 -37.57 3.66 -2.17
C SER A 38 -38.19 4.54 -3.24
N GLN A 39 -39.18 3.97 -3.92
CA GLN A 39 -39.92 4.71 -4.93
C GLN A 39 -40.79 5.79 -4.29
N LYS A 40 -41.22 5.56 -3.05
CA LYS A 40 -41.98 6.56 -2.31
C LYS A 40 -41.12 7.77 -1.98
N ALA A 41 -39.83 7.55 -1.68
CA ALA A 41 -38.93 8.68 -1.43
C ALA A 41 -38.67 9.47 -2.70
N VAL A 42 -38.65 8.80 -3.85
CA VAL A 42 -38.46 9.51 -5.12
C VAL A 42 -39.71 10.32 -5.46
N GLU A 43 -40.88 9.80 -5.12
CA GLU A 43 -42.10 10.59 -5.31
C GLU A 43 -42.15 11.78 -4.35
N ARG A 44 -41.62 11.61 -3.15
CA ARG A 44 -41.52 12.74 -2.23
C ARG A 44 -40.53 13.78 -2.74
N GLU A 45 -39.45 13.34 -3.39
CA GLU A 45 -38.52 14.28 -3.99
C GLU A 45 -39.14 15.00 -5.18
N GLN A 46 -39.98 14.29 -5.95
CA GLN A 46 -40.71 14.94 -7.04
C GLN A 46 -41.68 15.98 -6.52
N GLU A 47 -42.33 15.70 -5.40
CA GLU A 47 -43.21 16.69 -4.79
C GLU A 47 -42.43 17.86 -4.22
N ARG A 48 -41.20 17.62 -3.76
CA ARG A 48 -40.40 18.74 -3.26
C ARG A 48 -39.88 19.60 -4.40
N VAL A 49 -39.65 19.01 -5.57
CA VAL A 49 -39.33 19.79 -6.76
C VAL A 49 -40.55 20.59 -7.22
N LYS A 50 -41.74 19.97 -7.14
CA LYS A 50 -42.96 20.64 -7.57
C LYS A 50 -43.30 21.84 -6.69
N SER A 51 -43.06 21.74 -5.38
CA SER A 51 -43.36 22.82 -4.46
C SER A 51 -42.18 23.76 -4.24
N ALA A 52 -41.28 23.87 -5.21
CA ALA A 52 -40.12 24.75 -5.06
C ALA A 52 -40.38 26.14 -5.66
N GLY A 53 -40.86 26.20 -6.89
CA GLY A 53 -41.15 27.48 -7.50
C GLY A 53 -41.28 27.34 -9.01
N PHE A 54 -40.96 28.43 -9.69
CA PHE A 54 -41.12 28.52 -11.14
C PHE A 54 -39.99 27.75 -11.81
N TRP A 55 -40.28 26.50 -12.20
CA TRP A 55 -39.45 25.69 -13.09
C TRP A 55 -38.04 25.44 -12.53
N ILE A 56 -37.99 24.75 -11.40
CA ILE A 56 -36.73 24.44 -10.75
C ILE A 56 -36.22 23.10 -11.27
N ILE A 57 -34.97 23.07 -11.69
CA ILE A 57 -34.39 21.91 -12.34
C ILE A 57 -33.70 21.05 -11.29
N HIS A 58 -34.05 19.77 -11.24
CA HIS A 58 -33.38 18.95 -10.25
C HIS A 58 -32.14 18.30 -10.87
N PRO A 59 -31.01 18.31 -10.18
CA PRO A 59 -29.75 17.87 -10.81
C PRO A 59 -29.64 16.38 -11.04
N TYR A 60 -30.62 15.57 -10.67
CA TYR A 60 -30.61 14.15 -10.97
C TYR A 60 -31.60 13.80 -12.07
N SER A 61 -32.14 14.79 -12.77
CA SER A 61 -33.21 14.57 -13.73
C SER A 61 -32.64 14.03 -15.04
N ASP A 62 -33.51 13.97 -16.05
CA ASP A 62 -33.07 13.55 -17.37
C ASP A 62 -32.64 14.74 -18.20
N PHE A 63 -33.33 15.88 -18.05
CA PHE A 63 -32.98 17.07 -18.81
C PHE A 63 -31.61 17.60 -18.43
N ARG A 64 -31.29 17.58 -17.13
CA ARG A 64 -29.97 18.01 -16.69
C ARG A 64 -28.90 17.07 -17.21
N PHE A 65 -29.21 15.78 -17.33
CA PHE A 65 -28.26 14.81 -17.89
C PHE A 65 -27.98 15.08 -19.36
N TYR A 66 -29.02 15.20 -20.18
CA TYR A 66 -28.78 15.41 -21.60
C TYR A 66 -28.21 16.79 -21.88
N TRP A 67 -28.57 17.78 -21.06
CA TRP A 67 -27.99 19.10 -21.19
C TRP A 67 -26.50 19.08 -20.86
N ASP A 68 -26.13 18.45 -19.75
CA ASP A 68 -24.71 18.37 -19.40
C ASP A 68 -23.93 17.51 -20.38
N LEU A 69 -24.57 16.53 -21.00
CA LEU A 69 -23.90 15.74 -22.04
C LEU A 69 -23.59 16.61 -23.25
N THR A 70 -24.56 17.42 -23.70
CA THR A 70 -24.28 18.34 -24.80
C THR A 70 -23.26 19.39 -24.41
N MET A 71 -23.24 19.80 -23.14
CA MET A 71 -22.24 20.77 -22.73
C MET A 71 -20.84 20.16 -22.68
N LEU A 72 -20.72 18.89 -22.30
CA LEU A 72 -19.40 18.26 -22.33
C LEU A 72 -18.91 18.09 -23.76
N LEU A 73 -19.80 17.66 -24.66
CA LEU A 73 -19.43 17.54 -26.06
C LEU A 73 -19.18 18.88 -26.72
N LEU A 74 -19.66 19.97 -26.14
CA LEU A 74 -19.30 21.28 -26.67
C LEU A 74 -18.02 21.81 -26.04
N MET A 75 -17.79 21.57 -24.75
CA MET A 75 -16.63 22.10 -24.06
C MET A 75 -15.35 21.45 -24.52
N VAL A 76 -15.38 20.14 -24.82
CA VAL A 76 -14.17 19.47 -25.29
C VAL A 76 -13.76 20.04 -26.64
N GLY A 77 -14.74 20.25 -27.52
CA GLY A 77 -14.46 20.88 -28.79
C GLY A 77 -13.99 22.31 -28.67
N ASN A 78 -14.55 23.06 -27.72
CA ASN A 78 -14.10 24.44 -27.53
C ASN A 78 -12.69 24.50 -26.98
N LEU A 79 -12.37 23.70 -25.97
CA LEU A 79 -11.04 23.74 -25.38
C LEU A 79 -9.98 23.19 -26.32
N ILE A 80 -10.35 22.38 -27.30
CA ILE A 80 -9.37 21.96 -28.30
C ILE A 80 -9.24 22.99 -29.42
N ILE A 81 -10.35 23.50 -29.95
CA ILE A 81 -10.30 24.32 -31.15
C ILE A 81 -9.84 25.75 -30.84
N ILE A 82 -10.28 26.31 -29.70
CA ILE A 82 -10.08 27.74 -29.45
C ILE A 82 -8.63 28.18 -29.32
N PRO A 83 -7.75 27.48 -28.57
CA PRO A 83 -6.35 27.92 -28.58
C PRO A 83 -5.63 27.76 -29.91
N VAL A 84 -6.00 26.76 -30.72
CA VAL A 84 -5.38 26.61 -32.02
C VAL A 84 -5.86 27.71 -32.96
N GLY A 85 -7.12 28.12 -32.83
CA GLY A 85 -7.62 29.21 -33.63
C GLY A 85 -7.04 30.55 -33.22
N ILE A 86 -6.72 30.72 -31.94
CA ILE A 86 -6.16 31.98 -31.49
C ILE A 86 -4.70 32.11 -31.84
N THR A 87 -3.90 31.09 -31.51
CA THR A 87 -2.46 31.29 -31.58
C THR A 87 -1.90 31.13 -33.00
N PHE A 88 -2.36 30.15 -33.76
CA PHE A 88 -1.67 29.84 -35.00
C PHE A 88 -2.18 30.61 -36.21
N PHE A 89 -3.39 31.17 -36.16
CA PHE A 89 -3.95 31.87 -37.30
C PHE A 89 -3.88 33.38 -37.08
N LYS A 90 -3.72 34.11 -38.18
CA LYS A 90 -3.46 35.54 -38.08
C LYS A 90 -4.75 36.35 -38.07
N ASP A 91 -5.58 36.18 -39.10
CA ASP A 91 -6.87 36.85 -39.18
C ASP A 91 -7.90 35.95 -38.53
N GLU A 92 -8.22 36.23 -37.26
CA GLU A 92 -9.20 35.48 -36.51
C GLU A 92 -10.58 36.11 -36.57
N ASN A 93 -10.91 36.76 -37.68
CA ASN A 93 -12.22 37.39 -37.85
C ASN A 93 -12.91 36.87 -39.10
N THR A 94 -12.59 35.66 -39.53
CA THR A 94 -13.30 35.04 -40.63
C THR A 94 -14.71 34.65 -40.18
N THR A 95 -15.57 34.40 -41.16
CA THR A 95 -16.99 34.21 -40.86
C THR A 95 -17.31 32.93 -40.09
N PRO A 96 -16.82 31.72 -40.45
CA PRO A 96 -17.20 30.55 -39.65
C PRO A 96 -16.60 30.54 -38.25
N TRP A 97 -15.47 31.20 -38.04
CA TRP A 97 -14.91 31.31 -36.70
C TRP A 97 -15.79 32.17 -35.81
N ILE A 98 -16.31 33.27 -36.35
CA ILE A 98 -17.22 34.12 -35.57
C ILE A 98 -18.55 33.41 -35.34
N VAL A 99 -19.02 32.64 -36.33
CA VAL A 99 -20.25 31.85 -36.17
C VAL A 99 -20.07 30.82 -35.05
N PHE A 100 -18.93 30.13 -35.05
CA PHE A 100 -18.64 29.12 -34.04
C PHE A 100 -18.56 29.72 -32.64
N ASN A 101 -17.89 30.87 -32.50
CA ASN A 101 -17.79 31.51 -31.20
C ASN A 101 -19.14 32.02 -30.72
N VAL A 102 -19.97 32.56 -31.61
CA VAL A 102 -21.25 33.12 -31.17
C VAL A 102 -22.22 32.01 -30.81
N VAL A 103 -22.21 30.90 -31.56
CA VAL A 103 -23.07 29.76 -31.22
C VAL A 103 -22.65 29.14 -29.89
N SER A 104 -21.33 28.98 -29.68
CA SER A 104 -20.82 28.46 -28.42
C SER A 104 -21.20 29.36 -27.25
N ASP A 105 -20.98 30.67 -27.38
CA ASP A 105 -21.29 31.60 -26.29
C ASP A 105 -22.78 31.72 -26.04
N THR A 106 -23.60 31.49 -27.06
CA THR A 106 -25.03 31.43 -26.85
C THR A 106 -25.41 30.24 -25.99
N PHE A 107 -24.84 29.06 -26.30
CA PHE A 107 -25.08 27.89 -25.45
C PHE A 107 -24.56 28.08 -24.04
N PHE A 108 -23.42 28.76 -23.87
CA PHE A 108 -22.89 28.95 -22.53
C PHE A 108 -23.67 29.99 -21.74
N LEU A 109 -24.25 30.98 -22.41
CA LEU A 109 -25.15 31.89 -21.70
C LEU A 109 -26.43 31.20 -21.29
N ILE A 110 -26.95 30.30 -22.15
CA ILE A 110 -28.12 29.51 -21.78
C ILE A 110 -27.80 28.62 -20.58
N ASP A 111 -26.60 28.06 -20.53
CA ASP A 111 -26.20 27.26 -19.38
C ASP A 111 -26.02 28.10 -18.13
N LEU A 112 -25.54 29.33 -18.28
CA LEU A 112 -25.40 30.21 -17.12
C LEU A 112 -26.76 30.63 -16.58
N VAL A 113 -27.76 30.81 -17.45
CA VAL A 113 -29.11 31.08 -16.97
C VAL A 113 -29.68 29.84 -16.27
N LEU A 114 -29.47 28.66 -16.85
CA LEU A 114 -30.02 27.44 -16.26
C LEU A 114 -29.32 27.04 -14.97
N ASN A 115 -28.13 27.56 -14.69
CA ASN A 115 -27.53 27.33 -13.38
C ASN A 115 -28.26 28.05 -12.26
N PHE A 116 -29.03 29.09 -12.56
CA PHE A 116 -29.86 29.74 -11.56
C PHE A 116 -31.13 28.96 -11.24
N ARG A 117 -31.37 27.83 -11.88
CA ARG A 117 -32.54 27.01 -11.61
C ARG A 117 -32.20 25.57 -11.29
N THR A 118 -30.92 25.22 -11.19
CA THR A 118 -30.51 23.86 -10.89
C THR A 118 -30.30 23.73 -9.39
N GLY A 119 -30.78 22.63 -8.81
CA GLY A 119 -30.49 22.35 -7.43
C GLY A 119 -29.04 22.01 -7.22
N ILE A 120 -28.58 22.17 -5.98
CA ILE A 120 -27.19 21.95 -5.61
C ILE A 120 -27.10 20.75 -4.68
N VAL A 121 -26.36 19.74 -5.09
CA VAL A 121 -26.16 18.54 -4.28
C VAL A 121 -25.02 18.84 -3.30
N VAL A 122 -25.34 18.86 -2.02
CA VAL A 122 -24.34 19.12 -1.00
C VAL A 122 -23.91 17.80 -0.38
N GLU A 123 -22.61 17.59 -0.26
CA GLU A 123 -22.06 16.36 0.29
C GLU A 123 -22.05 16.35 1.81
N ASP A 124 -22.42 17.47 2.45
CA ASP A 124 -22.47 17.54 3.90
C ASP A 124 -23.77 17.03 4.48
N ASN A 125 -24.74 16.70 3.63
CA ASN A 125 -26.01 16.16 4.07
C ASN A 125 -26.60 15.33 2.93
N THR A 126 -27.81 14.83 3.14
CA THR A 126 -28.58 14.19 2.09
C THR A 126 -29.71 15.09 1.60
N GLU A 127 -29.62 16.39 1.86
CA GLU A 127 -30.67 17.34 1.53
C GLU A 127 -30.20 18.19 0.35
N ILE A 128 -30.79 17.93 -0.81
CA ILE A 128 -30.49 18.72 -1.99
C ILE A 128 -31.20 20.06 -1.90
N ILE A 129 -30.44 21.13 -2.08
CA ILE A 129 -31.00 22.48 -1.93
C ILE A 129 -31.87 22.79 -3.15
N LEU A 130 -33.13 23.13 -2.90
CA LEU A 130 -34.05 23.50 -3.96
C LEU A 130 -34.71 24.85 -3.71
N ASP A 131 -34.27 25.59 -2.70
CA ASP A 131 -34.75 26.95 -2.47
C ASP A 131 -34.21 27.86 -3.55
N PRO A 132 -35.06 28.53 -4.33
CA PRO A 132 -34.54 29.35 -5.43
C PRO A 132 -33.75 30.57 -4.99
N GLN A 133 -33.99 31.08 -3.78
CA GLN A 133 -33.14 32.17 -3.29
C GLN A 133 -31.83 31.65 -2.74
N ARG A 134 -31.85 30.48 -2.11
CA ARG A 134 -30.62 29.97 -1.52
C ARG A 134 -29.68 29.41 -2.57
N ILE A 135 -30.21 28.87 -3.68
CA ILE A 135 -29.31 28.46 -4.75
C ILE A 135 -28.69 29.69 -5.43
N LYS A 136 -29.41 30.81 -5.46
CA LYS A 136 -28.84 32.04 -6.00
C LYS A 136 -27.74 32.56 -5.09
N MET A 137 -28.01 32.62 -3.79
CA MET A 137 -27.03 33.12 -2.85
C MET A 137 -25.89 32.14 -2.60
N LYS A 138 -26.01 30.89 -3.04
CA LYS A 138 -24.85 30.01 -3.01
C LYS A 138 -24.05 30.07 -4.30
N TYR A 139 -24.74 30.17 -5.44
CA TYR A 139 -24.03 30.18 -6.71
C TYR A 139 -23.32 31.50 -6.93
N LEU A 140 -23.81 32.60 -6.36
CA LEU A 140 -23.07 33.85 -6.43
C LEU A 140 -21.84 33.79 -5.57
N LYS A 141 -21.92 33.14 -4.41
CA LYS A 141 -20.77 33.09 -3.52
C LYS A 141 -19.80 31.97 -3.85
N SER A 142 -20.14 31.09 -4.79
CA SER A 142 -19.29 29.94 -5.06
C SER A 142 -18.66 29.97 -6.45
N TRP A 143 -19.44 30.03 -7.53
CA TRP A 143 -18.87 29.87 -8.86
C TRP A 143 -19.47 30.78 -9.90
N PHE A 144 -19.92 31.99 -9.55
CA PHE A 144 -20.56 32.82 -10.56
C PHE A 144 -19.56 33.59 -11.40
N MET A 145 -18.46 34.04 -10.79
CA MET A 145 -17.54 34.92 -11.50
C MET A 145 -16.83 34.20 -12.64
N VAL A 146 -16.42 32.95 -12.40
CA VAL A 146 -15.69 32.18 -13.40
C VAL A 146 -16.59 31.87 -14.59
N ASP A 147 -17.83 31.45 -14.33
CA ASP A 147 -18.75 31.13 -15.41
C ASP A 147 -19.20 32.39 -16.13
N PHE A 148 -19.30 33.51 -15.42
CA PHE A 148 -19.70 34.75 -16.07
C PHE A 148 -18.59 35.31 -16.95
N ILE A 149 -17.33 35.12 -16.55
CA ILE A 149 -16.23 35.51 -17.43
C ILE A 149 -16.17 34.60 -18.64
N SER A 150 -16.23 33.29 -18.42
CA SER A 150 -16.09 32.34 -19.50
C SER A 150 -17.30 32.28 -20.42
N SER A 151 -18.42 32.86 -20.04
CA SER A 151 -19.60 32.80 -20.90
C SER A 151 -19.64 33.95 -21.91
N ILE A 152 -19.47 35.18 -21.46
CA ILE A 152 -19.66 36.32 -22.34
C ILE A 152 -18.43 36.52 -23.22
N PRO A 153 -18.60 36.88 -24.48
CA PRO A 153 -17.44 37.13 -25.34
C PRO A 153 -16.82 38.49 -25.05
N VAL A 154 -15.90 38.51 -24.07
CA VAL A 154 -15.26 39.73 -23.61
C VAL A 154 -14.42 40.37 -24.73
N ASP A 155 -13.87 39.54 -25.62
CA ASP A 155 -13.08 40.06 -26.73
C ASP A 155 -13.92 40.86 -27.72
N TYR A 156 -15.11 40.37 -28.06
CA TYR A 156 -15.96 41.10 -28.99
C TYR A 156 -16.54 42.34 -28.33
N ILE A 157 -16.77 42.30 -27.02
CA ILE A 157 -17.18 43.49 -26.29
C ILE A 157 -16.09 44.56 -26.36
N PHE A 158 -14.83 44.15 -26.11
CA PHE A 158 -13.72 45.09 -26.18
C PHE A 158 -13.52 45.63 -27.60
N LEU A 159 -13.73 44.79 -28.60
CA LEU A 159 -13.58 45.22 -29.99
C LEU A 159 -14.67 46.20 -30.40
N ILE A 160 -15.93 45.90 -30.07
CA ILE A 160 -17.05 46.78 -30.41
C ILE A 160 -16.96 48.10 -29.65
N VAL A 161 -16.58 48.05 -28.37
CA VAL A 161 -16.44 49.28 -27.59
C VAL A 161 -15.26 50.11 -28.08
N GLU A 162 -14.16 49.47 -28.49
CA GLU A 162 -13.02 50.22 -28.99
C GLU A 162 -13.33 50.87 -30.34
N THR A 163 -14.07 50.17 -31.21
CA THR A 163 -14.48 50.79 -32.46
C THR A 163 -15.57 51.84 -32.27
N ARG A 164 -16.36 51.73 -31.20
CA ARG A 164 -17.34 52.77 -30.91
C ARG A 164 -16.64 54.03 -30.38
N ILE A 165 -15.55 53.85 -29.64
CA ILE A 165 -14.78 54.99 -29.16
C ILE A 165 -14.06 55.69 -30.31
N ASP A 166 -13.39 54.91 -31.17
CA ASP A 166 -12.68 55.48 -32.31
C ASP A 166 -12.92 54.57 -33.50
N SER A 167 -13.65 55.07 -34.50
CA SER A 167 -13.94 54.28 -35.69
C SER A 167 -12.74 54.15 -36.62
N GLU A 168 -11.76 55.04 -36.50
CA GLU A 168 -10.58 55.06 -37.36
C GLU A 168 -9.32 54.74 -36.56
N VAL A 169 -9.42 53.71 -35.71
CA VAL A 169 -8.36 53.41 -34.74
C VAL A 169 -7.14 52.78 -35.40
N TYR A 170 -7.27 52.31 -36.64
CA TYR A 170 -6.20 51.62 -37.35
C TYR A 170 -5.17 52.56 -37.97
N LYS A 171 -5.12 53.83 -37.56
CA LYS A 171 -4.18 54.77 -38.15
C LYS A 171 -2.75 54.48 -37.69
N THR A 172 -2.51 54.49 -36.39
CA THR A 172 -1.19 54.24 -35.85
C THR A 172 -1.01 52.75 -35.59
N ALA A 173 0.03 52.40 -34.85
CA ALA A 173 0.25 51.02 -34.42
C ALA A 173 -0.49 50.68 -33.14
N ARG A 174 -1.42 51.55 -32.71
CA ARG A 174 -2.22 51.25 -31.52
C ARG A 174 -3.21 50.11 -31.78
N ALA A 175 -3.68 49.99 -33.03
CA ALA A 175 -4.57 48.89 -33.39
C ALA A 175 -3.86 47.55 -33.33
N LEU A 176 -2.55 47.54 -33.54
CA LEU A 176 -1.77 46.32 -33.32
C LEU A 176 -1.84 45.88 -31.87
N ARG A 177 -1.71 46.83 -30.95
CA ARG A 177 -1.87 46.54 -29.53
C ARG A 177 -3.30 46.11 -29.21
N ILE A 178 -4.28 46.68 -29.91
CA ILE A 178 -5.67 46.26 -29.74
C ILE A 178 -5.86 44.81 -30.17
N VAL A 179 -5.20 44.40 -31.25
CA VAL A 179 -5.33 43.01 -31.73
C VAL A 179 -4.63 42.04 -30.79
N ARG A 180 -3.46 42.43 -30.27
CA ARG A 180 -2.78 41.61 -29.26
C ARG A 180 -3.64 41.45 -28.01
N PHE A 181 -4.28 42.54 -27.58
CA PHE A 181 -5.10 42.46 -26.37
C PHE A 181 -6.41 41.73 -26.64
N THR A 182 -6.88 41.73 -27.89
CA THR A 182 -8.02 40.91 -28.26
C THR A 182 -7.68 39.43 -28.19
N LYS A 183 -6.52 39.04 -28.71
CA LYS A 183 -6.10 37.65 -28.60
C LYS A 183 -5.79 37.25 -27.17
N ILE A 184 -5.40 38.18 -26.30
CA ILE A 184 -5.24 37.79 -24.90
C ILE A 184 -6.59 37.61 -24.24
N LEU A 185 -7.54 38.54 -24.46
CA LEU A 185 -8.84 38.45 -23.80
C LEU A 185 -9.67 37.28 -24.32
N SER A 186 -9.41 36.82 -25.55
CA SER A 186 -10.14 35.68 -26.05
C SER A 186 -9.72 34.35 -25.43
N LEU A 187 -8.68 34.35 -24.60
CA LEU A 187 -8.31 33.18 -23.83
C LEU A 187 -9.08 33.09 -22.51
N LEU A 188 -9.99 34.02 -22.25
CA LEU A 188 -10.88 33.87 -21.11
C LEU A 188 -11.94 32.80 -21.35
N ARG A 189 -12.09 32.33 -22.58
CA ARG A 189 -12.92 31.16 -22.85
C ARG A 189 -12.29 29.87 -22.34
N LEU A 190 -11.05 29.89 -21.86
CA LEU A 190 -10.47 28.68 -21.31
C LEU A 190 -10.82 28.48 -19.85
N LEU A 191 -11.63 29.36 -19.27
CA LEU A 191 -12.17 29.13 -17.93
C LEU A 191 -13.40 28.25 -17.95
N ARG A 192 -13.76 27.68 -19.10
CA ARG A 192 -14.82 26.69 -19.18
C ARG A 192 -14.34 25.34 -18.66
N LEU A 193 -13.05 25.22 -18.39
CA LEU A 193 -12.46 24.06 -17.75
C LEU A 193 -13.06 23.83 -16.37
N SER A 194 -13.46 24.91 -15.69
CA SER A 194 -14.09 24.77 -14.38
C SER A 194 -15.43 24.07 -14.50
N ARG A 195 -16.23 24.45 -15.51
CA ARG A 195 -17.50 23.78 -15.70
C ARG A 195 -17.31 22.37 -16.24
N LEU A 196 -16.25 22.14 -17.01
CA LEU A 196 -15.94 20.80 -17.48
C LEU A 196 -15.62 19.87 -16.32
N ILE A 197 -14.76 20.33 -15.40
CA ILE A 197 -14.37 19.54 -14.24
C ILE A 197 -15.57 19.32 -13.31
N ARG A 198 -16.34 20.37 -13.06
CA ARG A 198 -17.50 20.22 -12.18
C ARG A 198 -18.61 19.38 -12.78
N TYR A 199 -18.72 19.29 -14.10
CA TYR A 199 -19.73 18.40 -14.64
C TYR A 199 -19.23 16.96 -14.68
N ILE A 200 -17.94 16.76 -14.97
CA ILE A 200 -17.42 15.40 -15.07
C ILE A 200 -17.38 14.73 -13.71
N HIS A 201 -16.99 15.46 -12.65
CA HIS A 201 -17.05 14.87 -11.31
C HIS A 201 -18.48 14.59 -10.87
N GLN A 202 -19.40 15.49 -11.20
CA GLN A 202 -20.79 15.33 -10.81
C GLN A 202 -21.46 14.15 -11.48
N TRP A 203 -21.10 13.83 -12.71
CA TRP A 203 -21.69 12.65 -13.32
C TRP A 203 -20.86 11.38 -13.11
N GLU A 204 -19.57 11.49 -12.82
CA GLU A 204 -18.82 10.29 -12.50
C GLU A 204 -19.16 9.77 -11.12
N GLU A 205 -19.57 10.65 -10.19
CA GLU A 205 -20.07 10.16 -8.90
C GLU A 205 -21.34 9.35 -9.08
N ILE A 206 -22.22 9.81 -9.96
CA ILE A 206 -23.46 9.12 -10.26
C ILE A 206 -23.18 7.79 -10.95
N PHE A 207 -22.20 7.76 -11.85
CA PHE A 207 -21.89 6.50 -12.51
C PHE A 207 -21.04 5.56 -11.65
N HIS A 208 -20.40 6.05 -10.59
CA HIS A 208 -19.93 5.14 -9.55
C HIS A 208 -21.08 4.52 -8.81
N MET A 209 -22.11 5.31 -8.51
CA MET A 209 -23.28 4.81 -7.79
C MET A 209 -24.05 3.76 -8.59
N THR A 210 -24.18 3.94 -9.90
CA THR A 210 -24.97 2.98 -10.66
C THR A 210 -24.19 1.75 -11.08
N TYR A 211 -23.08 1.92 -11.81
CA TYR A 211 -22.54 0.84 -12.62
C TYR A 211 -21.39 0.08 -11.98
N ASP A 212 -20.79 0.61 -10.91
CA ASP A 212 -19.72 -0.02 -10.14
C ASP A 212 -18.51 -0.33 -11.02
N LEU A 213 -17.90 0.75 -11.50
CA LEU A 213 -16.63 0.67 -12.20
C LEU A 213 -15.51 0.96 -11.21
N ALA A 214 -14.32 0.40 -11.48
CA ALA A 214 -13.20 0.55 -10.57
C ALA A 214 -12.75 2.00 -10.48
N SER A 215 -12.45 2.44 -9.26
CA SER A 215 -12.16 3.85 -9.02
C SER A 215 -10.82 4.26 -9.61
N ALA A 216 -9.84 3.35 -9.59
CA ALA A 216 -8.53 3.68 -10.14
C ALA A 216 -8.59 3.86 -11.65
N VAL A 217 -9.46 3.11 -12.33
CA VAL A 217 -9.62 3.26 -13.77
C VAL A 217 -10.22 4.62 -14.10
N VAL A 218 -11.22 5.04 -13.32
CA VAL A 218 -11.87 6.32 -13.55
C VAL A 218 -10.91 7.47 -13.28
N ARG A 219 -10.14 7.39 -12.21
CA ARG A 219 -9.21 8.46 -11.91
C ARG A 219 -8.06 8.50 -12.90
N ILE A 220 -7.63 7.36 -13.42
CA ILE A 220 -6.54 7.42 -14.37
C ILE A 220 -7.02 7.87 -15.75
N VAL A 221 -8.30 7.63 -16.08
CA VAL A 221 -8.86 8.20 -17.30
C VAL A 221 -8.98 9.72 -17.18
N ASN A 222 -9.40 10.20 -16.01
CA ASN A 222 -9.43 11.64 -15.75
C ASN A 222 -8.04 12.26 -15.86
N LEU A 223 -7.03 11.58 -15.36
CA LEU A 223 -5.68 12.14 -15.40
C LEU A 223 -5.12 12.11 -16.81
N ILE A 224 -5.42 11.08 -17.59
CA ILE A 224 -4.99 11.04 -18.99
C ILE A 224 -5.65 12.15 -19.79
N GLY A 225 -6.92 12.44 -19.48
CA GLY A 225 -7.57 13.56 -20.13
C GLY A 225 -6.93 14.90 -19.78
N MET A 226 -6.62 15.11 -18.51
CA MET A 226 -5.97 16.36 -18.12
C MET A 226 -4.55 16.46 -18.66
N MET A 227 -3.84 15.35 -18.78
CA MET A 227 -2.49 15.39 -19.33
C MET A 227 -2.51 15.74 -20.81
N LEU A 228 -3.46 15.17 -21.57
CA LEU A 228 -3.57 15.54 -22.98
C LEU A 228 -3.98 17.00 -23.13
N LEU A 229 -4.87 17.48 -22.28
CA LEU A 229 -5.33 18.86 -22.42
C LEU A 229 -4.24 19.85 -22.01
N LEU A 230 -3.46 19.54 -20.98
CA LEU A 230 -2.39 20.45 -20.57
C LEU A 230 -1.22 20.41 -21.53
N CYS A 231 -0.94 19.24 -22.13
CA CYS A 231 0.08 19.20 -23.18
C CYS A 231 -0.34 20.02 -24.38
N HIS A 232 -1.62 19.96 -24.73
CA HIS A 232 -2.14 20.74 -25.85
C HIS A 232 -2.08 22.24 -25.57
N TRP A 233 -2.50 22.65 -24.37
CA TRP A 233 -2.45 24.06 -24.02
C TRP A 233 -1.03 24.57 -23.90
N ASP A 234 -0.10 23.75 -23.42
CA ASP A 234 1.27 24.21 -23.31
C ASP A 234 1.92 24.32 -24.68
N GLY A 235 1.56 23.41 -25.60
CA GLY A 235 2.02 23.53 -26.96
C GLY A 235 1.47 24.75 -27.65
N CYS A 236 0.24 25.13 -27.34
CA CYS A 236 -0.28 26.38 -27.89
C CYS A 236 0.39 27.60 -27.26
N LEU A 237 0.71 27.51 -25.97
CA LEU A 237 1.27 28.66 -25.25
C LEU A 237 2.69 28.96 -25.70
N GLN A 238 3.48 27.92 -25.94
CA GLN A 238 4.86 28.14 -26.34
C GLN A 238 5.00 28.60 -27.77
N PHE A 239 3.91 28.63 -28.53
CA PHE A 239 3.91 29.38 -29.77
C PHE A 239 3.23 30.73 -29.63
N LEU A 240 2.28 30.85 -28.69
CA LEU A 240 1.58 32.10 -28.49
C LEU A 240 2.49 33.21 -28.03
N VAL A 241 3.29 32.94 -27.00
CA VAL A 241 4.14 33.97 -26.40
C VAL A 241 5.24 34.44 -27.36
N PRO A 242 5.88 33.60 -28.18
CA PRO A 242 6.69 34.18 -29.27
C PRO A 242 5.86 34.84 -30.36
N MET A 243 4.57 34.55 -30.50
CA MET A 243 3.81 35.19 -31.56
C MET A 243 3.40 36.59 -31.16
N LEU A 244 3.11 36.79 -29.88
CA LEU A 244 2.73 38.12 -29.39
C LEU A 244 3.92 39.05 -29.29
N GLN A 245 5.15 38.54 -29.40
CA GLN A 245 6.33 39.38 -29.43
C GLN A 245 6.83 39.59 -30.85
N ASP A 246 6.00 39.26 -31.86
CA ASP A 246 6.30 39.37 -33.29
C ASP A 246 7.55 38.62 -33.68
N PHE A 247 7.77 37.47 -33.05
CA PHE A 247 8.85 36.50 -33.30
C PHE A 247 10.23 37.15 -33.27
N PRO A 248 10.76 37.49 -32.10
CA PRO A 248 12.11 38.02 -32.04
C PRO A 248 13.14 36.95 -32.40
N ASP A 249 14.35 37.41 -32.68
CA ASP A 249 15.38 36.53 -33.21
C ASP A 249 16.02 35.62 -32.16
N ASP A 250 15.49 35.58 -30.94
CA ASP A 250 15.93 34.63 -29.93
C ASP A 250 14.85 33.64 -29.52
N CYS A 251 13.65 33.73 -30.08
CA CYS A 251 12.66 32.72 -29.76
C CYS A 251 12.97 31.45 -30.53
N TRP A 252 12.32 30.35 -30.12
CA TRP A 252 12.59 29.09 -30.80
C TRP A 252 11.98 29.02 -32.18
N VAL A 253 11.04 29.91 -32.51
CA VAL A 253 10.42 29.86 -33.83
C VAL A 253 11.39 30.40 -34.88
N SER A 254 11.99 31.55 -34.62
CA SER A 254 12.84 32.16 -35.63
C SER A 254 14.21 31.49 -35.71
N ILE A 255 14.65 30.84 -34.62
CA ILE A 255 15.90 30.09 -34.67
C ILE A 255 15.76 28.87 -35.56
N ASN A 256 14.62 28.21 -35.50
CA ASN A 256 14.38 27.04 -36.33
C ASN A 256 13.92 27.40 -37.74
N ASN A 257 13.85 28.70 -38.07
CA ASN A 257 13.50 29.22 -39.40
C ASN A 257 12.12 28.74 -39.84
N MET A 258 11.22 28.60 -38.87
CA MET A 258 9.89 28.06 -39.11
C MET A 258 8.82 29.08 -38.78
N VAL A 259 9.12 30.35 -39.05
CA VAL A 259 8.12 31.40 -38.92
C VAL A 259 7.06 31.27 -40.00
N ASN A 260 7.48 30.99 -41.23
CA ASN A 260 6.60 31.02 -42.38
C ASN A 260 6.21 29.62 -42.85
N ASN A 261 6.28 28.62 -41.99
CA ASN A 261 5.75 27.32 -42.38
C ASN A 261 4.24 27.29 -42.25
N SER A 262 3.64 26.16 -42.61
CA SER A 262 2.22 25.99 -42.43
C SER A 262 1.91 25.84 -40.94
N TRP A 263 0.63 26.04 -40.60
CA TRP A 263 0.24 25.98 -39.20
C TRP A 263 0.28 24.56 -38.66
N GLY A 264 0.19 23.56 -39.54
CA GLY A 264 0.31 22.19 -39.09
C GLY A 264 1.71 21.86 -38.59
N LYS A 265 2.74 22.32 -39.31
CA LYS A 265 4.10 22.06 -38.88
C LYS A 265 4.44 22.83 -37.61
N GLN A 266 3.94 24.06 -37.50
CA GLN A 266 4.13 24.85 -36.29
C GLN A 266 3.46 24.19 -35.10
N TYR A 267 2.23 23.72 -35.26
CA TYR A 267 1.56 23.04 -34.16
C TYR A 267 2.21 21.72 -33.81
N SER A 268 2.70 20.98 -34.81
CA SER A 268 3.36 19.72 -34.54
C SER A 268 4.64 19.91 -33.74
N TYR A 269 5.47 20.89 -34.14
CA TYR A 269 6.73 21.05 -33.43
C TYR A 269 6.52 21.70 -32.07
N ALA A 270 5.50 22.55 -31.93
CA ALA A 270 5.21 23.13 -30.61
C ALA A 270 4.67 22.08 -29.65
N LEU A 271 3.77 21.23 -30.14
CA LEU A 271 3.26 20.14 -29.32
C LEU A 271 4.35 19.15 -28.99
N PHE A 272 5.34 19.02 -29.88
CA PHE A 272 6.51 18.20 -29.59
C PHE A 272 7.35 18.79 -28.48
N LYS A 273 7.52 20.12 -28.45
CA LYS A 273 8.24 20.74 -27.33
C LYS A 273 7.50 20.53 -26.01
N ALA A 274 6.18 20.70 -26.03
CA ALA A 274 5.40 20.52 -24.81
C ALA A 274 5.44 19.09 -24.32
N MET A 275 5.31 18.11 -25.23
CA MET A 275 5.32 16.72 -24.83
C MET A 275 6.72 16.27 -24.45
N SER A 276 7.76 16.90 -25.01
CA SER A 276 9.12 16.58 -24.61
C SER A 276 9.39 17.03 -23.20
N HIS A 277 8.92 18.22 -22.84
CA HIS A 277 9.09 18.66 -21.47
C HIS A 277 8.01 18.11 -20.54
N MET A 278 7.05 17.34 -21.04
CA MET A 278 6.11 16.68 -20.15
C MET A 278 6.55 15.27 -19.77
N LEU A 279 6.86 14.43 -20.75
CA LEU A 279 7.21 13.04 -20.49
C LEU A 279 8.71 12.87 -20.25
N CYS A 280 9.37 13.92 -19.76
CA CYS A 280 10.71 13.87 -19.17
C CYS A 280 11.79 13.52 -20.20
N ILE A 281 11.75 14.16 -21.36
CA ILE A 281 12.72 13.86 -22.40
C ILE A 281 13.61 15.06 -22.69
N GLY A 282 13.00 16.11 -23.23
CA GLY A 282 13.70 17.33 -23.64
C GLY A 282 14.70 17.14 -24.77
N TYR A 283 15.18 18.22 -25.38
CA TYR A 283 14.62 19.57 -25.44
C TYR A 283 13.81 19.73 -26.71
N GLY A 284 13.70 20.96 -27.17
CA GLY A 284 13.33 21.18 -28.57
C GLY A 284 14.53 20.95 -29.48
N ARG A 285 14.85 21.88 -30.38
CA ARG A 285 16.08 21.73 -31.14
C ARG A 285 17.29 21.97 -30.26
N GLN A 286 17.42 23.17 -29.74
CA GLN A 286 18.49 23.51 -28.83
C GLN A 286 17.89 23.92 -27.49
N ALA A 287 18.78 24.32 -26.58
CA ALA A 287 18.37 24.88 -25.31
C ALA A 287 17.68 26.22 -25.53
N PRO A 288 16.79 26.64 -24.63
CA PRO A 288 16.18 27.97 -24.74
C PRO A 288 17.21 29.07 -24.59
N VAL A 289 16.96 30.19 -25.29
CA VAL A 289 17.93 31.28 -25.34
C VAL A 289 17.34 32.56 -24.76
N GLY A 290 16.22 33.02 -25.31
CA GLY A 290 15.63 34.24 -24.82
C GLY A 290 14.95 34.06 -23.49
N MET A 291 14.69 35.19 -22.81
CA MET A 291 14.11 35.12 -21.48
C MET A 291 12.65 34.71 -21.49
N SER A 292 11.98 34.81 -22.62
CA SER A 292 10.65 34.22 -22.72
C SER A 292 10.74 32.71 -22.68
N ASP A 293 11.62 32.14 -23.51
CA ASP A 293 11.65 30.69 -23.67
C ASP A 293 12.17 29.98 -22.43
N VAL A 294 13.06 30.61 -21.68
CA VAL A 294 13.60 29.97 -20.49
C VAL A 294 12.52 29.81 -19.43
N TRP A 295 11.76 30.87 -19.17
CA TRP A 295 10.73 30.76 -18.15
C TRP A 295 9.53 29.95 -18.64
N LEU A 296 9.23 29.98 -19.94
CA LEU A 296 8.17 29.10 -20.43
C LEU A 296 8.59 27.64 -20.39
N THR A 297 9.85 27.35 -20.66
CA THR A 297 10.31 25.97 -20.58
C THR A 297 10.34 25.49 -19.14
N MET A 298 10.69 26.37 -18.19
CA MET A 298 10.62 25.98 -16.79
C MET A 298 9.19 25.76 -16.32
N LEU A 299 8.24 26.56 -16.83
CA LEU A 299 6.84 26.35 -16.52
C LEU A 299 6.34 25.01 -17.08
N SER A 300 6.68 24.71 -18.33
CA SER A 300 6.24 23.45 -18.92
C SER A 300 6.91 22.27 -18.26
N MET A 301 8.14 22.42 -17.80
CA MET A 301 8.82 21.35 -17.08
C MET A 301 8.16 21.08 -15.74
N ILE A 302 7.76 22.14 -15.02
CA ILE A 302 7.09 21.94 -13.73
C ILE A 302 5.74 21.26 -13.92
N VAL A 303 4.96 21.74 -14.89
CA VAL A 303 3.64 21.17 -15.13
C VAL A 303 3.74 19.73 -15.60
N GLY A 304 4.67 19.45 -16.51
CA GLY A 304 4.80 18.11 -17.03
C GLY A 304 5.36 17.12 -16.03
N ALA A 305 6.32 17.56 -15.21
CA ALA A 305 6.87 16.67 -14.19
C ALA A 305 5.84 16.38 -13.12
N THR A 306 5.01 17.37 -12.77
CA THR A 306 3.93 17.13 -11.82
C THR A 306 2.90 16.15 -12.36
N CYS A 307 2.50 16.34 -13.63
CA CYS A 307 1.50 15.45 -14.23
C CYS A 307 2.05 14.04 -14.40
N TYR A 308 3.33 13.90 -14.73
CA TYR A 308 3.88 12.58 -14.90
C TYR A 308 4.11 11.88 -13.56
N ALA A 309 4.42 12.62 -12.51
CA ALA A 309 4.52 12.02 -11.18
C ALA A 309 3.16 11.55 -10.70
N MET A 310 2.11 12.33 -10.97
CA MET A 310 0.77 11.87 -10.63
C MET A 310 0.35 10.69 -11.49
N PHE A 311 0.85 10.59 -12.72
CA PHE A 311 0.54 9.43 -13.54
C PHE A 311 1.20 8.17 -13.00
N ILE A 312 2.44 8.29 -12.51
CA ILE A 312 3.09 7.15 -11.87
C ILE A 312 2.35 6.76 -10.60
N GLY A 313 1.85 7.76 -9.86
CA GLY A 313 1.07 7.45 -8.67
C GLY A 313 -0.22 6.73 -8.95
N HIS A 314 -0.98 7.19 -9.95
CA HIS A 314 -2.22 6.51 -10.30
C HIS A 314 -1.96 5.13 -10.91
N ALA A 315 -0.85 4.97 -11.63
CA ALA A 315 -0.54 3.65 -12.16
C ALA A 315 -0.17 2.68 -11.05
N THR A 316 0.53 3.17 -10.03
CA THR A 316 0.87 2.30 -8.89
C THR A 316 -0.37 1.92 -8.10
N ALA A 317 -1.28 2.88 -7.90
CA ALA A 317 -2.53 2.57 -7.20
C ALA A 317 -3.42 1.64 -8.01
N LEU A 318 -3.33 1.71 -9.35
CA LEU A 318 -4.06 0.75 -10.17
C LEU A 318 -3.46 -0.64 -10.07
N ILE A 319 -2.13 -0.75 -10.10
CA ILE A 319 -1.47 -2.04 -10.10
C ILE A 319 -1.61 -2.74 -8.75
N GLN A 320 -1.63 -1.98 -7.66
CA GLN A 320 -1.79 -2.65 -6.36
C GLN A 320 -3.21 -3.12 -6.08
N SER A 321 -4.17 -2.88 -6.98
CA SER A 321 -5.52 -3.38 -6.80
C SER A 321 -5.87 -4.49 -7.76
N LEU A 322 -4.89 -5.05 -8.48
CA LEU A 322 -5.21 -6.07 -9.47
C LEU A 322 -5.20 -7.47 -8.88
N ASP A 323 -4.27 -7.75 -7.97
CA ASP A 323 -4.15 -9.07 -7.38
C ASP A 323 -4.20 -8.98 -5.87
N SER A 324 -5.22 -8.27 -5.37
CA SER A 324 -5.31 -7.99 -3.94
C SER A 324 -5.56 -9.25 -3.12
N SER A 325 -6.37 -10.18 -3.64
CA SER A 325 -6.65 -11.40 -2.90
C SER A 325 -5.43 -12.30 -2.81
N ARG A 326 -4.68 -12.43 -3.92
CA ARG A 326 -3.49 -13.27 -3.90
C ARG A 326 -2.38 -12.61 -3.10
N ARG A 327 -2.32 -11.28 -3.10
CA ARG A 327 -1.37 -10.56 -2.26
C ARG A 327 -1.69 -10.77 -0.78
N GLN A 328 -2.97 -10.73 -0.42
CA GLN A 328 -3.35 -10.99 0.96
C GLN A 328 -3.08 -12.42 1.37
N TYR A 329 -3.22 -13.36 0.43
CA TYR A 329 -2.83 -14.75 0.69
C TYR A 329 -1.34 -14.85 0.98
N GLN A 330 -0.52 -14.18 0.19
CA GLN A 330 0.91 -14.28 0.41
C GLN A 330 1.35 -13.58 1.69
N GLU A 331 0.67 -12.51 2.09
CA GLU A 331 0.97 -11.89 3.38
C GLU A 331 0.60 -12.84 4.53
N LYS A 332 -0.55 -13.52 4.42
CA LYS A 332 -0.94 -14.49 5.43
C LYS A 332 0.05 -15.64 5.51
N TYR A 333 0.51 -16.12 4.35
CA TYR A 333 1.42 -17.25 4.39
C TYR A 333 2.81 -16.84 4.87
N LYS A 334 3.22 -15.59 4.65
CA LYS A 334 4.46 -15.15 5.26
C LYS A 334 4.35 -15.03 6.76
N GLN A 335 3.16 -14.66 7.27
CA GLN A 335 2.96 -14.70 8.72
C GLN A 335 3.02 -16.13 9.25
N VAL A 336 2.52 -17.09 8.48
CA VAL A 336 2.59 -18.47 8.93
C VAL A 336 4.02 -19.00 8.86
N GLU A 337 4.80 -18.52 7.89
CA GLU A 337 6.23 -18.87 7.84
C GLU A 337 6.96 -18.32 9.05
N GLN A 338 6.60 -17.10 9.49
CA GLN A 338 7.20 -16.58 10.71
C GLN A 338 6.77 -17.37 11.94
N TYR A 339 5.51 -17.81 11.98
CA TYR A 339 5.05 -18.64 13.09
C TYR A 339 5.80 -19.95 13.16
N MET A 340 6.08 -20.56 12.00
CA MET A 340 6.83 -21.80 12.00
C MET A 340 8.30 -21.56 12.35
N SER A 341 8.85 -20.41 11.98
CA SER A 341 10.23 -20.12 12.32
C SER A 341 10.38 -19.77 13.79
N PHE A 342 9.31 -19.27 14.42
CA PHE A 342 9.41 -18.83 15.81
C PHE A 342 9.46 -20.01 16.77
N HIS A 343 8.70 -21.06 16.50
CA HIS A 343 8.69 -22.24 17.34
C HIS A 343 9.66 -23.32 16.86
N LYS A 344 10.41 -23.03 15.79
CA LYS A 344 11.49 -23.88 15.28
C LYS A 344 10.98 -25.27 14.89
N LEU A 345 9.92 -25.29 14.10
CA LEU A 345 9.30 -26.53 13.70
C LEU A 345 10.20 -27.28 12.72
N PRO A 346 10.16 -28.61 12.71
CA PRO A 346 10.97 -29.38 11.76
C PRO A 346 10.46 -29.19 10.35
N PRO A 347 11.30 -29.42 9.33
CA PRO A 347 10.88 -29.11 7.95
C PRO A 347 9.79 -30.01 7.41
N ASP A 348 9.59 -31.19 8.00
CA ASP A 348 8.52 -32.06 7.56
C ASP A 348 7.15 -31.46 7.85
N THR A 349 6.97 -30.94 9.06
CA THR A 349 5.74 -30.23 9.40
C THR A 349 5.58 -28.97 8.59
N ARG A 350 6.67 -28.32 8.21
CA ARG A 350 6.56 -27.12 7.37
C ARG A 350 6.07 -27.48 5.98
N GLN A 351 6.53 -28.62 5.45
CA GLN A 351 6.00 -29.08 4.17
C GLN A 351 4.54 -29.47 4.28
N ARG A 352 4.14 -30.04 5.42
CA ARG A 352 2.73 -30.39 5.65
C ARG A 352 1.86 -29.14 5.69
N ILE A 353 2.29 -28.11 6.41
CA ILE A 353 1.50 -26.88 6.50
C ILE A 353 1.45 -26.16 5.16
N HIS A 354 2.55 -26.21 4.40
CA HIS A 354 2.56 -25.61 3.08
C HIS A 354 1.59 -26.29 2.13
N ASP A 355 1.57 -27.63 2.16
CA ASP A 355 0.61 -28.37 1.34
C ASP A 355 -0.82 -28.11 1.79
N TYR A 356 -1.03 -27.90 3.09
CA TYR A 356 -2.38 -27.61 3.58
C TYR A 356 -2.88 -26.27 3.11
N TYR A 357 -2.02 -25.26 3.11
CA TYR A 357 -2.49 -23.96 2.62
C TYR A 357 -2.55 -23.92 1.10
N GLU A 358 -1.81 -24.78 0.41
CA GLU A 358 -2.00 -24.88 -1.03
C GLU A 358 -3.32 -25.56 -1.35
N HIS A 359 -3.76 -26.51 -0.53
CA HIS A 359 -4.98 -27.25 -0.82
C HIS A 359 -6.18 -26.76 -0.03
N ARG A 360 -6.05 -25.67 0.71
CA ARG A 360 -7.16 -25.11 1.47
C ARG A 360 -7.73 -23.85 0.85
N TYR A 361 -6.88 -22.86 0.60
CA TYR A 361 -7.31 -21.58 0.05
C TYR A 361 -7.09 -21.48 -1.45
N GLN A 362 -6.28 -22.38 -2.02
CA GLN A 362 -5.89 -22.39 -3.43
C GLN A 362 -5.28 -21.06 -3.86
N GLY A 363 -4.32 -20.58 -3.08
CA GLY A 363 -3.52 -19.44 -3.45
C GLY A 363 -4.17 -18.10 -3.25
N LYS A 364 -5.42 -18.03 -2.84
CA LYS A 364 -6.09 -16.75 -2.64
C LYS A 364 -6.90 -16.77 -1.35
N MET A 365 -6.88 -15.64 -0.66
CA MET A 365 -7.44 -15.50 0.67
C MET A 365 -8.93 -15.20 0.60
N PHE A 366 -9.71 -15.92 1.41
CA PHE A 366 -11.11 -15.63 1.63
C PHE A 366 -11.48 -16.13 3.01
N ASP A 367 -12.36 -15.41 3.67
CA ASP A 367 -12.80 -15.76 5.02
C ASP A 367 -14.25 -16.20 4.94
N GLU A 368 -14.50 -17.50 5.15
CA GLU A 368 -15.83 -18.05 4.97
C GLU A 368 -16.80 -17.55 6.03
N GLU A 369 -16.34 -17.43 7.27
CA GLU A 369 -17.22 -17.08 8.37
C GLU A 369 -17.71 -15.64 8.27
N SER A 370 -16.81 -14.71 7.92
CA SER A 370 -17.23 -13.32 7.81
C SER A 370 -18.12 -13.10 6.59
N ILE A 371 -17.86 -13.83 5.50
CA ILE A 371 -18.68 -13.69 4.30
C ILE A 371 -20.07 -14.24 4.53
N LEU A 372 -20.18 -15.40 5.16
CA LEU A 372 -21.51 -15.91 5.50
C LEU A 372 -22.18 -15.10 6.58
N GLY A 373 -21.43 -14.35 7.38
CA GLY A 373 -22.06 -13.44 8.33
C GLY A 373 -22.58 -12.17 7.68
N GLU A 374 -21.89 -11.66 6.67
CA GLU A 374 -22.31 -10.42 6.04
C GLU A 374 -23.53 -10.59 5.15
N LEU A 375 -23.79 -11.79 4.66
CA LEU A 375 -24.92 -12.01 3.78
C LEU A 375 -26.21 -12.00 4.57
N SER A 376 -27.32 -11.90 3.84
CA SER A 376 -28.63 -11.97 4.45
C SER A 376 -29.00 -13.43 4.72
N GLU A 377 -30.22 -13.63 5.18
CA GLU A 377 -30.66 -15.00 5.49
C GLU A 377 -30.98 -15.84 4.26
N PRO A 378 -31.74 -15.37 3.24
CA PRO A 378 -32.00 -16.28 2.12
C PRO A 378 -30.79 -16.60 1.26
N LEU A 379 -29.84 -15.68 1.12
CA LEU A 379 -28.63 -16.01 0.37
C LEU A 379 -27.79 -17.05 1.10
N ARG A 380 -27.73 -16.93 2.43
CA ARG A 380 -27.03 -17.92 3.25
C ARG A 380 -27.69 -19.28 3.11
N GLU A 381 -29.03 -19.32 3.16
CA GLU A 381 -29.74 -20.57 2.99
C GLU A 381 -29.56 -21.14 1.60
N GLU A 382 -29.48 -20.29 0.58
CA GLU A 382 -29.34 -20.77 -0.78
C GLU A 382 -27.96 -21.35 -1.03
N ILE A 383 -26.91 -20.69 -0.53
CA ILE A 383 -25.55 -21.21 -0.66
C ILE A 383 -25.41 -22.52 0.10
N ILE A 384 -25.94 -22.59 1.33
CA ILE A 384 -25.80 -23.80 2.12
C ILE A 384 -26.62 -24.94 1.53
N ASN A 385 -27.79 -24.65 0.94
CA ASN A 385 -28.58 -25.68 0.27
C ASN A 385 -27.85 -26.22 -0.94
N PHE A 386 -27.31 -25.34 -1.80
CA PHE A 386 -26.59 -25.79 -2.98
C PHE A 386 -25.32 -26.56 -2.61
N ASN A 387 -24.68 -26.22 -1.51
CA ASN A 387 -23.49 -26.96 -1.12
C ASN A 387 -23.82 -28.33 -0.55
N CYS A 388 -24.86 -28.43 0.29
CA CYS A 388 -24.94 -29.58 1.16
C CYS A 388 -26.26 -30.35 1.16
N ARG A 389 -27.30 -29.90 0.47
CA ARG A 389 -28.56 -30.64 0.55
C ARG A 389 -28.48 -31.92 -0.26
N LYS A 390 -27.65 -31.95 -1.29
CA LYS A 390 -27.40 -33.19 -2.01
C LYS A 390 -26.62 -34.20 -1.18
N LEU A 391 -25.93 -33.73 -0.14
CA LEU A 391 -25.21 -34.64 0.74
C LEU A 391 -26.07 -35.10 1.91
N VAL A 392 -26.87 -34.22 2.50
CA VAL A 392 -27.69 -34.66 3.63
C VAL A 392 -28.93 -35.41 3.20
N ALA A 393 -29.28 -35.38 1.92
CA ALA A 393 -30.38 -36.21 1.45
C ALA A 393 -29.97 -37.67 1.31
N SER A 394 -28.67 -37.94 1.18
CA SER A 394 -28.20 -39.31 1.03
C SER A 394 -28.15 -40.07 2.35
N MET A 395 -28.35 -39.40 3.47
CA MET A 395 -28.38 -40.12 4.73
C MET A 395 -29.81 -40.49 5.08
N PRO A 396 -30.10 -41.77 5.36
CA PRO A 396 -31.49 -42.18 5.60
C PRO A 396 -32.05 -41.72 6.93
N LEU A 397 -31.21 -41.21 7.83
CA LEU A 397 -31.74 -40.64 9.07
C LEU A 397 -32.45 -39.32 8.81
N PHE A 398 -32.09 -38.63 7.73
CA PHE A 398 -32.56 -37.29 7.46
C PHE A 398 -33.64 -37.23 6.38
N ALA A 399 -33.76 -38.27 5.54
CA ALA A 399 -34.76 -38.25 4.48
C ALA A 399 -36.17 -38.48 5.01
N ASN A 400 -36.31 -39.01 6.21
CA ASN A 400 -37.61 -39.26 6.83
C ASN A 400 -37.90 -38.25 7.93
N ALA A 401 -37.51 -37.00 7.73
CA ALA A 401 -37.63 -35.98 8.75
C ALA A 401 -38.26 -34.73 8.16
N ASP A 402 -38.44 -33.73 9.03
CA ASP A 402 -39.00 -32.45 8.65
C ASP A 402 -38.04 -31.72 7.72
N PRO A 403 -38.50 -31.16 6.60
CA PRO A 403 -37.63 -30.26 5.82
C PRO A 403 -37.20 -29.02 6.59
N ASN A 404 -38.00 -28.57 7.55
CA ASN A 404 -37.55 -27.51 8.44
C ASN A 404 -36.43 -27.99 9.35
N PHE A 405 -36.45 -29.27 9.73
CA PHE A 405 -35.35 -29.83 10.51
C PHE A 405 -34.06 -29.84 9.72
N VAL A 406 -34.13 -30.26 8.46
CA VAL A 406 -32.96 -30.29 7.61
C VAL A 406 -32.45 -28.87 7.36
N THR A 407 -33.36 -27.92 7.13
CA THR A 407 -32.97 -26.55 6.85
C THR A 407 -32.34 -25.89 8.08
N SER A 408 -32.86 -26.18 9.27
CA SER A 408 -32.25 -25.65 10.48
C SER A 408 -30.97 -26.38 10.87
N MET A 409 -30.77 -27.60 10.37
CA MET A 409 -29.57 -28.35 10.72
C MET A 409 -28.41 -28.01 9.80
N LEU A 410 -28.70 -27.67 8.54
CA LEU A 410 -27.65 -27.40 7.55
C LEU A 410 -26.77 -26.21 7.91
N THR A 411 -27.24 -25.31 8.76
CA THR A 411 -26.43 -24.17 9.18
C THR A 411 -25.27 -24.58 10.06
N LYS A 412 -25.30 -25.77 10.66
CA LYS A 412 -24.28 -26.18 11.61
C LYS A 412 -23.15 -26.98 10.97
N LEU A 413 -23.16 -27.16 9.66
CA LEU A 413 -22.06 -27.87 9.02
C LEU A 413 -20.84 -26.97 8.91
N ARG A 414 -19.66 -27.57 9.02
CA ARG A 414 -18.41 -26.84 8.89
C ARG A 414 -17.56 -27.47 7.80
N PHE A 415 -16.94 -26.63 6.99
CA PHE A 415 -16.10 -27.12 5.90
C PHE A 415 -14.71 -27.43 6.43
N GLU A 416 -14.19 -28.62 6.13
CA GLU A 416 -12.89 -29.03 6.62
C GLU A 416 -12.11 -29.71 5.50
N VAL A 417 -10.78 -29.66 5.59
CA VAL A 417 -9.89 -30.18 4.56
C VAL A 417 -8.83 -31.04 5.25
N PHE A 418 -8.61 -32.26 4.74
CA PHE A 418 -7.62 -33.16 5.32
C PHE A 418 -6.64 -33.62 4.26
N GLN A 419 -5.36 -33.64 4.63
CA GLN A 419 -4.29 -34.11 3.77
C GLN A 419 -4.28 -35.64 3.71
N PRO A 420 -3.72 -36.22 2.65
CA PRO A 420 -3.55 -37.68 2.62
C PRO A 420 -2.52 -38.12 3.66
N GLY A 421 -2.88 -39.15 4.41
CA GLY A 421 -2.09 -39.62 5.52
C GLY A 421 -2.64 -39.24 6.87
N ASP A 422 -3.61 -38.33 6.92
CA ASP A 422 -4.14 -37.87 8.19
C ASP A 422 -5.15 -38.86 8.73
N TYR A 423 -5.13 -39.06 10.04
CA TYR A 423 -6.18 -39.82 10.72
C TYR A 423 -7.32 -38.87 11.02
N ILE A 424 -8.37 -38.95 10.21
CA ILE A 424 -9.55 -38.14 10.42
C ILE A 424 -10.26 -38.56 11.70
N ILE A 425 -10.50 -39.86 11.86
CA ILE A 425 -11.04 -40.42 13.08
C ILE A 425 -10.01 -41.39 13.64
N ARG A 426 -9.56 -41.14 14.85
CA ARG A 426 -8.66 -42.03 15.56
C ARG A 426 -9.48 -42.92 16.49
N GLU A 427 -9.23 -44.23 16.41
CA GLU A 427 -10.07 -45.18 17.12
C GLU A 427 -9.76 -45.17 18.61
N GLY A 428 -10.81 -45.14 19.42
CA GLY A 428 -10.68 -45.18 20.86
C GLY A 428 -10.96 -43.87 21.56
N THR A 429 -11.30 -42.82 20.83
CA THR A 429 -11.58 -41.52 21.42
C THR A 429 -13.09 -41.33 21.59
N ILE A 430 -13.47 -40.22 22.19
CA ILE A 430 -14.87 -39.86 22.33
C ILE A 430 -15.36 -39.28 21.00
N GLY A 431 -16.38 -39.91 20.43
CA GLY A 431 -16.94 -39.44 19.18
C GLY A 431 -17.69 -38.13 19.38
N LYS A 432 -17.23 -37.06 18.76
CA LYS A 432 -17.84 -35.75 18.90
C LYS A 432 -18.35 -35.14 17.61
N LYS A 433 -17.95 -35.68 16.46
CA LYS A 433 -18.30 -35.07 15.18
C LYS A 433 -18.76 -36.15 14.21
N MET A 434 -19.57 -35.75 13.24
CA MET A 434 -20.01 -36.60 12.15
C MET A 434 -19.58 -35.95 10.86
N TYR A 435 -19.05 -36.73 9.93
CA TYR A 435 -18.39 -36.22 8.74
C TYR A 435 -19.16 -36.61 7.50
N PHE A 436 -19.35 -35.64 6.60
CA PHE A 436 -19.94 -35.88 5.29
C PHE A 436 -18.88 -35.64 4.24
N ILE A 437 -18.86 -36.46 3.20
CA ILE A 437 -17.79 -36.39 2.22
C ILE A 437 -18.25 -35.58 1.02
N GLN A 438 -17.53 -34.52 0.72
CA GLN A 438 -17.75 -33.78 -0.53
C GLN A 438 -16.80 -34.26 -1.61
N HIS A 439 -15.50 -34.15 -1.37
CA HIS A 439 -14.50 -34.61 -2.33
C HIS A 439 -13.44 -35.44 -1.62
N GLY A 440 -12.94 -36.44 -2.31
CA GLY A 440 -11.84 -37.24 -1.81
C GLY A 440 -12.28 -38.67 -1.47
N VAL A 441 -11.27 -39.50 -1.26
CA VAL A 441 -11.46 -40.91 -0.93
C VAL A 441 -10.79 -41.18 0.41
N VAL A 442 -11.55 -41.74 1.35
CA VAL A 442 -11.02 -42.09 2.65
C VAL A 442 -11.03 -43.61 2.80
N SER A 443 -10.24 -44.09 3.75
CA SER A 443 -10.15 -45.51 4.07
C SER A 443 -10.61 -45.73 5.49
N VAL A 444 -11.59 -46.60 5.66
CA VAL A 444 -12.06 -47.01 6.98
C VAL A 444 -11.36 -48.31 7.34
N LEU A 445 -10.54 -48.26 8.38
CA LEU A 445 -9.86 -49.41 8.93
C LEU A 445 -10.64 -49.89 10.15
N THR A 446 -10.96 -51.18 10.17
CA THR A 446 -11.59 -51.75 11.35
C THR A 446 -10.83 -53.00 11.76
N LYS A 447 -11.26 -53.60 12.86
CA LYS A 447 -10.62 -54.82 13.34
C LYS A 447 -10.96 -56.00 12.44
N GLY A 448 -10.05 -56.97 12.42
CA GLY A 448 -10.11 -58.01 11.43
C GLY A 448 -9.38 -57.68 10.15
N ASN A 449 -8.59 -56.59 10.15
CA ASN A 449 -7.78 -56.13 9.00
C ASN A 449 -8.64 -55.88 7.76
N LYS A 450 -9.74 -55.16 7.97
CA LYS A 450 -10.66 -54.83 6.89
C LYS A 450 -10.59 -53.34 6.61
N GLU A 451 -10.36 -53.00 5.34
CA GLU A 451 -10.14 -51.63 4.89
C GLU A 451 -11.10 -51.33 3.76
N THR A 452 -12.14 -50.55 4.06
CA THR A 452 -13.08 -50.16 3.02
C THR A 452 -12.75 -48.76 2.52
N LYS A 453 -13.21 -48.47 1.30
CA LYS A 453 -12.99 -47.18 0.67
C LYS A 453 -14.31 -46.44 0.57
N LEU A 454 -14.32 -45.18 1.00
CA LEU A 454 -15.46 -44.32 0.83
C LEU A 454 -15.07 -43.13 -0.04
N ALA A 455 -16.06 -42.60 -0.74
CA ALA A 455 -15.82 -41.63 -1.81
C ALA A 455 -16.90 -40.56 -1.70
N ASP A 456 -17.08 -39.80 -2.78
CA ASP A 456 -17.92 -38.61 -2.75
C ASP A 456 -19.39 -38.98 -2.58
N GLY A 457 -20.09 -38.24 -1.74
CA GLY A 457 -21.47 -38.51 -1.44
C GLY A 457 -21.69 -39.49 -0.31
N SER A 458 -20.63 -40.08 0.23
CA SER A 458 -20.75 -41.00 1.34
C SER A 458 -20.60 -40.25 2.65
N TYR A 459 -20.62 -40.99 3.76
CA TYR A 459 -20.58 -40.38 5.08
C TYR A 459 -20.09 -41.41 6.07
N PHE A 460 -19.63 -40.93 7.23
CA PHE A 460 -19.08 -41.82 8.24
C PHE A 460 -19.08 -41.11 9.59
N GLY A 461 -19.16 -41.91 10.65
CA GLY A 461 -19.11 -41.41 12.01
C GLY A 461 -20.46 -40.97 12.53
N GLU A 462 -21.50 -41.74 12.20
CA GLU A 462 -22.86 -41.36 12.57
C GLU A 462 -23.37 -42.09 13.80
N ILE A 463 -22.71 -43.17 14.22
CA ILE A 463 -23.13 -43.92 15.40
C ILE A 463 -22.88 -43.10 16.66
N CYS A 464 -21.76 -42.38 16.70
CA CYS A 464 -21.42 -41.55 17.84
C CYS A 464 -22.34 -40.34 17.95
N LEU A 465 -23.04 -39.97 16.89
CA LEU A 465 -24.01 -38.89 16.98
C LEU A 465 -25.24 -39.34 17.78
N LEU A 466 -25.71 -40.55 17.51
CA LEU A 466 -26.92 -41.03 18.17
C LEU A 466 -26.62 -41.53 19.58
N THR A 467 -25.57 -42.33 19.74
CA THR A 467 -25.34 -43.02 21.01
C THR A 467 -24.46 -42.24 21.98
N ARG A 468 -23.58 -41.37 21.46
CA ARG A 468 -22.58 -40.63 22.24
C ARG A 468 -21.68 -41.58 23.03
N GLY A 469 -21.06 -42.51 22.31
CA GLY A 469 -20.14 -43.46 22.91
C GLY A 469 -18.70 -43.19 22.54
N ARG A 470 -17.96 -44.21 22.13
CA ARG A 470 -16.57 -44.09 21.76
C ARG A 470 -16.36 -44.61 20.35
N ARG A 471 -15.16 -44.39 19.83
CA ARG A 471 -14.85 -44.76 18.46
C ARG A 471 -14.54 -46.25 18.35
N THR A 472 -15.00 -46.85 17.25
CA THR A 472 -14.82 -48.26 16.99
C THR A 472 -14.02 -48.57 15.75
N ALA A 473 -13.75 -47.58 14.89
CA ALA A 473 -12.98 -47.81 13.68
C ALA A 473 -12.24 -46.55 13.31
N SER A 474 -11.07 -46.71 12.72
CA SER A 474 -10.26 -45.58 12.31
C SER A 474 -10.58 -45.18 10.88
N VAL A 475 -10.42 -43.89 10.58
CA VAL A 475 -10.62 -43.37 9.23
C VAL A 475 -9.39 -42.55 8.87
N ARG A 476 -8.72 -42.94 7.79
CA ARG A 476 -7.53 -42.24 7.32
C ARG A 476 -7.81 -41.66 5.94
N ALA A 477 -7.37 -40.42 5.72
CA ALA A 477 -7.56 -39.78 4.43
C ALA A 477 -6.49 -40.24 3.46
N ASP A 478 -6.91 -40.55 2.23
CA ASP A 478 -6.00 -41.00 1.19
C ASP A 478 -5.73 -39.95 0.13
N THR A 479 -6.57 -38.94 0.03
CA THR A 479 -6.39 -37.81 -0.86
C THR A 479 -6.66 -36.53 -0.09
N TYR A 480 -6.54 -35.39 -0.77
CA TYR A 480 -6.89 -34.12 -0.16
C TYR A 480 -8.41 -34.04 -0.08
N CYS A 481 -8.95 -34.48 1.05
CA CYS A 481 -10.39 -34.64 1.21
C CYS A 481 -11.02 -33.33 1.66
N ARG A 482 -12.06 -32.92 0.95
CA ARG A 482 -12.95 -31.84 1.38
C ARG A 482 -14.17 -32.48 2.02
N LEU A 483 -14.41 -32.17 3.28
CA LEU A 483 -15.46 -32.80 4.06
C LEU A 483 -16.33 -31.73 4.70
N TYR A 484 -17.56 -32.11 5.03
CA TYR A 484 -18.43 -31.29 5.86
C TYR A 484 -18.64 -32.01 7.17
N SER A 485 -18.56 -31.27 8.27
CA SER A 485 -18.61 -31.83 9.61
C SER A 485 -19.83 -31.32 10.34
N LEU A 486 -20.34 -32.15 11.24
CA LEU A 486 -21.49 -31.81 12.08
C LEU A 486 -21.20 -32.30 13.48
N SER A 487 -21.11 -31.37 14.42
CA SER A 487 -20.79 -31.75 15.79
C SER A 487 -22.01 -32.33 16.49
N VAL A 488 -21.75 -33.01 17.61
CA VAL A 488 -22.83 -33.55 18.41
C VAL A 488 -23.57 -32.44 19.14
N ASP A 489 -22.84 -31.45 19.65
CA ASP A 489 -23.45 -30.37 20.43
C ASP A 489 -24.32 -29.49 19.56
N ASN A 490 -23.88 -29.21 18.33
CA ASN A 490 -24.72 -28.47 17.40
C ASN A 490 -25.94 -29.28 17.01
N PHE A 491 -25.82 -30.60 16.93
CA PHE A 491 -26.96 -31.45 16.62
C PHE A 491 -27.96 -31.45 17.77
N ASN A 492 -27.47 -31.39 19.00
CA ASN A 492 -28.36 -31.26 20.16
C ASN A 492 -29.06 -29.90 20.15
N GLU A 493 -28.34 -28.85 19.76
CA GLU A 493 -28.97 -27.53 19.65
C GLU A 493 -30.04 -27.51 18.57
N VAL A 494 -29.84 -28.28 17.50
CA VAL A 494 -30.88 -28.38 16.46
C VAL A 494 -32.06 -29.18 17.00
N LEU A 495 -31.80 -30.22 17.80
CA LEU A 495 -32.89 -30.99 18.38
C LEU A 495 -33.64 -30.24 19.48
N GLU A 496 -33.06 -29.18 20.05
CA GLU A 496 -33.78 -28.42 21.07
C GLU A 496 -35.03 -27.78 20.53
N GLU A 497 -34.98 -27.26 19.30
CA GLU A 497 -36.14 -26.58 18.75
C GLU A 497 -37.14 -27.52 18.10
N TYR A 498 -36.71 -28.74 17.75
CA TYR A 498 -37.55 -29.70 17.04
C TYR A 498 -37.63 -30.98 17.87
N PRO A 499 -38.49 -30.99 18.91
CA PRO A 499 -38.51 -32.15 19.81
C PRO A 499 -39.18 -33.38 19.21
N MET A 500 -40.01 -33.21 18.19
CA MET A 500 -40.69 -34.35 17.58
C MET A 500 -39.70 -35.25 16.85
N MET A 501 -38.78 -34.66 16.09
CA MET A 501 -37.75 -35.47 15.44
C MET A 501 -36.78 -36.06 16.45
N ARG A 502 -36.60 -35.40 17.60
CA ARG A 502 -35.78 -35.98 18.65
C ARG A 502 -36.44 -37.22 19.24
N ARG A 503 -37.75 -37.17 19.48
CA ARG A 503 -38.46 -38.35 19.94
C ARG A 503 -38.49 -39.44 18.88
N ALA A 504 -38.56 -39.05 17.60
CA ALA A 504 -38.50 -40.02 16.52
C ALA A 504 -37.14 -40.71 16.45
N PHE A 505 -36.07 -39.95 16.69
CA PHE A 505 -34.74 -40.54 16.73
C PHE A 505 -34.56 -41.43 17.95
N GLU A 506 -35.21 -41.09 19.06
CA GLU A 506 -35.21 -41.95 20.23
C GLU A 506 -35.93 -43.27 19.97
N THR A 507 -37.03 -43.22 19.23
CA THR A 507 -37.77 -44.45 18.94
C THR A 507 -37.05 -45.31 17.91
N VAL A 508 -36.52 -44.71 16.85
CA VAL A 508 -35.82 -45.50 15.83
C VAL A 508 -34.48 -45.99 16.36
N ALA A 509 -33.88 -45.26 17.31
CA ALA A 509 -32.65 -45.71 17.94
C ALA A 509 -32.85 -46.94 18.82
N LEU A 510 -34.09 -47.19 19.24
CA LEU A 510 -34.40 -48.38 20.03
C LEU A 510 -34.38 -49.63 19.16
N MET B 16 -2.59 -46.34 -33.62
CA MET B 16 -3.03 -46.04 -32.26
C MET B 16 -4.20 -45.06 -32.27
N GLN B 17 -5.41 -45.59 -32.50
CA GLN B 17 -6.61 -44.76 -32.50
C GLN B 17 -7.09 -44.44 -31.10
N ARG B 18 -6.56 -45.12 -30.09
CA ARG B 18 -6.93 -44.84 -28.71
C ARG B 18 -6.00 -43.82 -28.06
N GLN B 19 -4.74 -43.76 -28.46
CA GLN B 19 -3.80 -42.82 -27.85
C GLN B 19 -4.13 -41.38 -28.22
N PHE B 20 -4.59 -41.16 -29.45
CA PHE B 20 -4.99 -39.82 -29.87
C PHE B 20 -6.23 -39.37 -29.13
N GLY B 21 -7.16 -40.29 -28.85
CA GLY B 21 -8.30 -39.94 -28.03
C GLY B 21 -7.96 -39.76 -26.57
N ALA B 22 -6.87 -40.41 -26.11
CA ALA B 22 -6.46 -40.26 -24.73
C ALA B 22 -5.76 -38.93 -24.50
N MET B 23 -4.96 -38.48 -25.47
CA MET B 23 -4.17 -37.26 -25.26
C MET B 23 -5.04 -35.99 -25.30
N LEU B 24 -6.18 -36.04 -25.97
CA LEU B 24 -7.03 -34.87 -26.01
C LEU B 24 -7.83 -34.67 -24.73
N GLN B 25 -7.97 -35.67 -23.95
CA GLN B 25 -8.71 -35.61 -22.71
C GLN B 25 -7.81 -35.16 -21.57
N PRO B 26 -8.34 -34.43 -20.58
CA PRO B 26 -7.49 -33.94 -19.49
C PRO B 26 -7.01 -35.05 -18.57
N GLY B 27 -5.71 -35.33 -18.62
CA GLY B 27 -5.16 -36.38 -17.80
C GLY B 27 -5.12 -36.02 -16.33
N VAL B 28 -5.03 -37.05 -15.50
CA VAL B 28 -4.98 -36.86 -14.06
C VAL B 28 -3.55 -36.45 -13.70
N ASN B 29 -3.40 -35.19 -13.29
CA ASN B 29 -2.12 -34.70 -12.79
C ASN B 29 -2.36 -33.87 -11.55
N LYS B 30 -1.35 -33.10 -11.13
CA LYS B 30 -1.51 -32.20 -10.00
C LYS B 30 -2.54 -31.12 -10.31
N PHE B 31 -2.53 -30.63 -11.55
CA PHE B 31 -3.41 -29.54 -11.93
C PHE B 31 -4.87 -29.96 -11.99
N SER B 32 -5.16 -31.11 -12.60
CA SER B 32 -6.55 -31.55 -12.72
C SER B 32 -7.10 -31.95 -11.36
N LEU B 33 -6.28 -32.57 -10.52
CA LEU B 33 -6.72 -32.91 -9.17
C LEU B 33 -6.92 -31.68 -8.32
N ARG B 34 -6.18 -30.60 -8.58
CA ARG B 34 -6.42 -29.39 -7.80
C ARG B 34 -7.62 -28.61 -8.32
N MET B 35 -7.85 -28.61 -9.64
CA MET B 35 -9.01 -27.90 -10.18
C MET B 35 -10.30 -28.65 -9.89
N PHE B 36 -10.44 -29.87 -10.41
CA PHE B 36 -11.69 -30.59 -10.29
C PHE B 36 -11.90 -31.18 -8.91
N GLY B 37 -10.89 -31.18 -8.06
CA GLY B 37 -11.03 -31.65 -6.71
C GLY B 37 -10.66 -33.11 -6.52
N SER B 38 -11.41 -34.01 -7.15
CA SER B 38 -11.21 -35.44 -6.96
C SER B 38 -10.89 -36.09 -8.29
N GLN B 39 -10.36 -37.30 -8.20
CA GLN B 39 -10.07 -38.09 -9.39
C GLN B 39 -11.35 -38.54 -10.08
N LYS B 40 -12.43 -38.71 -9.31
CA LYS B 40 -13.72 -39.05 -9.86
C LYS B 40 -14.29 -37.90 -10.70
N ALA B 41 -14.04 -36.66 -10.27
CA ALA B 41 -14.48 -35.51 -11.06
C ALA B 41 -13.69 -35.39 -12.35
N VAL B 42 -12.42 -35.77 -12.33
CA VAL B 42 -11.61 -35.74 -13.55
C VAL B 42 -12.07 -36.84 -14.51
N GLU B 43 -12.48 -37.99 -13.97
CA GLU B 43 -13.03 -39.02 -14.85
C GLU B 43 -14.38 -38.60 -15.42
N ARG B 44 -15.17 -37.84 -14.65
CA ARG B 44 -16.41 -37.30 -15.18
C ARG B 44 -16.15 -36.27 -16.26
N GLU B 45 -15.08 -35.49 -16.12
CA GLU B 45 -14.71 -34.54 -17.15
C GLU B 45 -14.22 -35.27 -18.40
N GLN B 46 -13.51 -36.38 -18.23
CA GLN B 46 -13.09 -37.19 -19.37
C GLN B 46 -14.30 -37.78 -20.09
N GLU B 47 -15.32 -38.19 -19.35
CA GLU B 47 -16.53 -38.68 -19.98
C GLU B 47 -17.31 -37.56 -20.66
N ARG B 48 -17.21 -36.33 -20.15
CA ARG B 48 -17.89 -35.23 -20.82
C ARG B 48 -17.15 -34.82 -22.08
N VAL B 49 -15.83 -35.00 -22.12
CA VAL B 49 -15.08 -34.80 -23.36
C VAL B 49 -15.42 -35.91 -24.36
N LYS B 50 -15.58 -37.15 -23.87
CA LYS B 50 -15.89 -38.27 -24.75
C LYS B 50 -17.25 -38.13 -25.39
N SER B 51 -18.24 -37.62 -24.65
CA SER B 51 -19.59 -37.47 -25.17
C SER B 51 -19.84 -36.10 -25.79
N ALA B 52 -18.80 -35.44 -26.30
CA ALA B 52 -18.97 -34.12 -26.90
C ALA B 52 -19.17 -34.22 -28.41
N GLY B 53 -18.30 -34.96 -29.10
CA GLY B 53 -18.44 -35.10 -30.54
C GLY B 53 -17.15 -35.60 -31.16
N PHE B 54 -16.96 -35.23 -32.43
CA PHE B 54 -15.83 -35.71 -33.22
C PHE B 54 -14.59 -34.95 -32.79
N TRP B 55 -13.79 -35.57 -31.91
CA TRP B 55 -12.42 -35.15 -31.59
C TRP B 55 -12.36 -33.75 -31.00
N ILE B 56 -12.98 -33.57 -29.85
CA ILE B 56 -13.01 -32.29 -29.16
C ILE B 56 -11.82 -32.21 -28.21
N ILE B 57 -11.07 -31.12 -28.30
CA ILE B 57 -9.83 -30.96 -27.56
C ILE B 57 -10.11 -30.24 -26.25
N HIS B 58 -9.70 -30.84 -25.14
CA HIS B 58 -9.95 -30.13 -23.89
C HIS B 58 -8.77 -29.25 -23.56
N PRO B 59 -9.01 -28.00 -23.13
CA PRO B 59 -7.90 -27.05 -22.98
C PRO B 59 -7.01 -27.30 -21.78
N TYR B 60 -7.27 -28.32 -20.97
CA TYR B 60 -6.37 -28.68 -19.88
C TYR B 60 -5.59 -29.94 -20.18
N SER B 61 -5.61 -30.41 -21.42
CA SER B 61 -5.02 -31.69 -21.77
C SER B 61 -3.52 -31.58 -21.91
N ASP B 62 -2.90 -32.65 -22.39
CA ASP B 62 -1.46 -32.62 -22.64
C ASP B 62 -1.16 -32.16 -24.07
N PHE B 63 -2.01 -32.53 -25.03
CA PHE B 63 -1.80 -32.13 -26.41
C PHE B 63 -1.94 -30.64 -26.58
N ARG B 64 -2.93 -30.04 -25.92
CA ARG B 64 -3.09 -28.59 -25.97
C ARG B 64 -1.90 -27.88 -25.33
N PHE B 65 -1.32 -28.49 -24.30
CA PHE B 65 -0.13 -27.92 -23.66
C PHE B 65 1.07 -27.94 -24.59
N TYR B 66 1.39 -29.09 -25.16
CA TYR B 66 2.57 -29.14 -26.03
C TYR B 66 2.36 -28.38 -27.32
N TRP B 67 1.12 -28.32 -27.80
CA TRP B 67 0.82 -27.53 -28.98
C TRP B 67 1.00 -26.04 -28.70
N ASP B 68 0.47 -25.56 -27.57
CA ASP B 68 0.63 -24.15 -27.24
C ASP B 68 2.07 -23.81 -26.91
N LEU B 69 2.85 -24.78 -26.40
CA LEU B 69 4.27 -24.54 -26.18
C LEU B 69 5.01 -24.35 -27.49
N THR B 70 4.72 -25.20 -28.49
CA THR B 70 5.32 -25.01 -29.80
C THR B 70 4.84 -23.72 -30.46
N MET B 71 3.58 -23.32 -30.19
CA MET B 71 3.11 -22.07 -30.77
C MET B 71 3.77 -20.87 -30.12
N LEU B 72 4.05 -20.92 -28.81
CA LEU B 72 4.76 -19.81 -28.18
C LEU B 72 6.19 -19.72 -28.70
N LEU B 73 6.87 -20.86 -28.82
CA LEU B 73 8.21 -20.85 -29.38
C LEU B 73 8.24 -20.49 -30.85
N LEU B 74 7.12 -20.59 -31.56
CA LEU B 74 7.09 -20.08 -32.93
C LEU B 74 6.72 -18.61 -32.99
N MET B 75 5.81 -18.15 -32.13
CA MET B 75 5.35 -16.77 -32.18
C MET B 75 6.42 -15.80 -31.73
N VAL B 76 7.23 -16.17 -30.74
CA VAL B 76 8.30 -15.28 -30.30
C VAL B 76 9.31 -15.08 -31.42
N GLY B 77 9.65 -16.17 -32.11
CA GLY B 77 10.53 -16.07 -33.26
C GLY B 77 9.93 -15.29 -34.41
N ASN B 78 8.62 -15.44 -34.64
CA ASN B 78 7.99 -14.69 -35.71
C ASN B 78 7.93 -13.20 -35.40
N LEU B 79 7.52 -12.84 -34.19
CA LEU B 79 7.42 -11.42 -33.84
C LEU B 79 8.78 -10.75 -33.73
N ILE B 80 9.86 -11.50 -33.53
CA ILE B 80 11.17 -10.88 -33.59
C ILE B 80 11.70 -10.81 -35.02
N ILE B 81 11.59 -11.89 -35.81
CA ILE B 81 12.24 -11.95 -37.11
C ILE B 81 11.48 -11.14 -38.16
N ILE B 82 10.14 -11.17 -38.13
CA ILE B 82 9.35 -10.64 -39.24
C ILE B 82 9.48 -9.13 -39.45
N PRO B 83 9.43 -8.26 -38.41
CA PRO B 83 9.67 -6.83 -38.70
C PRO B 83 11.08 -6.51 -39.15
N VAL B 84 12.09 -7.24 -38.70
CA VAL B 84 13.44 -6.99 -39.17
C VAL B 84 13.60 -7.44 -40.61
N GLY B 85 12.92 -8.51 -40.99
CA GLY B 85 12.97 -8.94 -42.38
C GLY B 85 12.20 -8.02 -43.30
N ILE B 86 11.14 -7.39 -42.79
CA ILE B 86 10.36 -6.50 -43.64
C ILE B 86 11.05 -5.15 -43.81
N THR B 87 11.47 -4.53 -42.71
CA THR B 87 11.87 -3.14 -42.82
C THR B 87 13.30 -2.98 -43.32
N PHE B 88 14.24 -3.79 -42.88
CA PHE B 88 15.64 -3.49 -43.17
C PHE B 88 16.16 -4.10 -44.45
N PHE B 89 15.50 -5.11 -45.01
CA PHE B 89 15.98 -5.76 -46.21
C PHE B 89 15.14 -5.32 -47.41
N LYS B 90 15.78 -5.28 -48.57
CA LYS B 90 15.14 -4.71 -49.75
C LYS B 90 14.39 -5.77 -50.54
N ASP B 91 15.08 -6.83 -50.96
CA ASP B 91 14.45 -7.93 -51.68
C ASP B 91 13.99 -8.95 -50.65
N GLU B 92 12.70 -8.90 -50.29
CA GLU B 92 12.11 -9.82 -49.34
C GLU B 92 11.45 -11.01 -50.02
N ASN B 93 11.99 -11.44 -51.16
CA ASN B 93 11.47 -12.59 -51.88
C ASN B 93 12.53 -13.65 -52.09
N THR B 94 13.54 -13.69 -51.21
CA THR B 94 14.52 -14.75 -51.27
C THR B 94 13.89 -16.07 -50.82
N THR B 95 14.56 -17.17 -51.13
CA THR B 95 13.97 -18.49 -50.93
C THR B 95 13.79 -18.89 -49.45
N PRO B 96 14.78 -18.75 -48.54
CA PRO B 96 14.51 -19.18 -47.16
C PRO B 96 13.53 -18.28 -46.43
N TRP B 97 13.40 -17.02 -46.82
CA TRP B 97 12.40 -16.15 -46.23
C TRP B 97 10.99 -16.60 -46.59
N ILE B 98 10.79 -17.00 -47.86
CA ILE B 98 9.49 -17.50 -48.29
C ILE B 98 9.21 -18.85 -47.65
N VAL B 99 10.24 -19.69 -47.50
CA VAL B 99 10.08 -20.97 -46.82
C VAL B 99 9.66 -20.77 -45.37
N PHE B 100 10.30 -19.82 -44.68
CA PHE B 100 10.00 -19.53 -43.29
C PHE B 100 8.57 -19.01 -43.13
N ASN B 101 8.15 -18.11 -44.01
CA ASN B 101 6.80 -17.58 -43.93
C ASN B 101 5.75 -18.64 -44.22
N VAL B 102 6.01 -19.51 -45.19
CA VAL B 102 5.01 -20.51 -45.56
C VAL B 102 4.90 -21.59 -44.48
N VAL B 103 6.03 -21.98 -43.88
CA VAL B 103 5.99 -22.95 -42.79
C VAL B 103 5.28 -22.38 -41.57
N SER B 104 5.58 -21.11 -41.23
CA SER B 104 4.90 -20.44 -40.13
C SER B 104 3.39 -20.35 -40.37
N ASP B 105 2.99 -19.89 -41.56
CA ASP B 105 1.57 -19.73 -41.85
C ASP B 105 0.85 -21.07 -41.94
N THR B 106 1.56 -22.13 -42.31
CA THR B 106 0.97 -23.46 -42.26
C THR B 106 0.67 -23.87 -40.82
N PHE B 107 1.62 -23.63 -39.91
CA PHE B 107 1.36 -23.92 -38.49
C PHE B 107 0.24 -23.05 -37.93
N PHE B 108 0.15 -21.79 -38.36
CA PHE B 108 -0.90 -20.94 -37.83
C PHE B 108 -2.27 -21.27 -38.41
N LEU B 109 -2.33 -21.77 -39.64
CA LEU B 109 -3.61 -22.27 -40.15
C LEU B 109 -4.03 -23.55 -39.44
N ILE B 110 -3.06 -24.42 -39.12
CA ILE B 110 -3.38 -25.61 -38.33
C ILE B 110 -3.89 -25.22 -36.95
N ASP B 111 -3.31 -24.18 -36.35
CA ASP B 111 -3.80 -23.71 -35.06
C ASP B 111 -5.18 -23.06 -35.18
N LEU B 112 -5.45 -22.39 -36.29
CA LEU B 112 -6.77 -21.80 -36.48
C LEU B 112 -7.84 -22.88 -36.67
N VAL B 113 -7.49 -23.99 -37.32
CA VAL B 113 -8.42 -25.10 -37.42
C VAL B 113 -8.64 -25.75 -36.05
N LEU B 114 -7.55 -25.93 -35.29
CA LEU B 114 -7.67 -26.57 -33.98
C LEU B 114 -8.36 -25.69 -32.95
N ASN B 115 -8.48 -24.38 -33.18
CA ASN B 115 -9.29 -23.56 -32.30
C ASN B 115 -10.78 -23.84 -32.43
N PHE B 116 -11.23 -24.43 -33.54
CA PHE B 116 -12.61 -24.86 -33.67
C PHE B 116 -12.92 -26.15 -32.93
N ARG B 117 -11.94 -26.76 -32.27
CA ARG B 117 -12.17 -27.97 -31.51
C ARG B 117 -11.68 -27.88 -30.08
N THR B 118 -11.22 -26.71 -29.64
CA THR B 118 -10.75 -26.53 -28.28
C THR B 118 -11.88 -26.01 -27.41
N GLY B 119 -12.03 -26.57 -26.22
CA GLY B 119 -12.98 -26.03 -25.27
C GLY B 119 -12.56 -24.66 -24.77
N ILE B 120 -13.53 -23.92 -24.27
CA ILE B 120 -13.32 -22.55 -23.81
C ILE B 120 -13.55 -22.50 -22.31
N VAL B 121 -12.52 -22.10 -21.56
CA VAL B 121 -12.61 -21.98 -20.12
C VAL B 121 -13.22 -20.61 -19.82
N VAL B 122 -14.40 -20.62 -19.24
CA VAL B 122 -15.08 -19.37 -18.89
C VAL B 122 -14.89 -19.10 -17.40
N GLU B 123 -14.49 -17.87 -17.07
CA GLU B 123 -14.24 -17.48 -15.69
C GLU B 123 -15.51 -17.12 -14.95
N ASP B 124 -16.66 -17.09 -15.63
CA ASP B 124 -17.93 -16.77 -14.99
C ASP B 124 -18.58 -17.99 -14.35
N ASN B 125 -18.02 -19.18 -14.55
CA ASN B 125 -18.54 -20.40 -13.95
C ASN B 125 -17.39 -21.39 -13.84
N THR B 126 -17.71 -22.60 -13.38
CA THR B 126 -16.77 -23.70 -13.39
C THR B 126 -17.09 -24.70 -14.50
N GLU B 127 -17.87 -24.28 -15.50
CA GLU B 127 -18.33 -25.16 -16.57
C GLU B 127 -17.58 -24.82 -17.84
N ILE B 128 -16.66 -25.71 -18.23
CA ILE B 128 -15.92 -25.52 -19.47
C ILE B 128 -16.82 -25.89 -20.64
N ILE B 129 -16.93 -24.99 -21.60
CA ILE B 129 -17.82 -25.21 -22.74
C ILE B 129 -17.20 -26.24 -23.67
N LEU B 130 -17.94 -27.33 -23.93
CA LEU B 130 -17.49 -28.37 -24.85
C LEU B 130 -18.50 -28.66 -25.95
N ASP B 131 -19.54 -27.84 -26.06
CA ASP B 131 -20.51 -27.96 -27.16
C ASP B 131 -19.83 -27.50 -28.45
N PRO B 132 -19.73 -28.35 -29.47
CA PRO B 132 -19.01 -27.95 -30.69
C PRO B 132 -19.69 -26.84 -31.47
N GLN B 133 -21.00 -26.68 -31.34
CA GLN B 133 -21.65 -25.55 -31.99
C GLN B 133 -21.49 -24.28 -31.18
N ARG B 134 -21.49 -24.39 -29.85
CA ARG B 134 -21.40 -23.19 -29.04
C ARG B 134 -19.97 -22.66 -28.98
N ILE B 135 -18.96 -23.52 -29.11
CA ILE B 135 -17.59 -23.01 -29.21
C ILE B 135 -17.39 -22.32 -30.55
N LYS B 136 -18.09 -22.78 -31.60
CA LYS B 136 -18.01 -22.11 -32.89
C LYS B 136 -18.67 -20.74 -32.83
N MET B 137 -19.88 -20.69 -32.26
CA MET B 137 -20.59 -19.43 -32.16
C MET B 137 -20.01 -18.49 -31.11
N LYS B 138 -19.13 -18.97 -30.25
CA LYS B 138 -18.41 -18.05 -29.37
C LYS B 138 -17.11 -17.58 -30.00
N TYR B 139 -16.39 -18.47 -30.69
CA TYR B 139 -15.12 -18.10 -31.27
C TYR B 139 -15.29 -17.18 -32.48
N LEU B 140 -16.42 -17.31 -33.19
CA LEU B 140 -16.69 -16.36 -34.27
C LEU B 140 -17.02 -14.98 -33.70
N LYS B 141 -17.73 -14.93 -32.58
CA LYS B 141 -18.11 -13.64 -32.02
C LYS B 141 -17.03 -13.04 -31.14
N SER B 142 -15.95 -13.76 -30.85
CA SER B 142 -14.95 -13.26 -29.92
C SER B 142 -13.61 -12.97 -30.58
N TRP B 143 -12.97 -13.96 -31.21
CA TRP B 143 -11.60 -13.76 -31.67
C TRP B 143 -11.31 -14.37 -33.03
N PHE B 144 -12.29 -14.47 -33.93
CA PHE B 144 -12.01 -15.14 -35.19
C PHE B 144 -11.34 -14.22 -36.20
N MET B 145 -11.71 -12.94 -36.22
CA MET B 145 -11.22 -12.05 -37.27
C MET B 145 -9.73 -11.78 -37.14
N VAL B 146 -9.26 -11.60 -35.91
CA VAL B 146 -7.85 -11.31 -35.68
C VAL B 146 -6.97 -12.50 -36.05
N ASP B 147 -7.39 -13.70 -35.64
CA ASP B 147 -6.61 -14.89 -35.97
C ASP B 147 -6.71 -15.23 -37.44
N PHE B 148 -7.84 -14.92 -38.08
CA PHE B 148 -7.96 -15.20 -39.50
C PHE B 148 -7.14 -14.23 -40.34
N ILE B 149 -7.01 -12.97 -39.89
CA ILE B 149 -6.11 -12.05 -40.58
C ILE B 149 -4.66 -12.47 -40.37
N SER B 150 -4.28 -12.75 -39.12
CA SER B 150 -2.90 -13.07 -38.81
C SER B 150 -2.47 -14.44 -39.31
N SER B 151 -3.39 -15.31 -39.70
CA SER B 151 -2.99 -16.62 -40.16
C SER B 151 -2.66 -16.66 -41.64
N ILE B 152 -3.56 -16.13 -42.49
CA ILE B 152 -3.38 -16.28 -43.93
C ILE B 152 -2.35 -15.28 -44.43
N PRO B 153 -1.50 -15.66 -45.37
CA PRO B 153 -0.53 -14.71 -45.94
C PRO B 153 -1.20 -13.76 -46.92
N VAL B 154 -1.75 -12.66 -46.40
CA VAL B 154 -2.49 -11.69 -47.20
C VAL B 154 -1.58 -11.03 -48.23
N ASP B 155 -0.30 -10.87 -47.91
CA ASP B 155 0.65 -10.27 -48.84
C ASP B 155 0.87 -11.13 -50.08
N TYR B 156 1.02 -12.44 -49.90
CA TYR B 156 1.21 -13.32 -51.05
C TYR B 156 -0.07 -13.46 -51.85
N ILE B 157 -1.23 -13.38 -51.20
CA ILE B 157 -2.50 -13.34 -51.90
C ILE B 157 -2.58 -12.10 -52.79
N PHE B 158 -2.23 -10.94 -52.24
CA PHE B 158 -2.25 -9.71 -53.01
C PHE B 158 -1.24 -9.73 -54.15
N LEU B 159 -0.08 -10.35 -53.92
CA LEU B 159 0.94 -10.43 -54.96
C LEU B 159 0.51 -11.35 -56.10
N ILE B 160 -0.02 -12.53 -55.76
CA ILE B 160 -0.46 -13.49 -56.76
C ILE B 160 -1.66 -12.96 -57.55
N VAL B 161 -2.60 -12.32 -56.85
CA VAL B 161 -3.76 -11.75 -57.52
C VAL B 161 -3.37 -10.56 -58.40
N GLU B 162 -2.40 -9.75 -57.96
CA GLU B 162 -1.96 -8.62 -58.78
C GLU B 162 -1.22 -9.09 -60.02
N THR B 163 -0.40 -10.14 -59.90
CA THR B 163 0.25 -10.70 -61.07
C THR B 163 -0.70 -11.46 -61.97
N ARG B 164 -1.80 -11.99 -61.42
CA ARG B 164 -2.80 -12.63 -62.26
C ARG B 164 -3.60 -11.59 -63.03
N ILE B 165 -3.81 -10.42 -62.44
CA ILE B 165 -4.50 -9.34 -63.14
C ILE B 165 -3.61 -8.78 -64.25
N ASP B 166 -2.35 -8.50 -63.95
CA ASP B 166 -1.42 -7.97 -64.95
C ASP B 166 -0.07 -8.67 -64.76
N SER B 167 0.32 -9.49 -65.73
CA SER B 167 1.59 -10.20 -65.64
C SER B 167 2.79 -9.30 -65.90
N GLU B 168 2.59 -8.16 -66.55
CA GLU B 168 3.67 -7.24 -66.90
C GLU B 168 3.52 -5.93 -66.13
N VAL B 169 3.22 -6.03 -64.83
CA VAL B 169 2.86 -4.86 -64.03
C VAL B 169 4.08 -3.99 -63.71
N TYR B 170 5.30 -4.49 -63.92
CA TYR B 170 6.52 -3.79 -63.58
C TYR B 170 6.93 -2.76 -64.63
N LYS B 171 6.04 -2.35 -65.53
CA LYS B 171 6.39 -1.39 -66.57
C LYS B 171 6.58 0.00 -65.99
N THR B 172 5.54 0.53 -65.35
CA THR B 172 5.60 1.86 -64.78
C THR B 172 6.11 1.78 -63.34
N ALA B 173 5.96 2.86 -62.59
CA ALA B 173 6.27 2.89 -61.17
C ALA B 173 5.12 2.42 -60.31
N ARG B 174 4.09 1.81 -60.90
CA ARG B 174 2.98 1.26 -60.13
C ARG B 174 3.42 0.03 -59.34
N ALA B 175 4.38 -0.73 -59.88
CA ALA B 175 4.90 -1.89 -59.16
C ALA B 175 5.66 -1.49 -57.91
N LEU B 176 6.24 -0.29 -57.91
CA LEU B 176 6.84 0.25 -56.68
C LEU B 176 5.79 0.43 -55.60
N ARG B 177 4.63 0.97 -55.97
CA ARG B 177 3.51 1.08 -55.03
C ARG B 177 3.00 -0.29 -54.62
N ILE B 178 3.05 -1.27 -55.52
CA ILE B 178 2.66 -2.64 -55.17
C ILE B 178 3.62 -3.22 -54.13
N VAL B 179 4.91 -2.93 -54.25
CA VAL B 179 5.89 -3.46 -53.29
C VAL B 179 5.75 -2.77 -51.94
N ARG B 180 5.49 -1.46 -51.94
CA ARG B 180 5.21 -0.76 -50.69
C ARG B 180 3.97 -1.31 -50.00
N PHE B 181 2.93 -1.60 -50.78
CA PHE B 181 1.70 -2.11 -50.19
C PHE B 181 1.85 -3.57 -49.77
N THR B 182 2.76 -4.31 -50.42
CA THR B 182 3.10 -5.65 -49.96
C THR B 182 3.80 -5.62 -48.61
N LYS B 183 4.76 -4.72 -48.45
CA LYS B 183 5.42 -4.57 -47.16
C LYS B 183 4.48 -4.04 -46.08
N ILE B 184 3.46 -3.27 -46.44
CA ILE B 184 2.51 -2.87 -45.41
C ILE B 184 1.60 -4.04 -45.03
N LEU B 185 1.10 -4.80 -46.01
CA LEU B 185 0.19 -5.91 -45.70
C LEU B 185 0.89 -7.05 -44.99
N SER B 186 2.20 -7.19 -45.19
CA SER B 186 2.93 -8.25 -44.49
C SER B 186 3.12 -7.97 -43.01
N LEU B 187 2.75 -6.79 -42.51
CA LEU B 187 2.73 -6.51 -41.09
C LEU B 187 1.43 -6.95 -40.44
N LEU B 188 0.52 -7.56 -41.18
CA LEU B 188 -0.65 -8.18 -40.56
C LEU B 188 -0.30 -9.45 -39.83
N ARG B 189 0.90 -9.99 -40.02
CA ARG B 189 1.41 -11.07 -39.20
C ARG B 189 1.75 -10.64 -37.78
N LEU B 190 1.72 -9.33 -37.48
CA LEU B 190 1.97 -8.91 -36.11
C LEU B 190 0.71 -8.94 -35.25
N LEU B 191 -0.41 -9.40 -35.79
CA LEU B 191 -1.59 -9.64 -34.97
C LEU B 191 -1.56 -11.01 -34.31
N ARG B 192 -0.44 -11.73 -34.40
CA ARG B 192 -0.27 -12.96 -33.66
C ARG B 192 0.04 -12.68 -32.20
N LEU B 193 0.26 -11.40 -31.86
CA LEU B 193 0.43 -10.94 -30.50
C LEU B 193 -0.81 -11.24 -29.68
N SER B 194 -1.99 -11.24 -30.30
CA SER B 194 -3.21 -11.55 -29.59
C SER B 194 -3.21 -13.01 -29.13
N ARG B 195 -2.79 -13.92 -30.01
CA ARG B 195 -2.70 -15.32 -29.61
C ARG B 195 -1.57 -15.55 -28.63
N LEU B 196 -0.49 -14.78 -28.75
CA LEU B 196 0.59 -14.86 -27.78
C LEU B 196 0.12 -14.48 -26.38
N ILE B 197 -0.60 -13.36 -26.27
CA ILE B 197 -1.09 -12.89 -24.98
C ILE B 197 -2.14 -13.85 -24.43
N ARG B 198 -3.06 -14.31 -25.27
CA ARG B 198 -4.08 -15.23 -24.81
C ARG B 198 -3.54 -16.60 -24.44
N TYR B 199 -2.42 -17.03 -25.02
CA TYR B 199 -1.88 -18.31 -24.58
C TYR B 199 -1.05 -18.14 -23.31
N ILE B 200 -0.31 -17.02 -23.19
CA ILE B 200 0.53 -16.83 -22.02
C ILE B 200 -0.31 -16.62 -20.76
N HIS B 201 -1.40 -15.85 -20.86
CA HIS B 201 -2.29 -15.72 -19.69
C HIS B 201 -2.96 -17.04 -19.34
N GLN B 202 -3.37 -17.80 -20.35
CA GLN B 202 -4.06 -19.07 -20.12
C GLN B 202 -3.17 -20.10 -19.46
N TRP B 203 -1.87 -20.10 -19.76
CA TRP B 203 -1.01 -21.06 -19.06
C TRP B 203 -0.38 -20.49 -17.81
N GLU B 204 -0.27 -19.17 -17.67
CA GLU B 204 0.23 -18.62 -16.41
C GLU B 204 -0.82 -18.75 -15.31
N GLU B 205 -2.11 -18.74 -15.65
CA GLU B 205 -3.13 -19.00 -14.63
C GLU B 205 -3.00 -20.43 -14.11
N ILE B 206 -2.73 -21.37 -15.01
CA ILE B 206 -2.55 -22.77 -14.64
C ILE B 206 -1.29 -22.94 -13.80
N PHE B 207 -0.23 -22.23 -14.14
CA PHE B 207 0.99 -22.34 -13.34
C PHE B 207 0.94 -21.54 -12.04
N HIS B 208 0.03 -20.57 -11.91
CA HIS B 208 -0.30 -20.08 -10.57
C HIS B 208 -1.00 -21.13 -9.75
N MET B 209 -1.92 -21.88 -10.38
CA MET B 209 -2.65 -22.92 -9.67
C MET B 209 -1.74 -24.06 -9.20
N THR B 210 -0.75 -24.45 -10.01
CA THR B 210 0.07 -25.57 -9.60
C THR B 210 1.22 -25.18 -8.68
N TYR B 211 2.09 -24.27 -9.10
CA TYR B 211 3.41 -24.17 -8.52
C TYR B 211 3.56 -23.09 -7.46
N ASP B 212 2.61 -22.16 -7.35
CA ASP B 212 2.57 -21.09 -6.35
C ASP B 212 3.82 -20.21 -6.43
N LEU B 213 3.92 -19.51 -7.56
CA LEU B 213 4.93 -18.48 -7.74
C LEU B 213 4.31 -17.14 -7.43
N ALA B 214 5.14 -16.19 -6.99
CA ALA B 214 4.66 -14.87 -6.59
C ALA B 214 4.06 -14.13 -7.78
N SER B 215 2.92 -13.48 -7.55
CA SER B 215 2.20 -12.84 -8.64
C SER B 215 2.91 -11.63 -9.18
N ALA B 216 3.60 -10.88 -8.32
CA ALA B 216 4.31 -9.70 -8.78
C ALA B 216 5.48 -10.06 -9.66
N VAL B 217 6.13 -11.20 -9.40
CA VAL B 217 7.22 -11.65 -10.25
C VAL B 217 6.71 -12.02 -11.64
N VAL B 218 5.56 -12.70 -11.70
CA VAL B 218 4.99 -13.11 -12.98
C VAL B 218 4.55 -11.90 -13.78
N ARG B 219 3.91 -10.92 -13.12
CA ARG B 219 3.46 -9.75 -13.85
C ARG B 219 4.62 -8.87 -14.28
N ILE B 220 5.71 -8.84 -13.50
CA ILE B 220 6.80 -8.00 -13.95
C ILE B 220 7.61 -8.69 -15.04
N VAL B 221 7.62 -10.02 -15.09
CA VAL B 221 8.22 -10.72 -16.23
C VAL B 221 7.41 -10.49 -17.49
N ASN B 222 6.08 -10.51 -17.37
CA ASN B 222 5.20 -10.18 -18.50
C ASN B 222 5.45 -8.77 -19.00
N LEU B 223 5.63 -7.83 -18.08
CA LEU B 223 5.82 -6.44 -18.49
C LEU B 223 7.19 -6.24 -19.12
N ILE B 224 8.22 -6.92 -18.62
CA ILE B 224 9.55 -6.84 -19.23
C ILE B 224 9.53 -7.43 -20.64
N GLY B 225 8.76 -8.50 -20.83
CA GLY B 225 8.59 -9.03 -22.18
C GLY B 225 7.91 -8.07 -23.12
N MET B 226 6.82 -7.44 -22.66
CA MET B 226 6.14 -6.46 -23.51
C MET B 226 6.98 -5.22 -23.76
N MET B 227 7.80 -4.81 -22.80
CA MET B 227 8.66 -3.65 -23.01
C MET B 227 9.74 -3.94 -24.04
N LEU B 228 10.34 -5.12 -23.98
CA LEU B 228 11.32 -5.49 -25.00
C LEU B 228 10.68 -5.60 -26.37
N LEU B 229 9.48 -6.16 -26.44
CA LEU B 229 8.83 -6.33 -27.73
C LEU B 229 8.38 -5.00 -28.32
N LEU B 230 7.89 -4.09 -27.48
CA LEU B 230 7.47 -2.79 -28.01
C LEU B 230 8.65 -1.90 -28.35
N CYS B 231 9.76 -2.02 -27.62
CA CYS B 231 10.97 -1.29 -28.01
C CYS B 231 11.49 -1.81 -29.34
N HIS B 232 11.42 -3.12 -29.56
CA HIS B 232 11.86 -3.71 -30.82
C HIS B 232 10.97 -3.27 -31.98
N TRP B 233 9.66 -3.31 -31.79
CA TRP B 233 8.74 -2.88 -32.84
C TRP B 233 8.84 -1.40 -33.12
N ASP B 234 9.08 -0.58 -32.10
CA ASP B 234 9.21 0.85 -32.35
C ASP B 234 10.51 1.16 -33.07
N GLY B 235 11.57 0.43 -32.74
CA GLY B 235 12.81 0.57 -33.48
C GLY B 235 12.67 0.14 -34.93
N CYS B 236 11.88 -0.88 -35.20
CA CYS B 236 11.63 -1.24 -36.59
C CYS B 236 10.75 -0.20 -37.28
N LEU B 237 9.80 0.39 -36.55
CA LEU B 237 8.85 1.32 -37.16
C LEU B 237 9.52 2.63 -37.55
N GLN B 238 10.43 3.12 -36.70
CA GLN B 238 11.09 4.38 -36.99
C GLN B 238 12.13 4.27 -38.08
N PHE B 239 12.43 3.06 -38.56
CA PHE B 239 13.14 2.93 -39.81
C PHE B 239 12.22 2.59 -40.96
N LEU B 240 11.08 1.95 -40.67
CA LEU B 240 10.13 1.58 -41.72
C LEU B 240 9.53 2.80 -42.39
N VAL B 241 9.03 3.73 -41.60
CA VAL B 241 8.32 4.89 -42.14
C VAL B 241 9.25 5.81 -42.94
N PRO B 242 10.51 6.06 -42.56
CA PRO B 242 11.41 6.69 -43.54
C PRO B 242 11.78 5.79 -44.71
N MET B 243 11.64 4.47 -44.61
CA MET B 243 12.02 3.64 -45.75
C MET B 243 10.92 3.63 -46.79
N LEU B 244 9.67 3.69 -46.36
CA LEU B 244 8.56 3.73 -47.31
C LEU B 244 8.42 5.08 -47.99
N GLN B 245 9.11 6.11 -47.51
CA GLN B 245 9.13 7.40 -48.17
C GLN B 245 10.38 7.58 -49.02
N ASP B 246 11.11 6.50 -49.27
CA ASP B 246 12.36 6.47 -50.05
C ASP B 246 13.42 7.41 -49.49
N PHE B 247 13.47 7.53 -48.16
CA PHE B 247 14.43 8.29 -47.38
C PHE B 247 14.53 9.75 -47.82
N PRO B 248 13.56 10.59 -47.50
CA PRO B 248 13.68 12.00 -47.84
C PRO B 248 14.77 12.67 -47.02
N ASP B 249 15.18 13.85 -47.46
CA ASP B 249 16.32 14.53 -46.88
C ASP B 249 16.04 15.18 -45.53
N ASP B 250 14.88 14.95 -44.94
CA ASP B 250 14.58 15.42 -43.60
C ASP B 250 14.35 14.28 -42.61
N CYS B 251 14.42 13.02 -43.04
CA CYS B 251 14.30 11.94 -42.08
C CYS B 251 15.61 11.79 -41.32
N TRP B 252 15.56 11.05 -40.23
CA TRP B 252 16.77 10.88 -39.43
C TRP B 252 17.78 9.97 -40.10
N VAL B 253 17.37 9.18 -41.09
CA VAL B 253 18.32 8.28 -41.74
C VAL B 253 19.25 9.07 -42.65
N SER B 254 18.70 9.94 -43.48
CA SER B 254 19.54 10.64 -44.44
C SER B 254 20.33 11.77 -43.79
N ILE B 255 19.83 12.31 -42.67
CA ILE B 255 20.58 13.34 -41.95
C ILE B 255 21.84 12.74 -41.34
N ASN B 256 21.73 11.53 -40.82
CA ASN B 256 22.88 10.87 -40.22
C ASN B 256 23.77 10.18 -41.25
N ASN B 257 23.45 10.31 -42.55
CA ASN B 257 24.23 9.77 -43.67
C ASN B 257 24.39 8.26 -43.57
N MET B 258 23.36 7.61 -43.04
CA MET B 258 23.41 6.17 -42.78
C MET B 258 22.34 5.44 -43.59
N VAL B 259 22.10 5.92 -44.81
CA VAL B 259 21.21 5.23 -45.72
C VAL B 259 21.86 3.95 -46.21
N ASN B 260 23.15 4.00 -46.54
CA ASN B 260 23.84 2.90 -47.19
C ASN B 260 24.73 2.12 -46.24
N ASN B 261 24.48 2.19 -44.93
CA ASN B 261 25.23 1.32 -44.03
C ASN B 261 24.67 -0.09 -44.05
N SER B 262 25.30 -0.97 -43.30
CA SER B 262 24.79 -2.32 -43.16
C SER B 262 23.51 -2.30 -42.32
N TRP B 263 22.75 -3.39 -42.42
CA TRP B 263 21.48 -3.45 -41.71
C TRP B 263 21.67 -3.58 -40.21
N GLY B 264 22.83 -4.08 -39.78
CA GLY B 264 23.10 -4.15 -38.35
C GLY B 264 23.25 -2.78 -37.72
N LYS B 265 23.96 -1.87 -38.40
CA LYS B 265 24.13 -0.53 -37.87
C LYS B 265 22.83 0.25 -37.89
N GLN B 266 22.03 0.05 -38.94
CA GLN B 266 20.72 0.68 -39.03
C GLN B 266 19.80 0.20 -37.92
N TYR B 267 19.77 -1.11 -37.67
CA TYR B 267 18.95 -1.64 -36.61
C TYR B 267 19.44 -1.21 -35.23
N SER B 268 20.76 -1.13 -35.04
CA SER B 268 21.29 -0.71 -33.76
C SER B 268 20.93 0.74 -33.46
N TYR B 269 21.09 1.62 -34.43
CA TYR B 269 20.79 3.02 -34.14
C TYR B 269 19.29 3.27 -34.06
N ALA B 270 18.48 2.51 -34.80
CA ALA B 270 17.04 2.68 -34.69
C ALA B 270 16.52 2.16 -33.36
N LEU B 271 17.05 1.02 -32.90
CA LEU B 271 16.69 0.50 -31.59
C LEU B 271 17.18 1.41 -30.49
N PHE B 272 18.29 2.11 -30.75
CA PHE B 272 18.77 3.12 -29.81
C PHE B 272 17.81 4.29 -29.71
N LYS B 273 17.26 4.74 -30.84
CA LYS B 273 16.26 5.81 -30.79
C LYS B 273 15.02 5.38 -30.02
N ALA B 274 14.55 4.15 -30.27
CA ALA B 274 13.37 3.64 -29.57
C ALA B 274 13.62 3.50 -28.08
N MET B 275 14.77 2.97 -27.70
CA MET B 275 15.06 2.78 -26.29
C MET B 275 15.35 4.11 -25.60
N SER B 276 15.87 5.08 -26.35
CA SER B 276 16.10 6.41 -25.78
C SER B 276 14.78 7.10 -25.47
N HIS B 277 13.81 6.97 -26.36
CA HIS B 277 12.51 7.54 -26.06
C HIS B 277 11.64 6.62 -25.20
N MET B 278 12.12 5.43 -24.85
CA MET B 278 11.38 4.61 -23.91
C MET B 278 11.82 4.81 -22.47
N LEU B 279 13.12 4.70 -22.19
CA LEU B 279 13.62 4.82 -20.83
C LEU B 279 13.96 6.26 -20.45
N CYS B 280 13.28 7.22 -21.09
CA CYS B 280 13.22 8.62 -20.67
C CYS B 280 14.56 9.33 -20.77
N ILE B 281 15.24 9.16 -21.91
CA ILE B 281 16.55 9.78 -22.07
C ILE B 281 16.52 10.80 -23.20
N GLY B 282 16.32 10.32 -24.42
CA GLY B 282 16.33 11.14 -25.62
C GLY B 282 17.67 11.79 -25.95
N TYR B 283 17.85 12.32 -27.15
CA TYR B 283 17.13 12.07 -28.40
C TYR B 283 17.88 11.04 -29.21
N GLY B 284 17.69 11.08 -30.52
CA GLY B 284 18.65 10.45 -31.41
C GLY B 284 19.88 11.33 -31.57
N ARG B 285 20.31 11.61 -32.80
CA ARG B 285 21.41 12.57 -32.94
C ARG B 285 20.92 13.98 -32.64
N GLN B 286 19.98 14.48 -33.42
CA GLN B 286 19.39 15.78 -33.19
C GLN B 286 17.90 15.62 -32.94
N ALA B 287 17.22 16.74 -32.78
CA ALA B 287 15.78 16.76 -32.67
C ALA B 287 15.17 16.33 -34.01
N PRO B 288 13.95 15.79 -33.99
CA PRO B 288 13.26 15.46 -35.24
C PRO B 288 12.96 16.71 -36.07
N VAL B 289 12.96 16.54 -37.39
CA VAL B 289 12.82 17.68 -38.29
C VAL B 289 11.58 17.51 -39.16
N GLY B 290 11.50 16.43 -39.91
CA GLY B 290 10.36 16.23 -40.79
C GLY B 290 9.11 15.86 -40.03
N MET B 291 7.96 16.01 -40.70
CA MET B 291 6.69 15.75 -40.02
C MET B 291 6.44 14.27 -39.78
N SER B 292 7.15 13.40 -40.47
CA SER B 292 7.09 11.98 -40.09
C SER B 292 7.76 11.76 -38.76
N ASP B 293 8.97 12.28 -38.60
CA ASP B 293 9.77 11.98 -37.42
C ASP B 293 9.20 12.62 -36.17
N VAL B 294 8.55 13.76 -36.28
CA VAL B 294 8.01 14.42 -35.10
C VAL B 294 6.85 13.60 -34.52
N TRP B 295 5.94 13.17 -35.37
CA TRP B 295 4.82 12.39 -34.86
C TRP B 295 5.23 10.98 -34.47
N LEU B 296 6.21 10.40 -35.15
CA LEU B 296 6.70 9.10 -34.70
C LEU B 296 7.44 9.19 -33.39
N THR B 297 8.18 10.28 -33.17
CA THR B 297 8.87 10.44 -31.90
C THR B 297 7.88 10.69 -30.78
N MET B 298 6.80 11.43 -31.05
CA MET B 298 5.76 11.61 -30.04
C MET B 298 5.04 10.31 -29.72
N LEU B 299 4.83 9.47 -30.74
CA LEU B 299 4.23 8.16 -30.49
C LEU B 299 5.14 7.28 -29.65
N SER B 300 6.43 7.25 -29.97
CA SER B 300 7.36 6.43 -29.20
C SER B 300 7.54 6.97 -27.79
N MET B 301 7.46 8.29 -27.62
CA MET B 301 7.54 8.87 -26.29
C MET B 301 6.32 8.49 -25.44
N ILE B 302 5.13 8.51 -26.03
CA ILE B 302 3.93 8.13 -25.29
C ILE B 302 3.97 6.66 -24.88
N VAL B 303 4.34 5.78 -25.83
CA VAL B 303 4.40 4.35 -25.55
C VAL B 303 5.47 4.04 -24.51
N GLY B 304 6.64 4.67 -24.65
CA GLY B 304 7.73 4.39 -23.73
C GLY B 304 7.49 4.95 -22.34
N ALA B 305 6.90 6.14 -22.25
CA ALA B 305 6.60 6.70 -20.94
C ALA B 305 5.51 5.92 -20.23
N THR B 306 4.53 5.42 -20.99
CA THR B 306 3.50 4.57 -20.40
C THR B 306 4.10 3.26 -19.89
N CYS B 307 4.95 2.61 -20.69
CA CYS B 307 5.54 1.34 -20.28
C CYS B 307 6.49 1.53 -19.10
N TYR B 308 7.21 2.64 -19.05
CA TYR B 308 8.11 2.86 -17.94
C TYR B 308 7.37 3.23 -16.66
N ALA B 309 6.25 3.94 -16.78
CA ALA B 309 5.43 4.21 -15.60
C ALA B 309 4.82 2.93 -15.06
N MET B 310 4.38 2.03 -15.94
CA MET B 310 3.90 0.75 -15.47
C MET B 310 5.01 -0.10 -14.89
N PHE B 311 6.24 0.07 -15.37
CA PHE B 311 7.36 -0.66 -14.78
C PHE B 311 7.67 -0.17 -13.38
N ILE B 312 7.58 1.14 -13.15
CA ILE B 312 7.75 1.68 -11.81
C ILE B 312 6.63 1.19 -10.90
N GLY B 313 5.42 1.08 -11.43
CA GLY B 313 4.30 0.57 -10.64
C GLY B 313 4.47 -0.88 -10.25
N HIS B 314 4.88 -1.74 -11.19
CA HIS B 314 5.10 -3.13 -10.85
C HIS B 314 6.30 -3.33 -9.94
N ALA B 315 7.32 -2.48 -10.07
CA ALA B 315 8.45 -2.57 -9.16
C ALA B 315 8.07 -2.17 -7.75
N THR B 316 7.20 -1.15 -7.61
CA THR B 316 6.73 -0.76 -6.29
C THR B 316 5.86 -1.84 -5.66
N ALA B 317 4.98 -2.45 -6.46
CA ALA B 317 4.16 -3.54 -5.94
C ALA B 317 4.98 -4.77 -5.59
N LEU B 318 6.11 -4.97 -6.29
CA LEU B 318 7.01 -6.06 -5.92
C LEU B 318 7.72 -5.76 -4.61
N ILE B 319 8.20 -4.53 -4.44
CA ILE B 319 8.98 -4.17 -3.27
C ILE B 319 8.11 -4.14 -2.02
N GLN B 320 6.84 -3.75 -2.14
CA GLN B 320 6.01 -3.73 -0.94
C GLN B 320 5.55 -5.12 -0.49
N SER B 321 5.90 -6.17 -1.21
CA SER B 321 5.57 -7.53 -0.78
C SER B 321 6.77 -8.31 -0.30
N LEU B 322 7.92 -7.67 -0.11
CA LEU B 322 9.11 -8.42 0.27
C LEU B 322 9.24 -8.56 1.79
N ASP B 323 8.88 -7.53 2.53
CA ASP B 323 9.02 -7.55 3.99
C ASP B 323 7.69 -7.23 4.64
N SER B 324 6.64 -7.93 4.20
CA SER B 324 5.28 -7.63 4.64
C SER B 324 5.09 -7.94 6.11
N SER B 325 5.69 -9.02 6.62
CA SER B 325 5.52 -9.37 8.02
C SER B 325 6.22 -8.38 8.93
N ARG B 326 7.43 -7.96 8.55
CA ARG B 326 8.15 -7.00 9.38
C ARG B 326 7.53 -5.61 9.28
N ARG B 327 6.96 -5.27 8.12
CA ARG B 327 6.21 -4.03 7.99
C ARG B 327 4.96 -4.03 8.86
N GLN B 328 4.25 -5.16 8.91
CA GLN B 328 3.08 -5.25 9.77
C GLN B 328 3.47 -5.20 11.25
N TYR B 329 4.64 -5.75 11.59
CA TYR B 329 5.15 -5.60 12.95
C TYR B 329 5.42 -4.15 13.30
N GLN B 330 6.02 -3.41 12.38
CA GLN B 330 6.31 -2.01 12.68
C GLN B 330 5.06 -1.15 12.73
N GLU B 331 4.04 -1.49 11.94
CA GLU B 331 2.77 -0.78 12.06
C GLU B 331 2.10 -1.05 13.41
N LYS B 332 2.16 -2.32 13.86
CA LYS B 332 1.62 -2.66 15.17
C LYS B 332 2.38 -1.93 16.29
N TYR B 333 3.70 -1.88 16.18
CA TYR B 333 4.46 -1.23 17.24
C TYR B 333 4.28 0.28 17.22
N LYS B 334 4.03 0.88 16.05
CA LYS B 334 3.71 2.30 16.05
C LYS B 334 2.34 2.56 16.68
N GLN B 335 1.40 1.64 16.52
CA GLN B 335 0.13 1.77 17.25
C GLN B 335 0.34 1.66 18.75
N VAL B 336 1.26 0.80 19.17
CA VAL B 336 1.53 0.67 20.61
C VAL B 336 2.26 1.91 21.13
N GLU B 337 3.11 2.53 20.30
CA GLU B 337 3.73 3.80 20.67
C GLU B 337 2.68 4.90 20.84
N GLN B 338 1.67 4.90 19.97
CA GLN B 338 0.59 5.87 20.15
C GLN B 338 -0.23 5.58 21.41
N TYR B 339 -0.45 4.30 21.73
CA TYR B 339 -1.16 3.95 22.95
C TYR B 339 -0.39 4.40 24.18
N MET B 340 0.93 4.27 24.16
CA MET B 340 1.72 4.73 25.30
C MET B 340 1.76 6.25 25.37
N SER B 341 1.73 6.92 24.22
CA SER B 341 1.72 8.38 24.24
C SER B 341 0.38 8.94 24.66
N PHE B 342 -0.69 8.17 24.46
CA PHE B 342 -2.03 8.68 24.76
C PHE B 342 -2.30 8.71 26.26
N HIS B 343 -1.83 7.70 26.99
CA HIS B 343 -2.02 7.64 28.42
C HIS B 343 -0.84 8.22 29.19
N LYS B 344 0.17 8.75 28.47
CA LYS B 344 1.30 9.48 29.04
C LYS B 344 2.09 8.63 30.03
N LEU B 345 2.44 7.43 29.58
CA LEU B 345 3.16 6.48 30.43
C LEU B 345 4.59 6.95 30.66
N PRO B 346 5.17 6.63 31.81
CA PRO B 346 6.56 7.02 32.07
C PRO B 346 7.52 6.24 31.19
N PRO B 347 8.72 6.76 30.95
CA PRO B 347 9.62 6.11 29.97
C PRO B 347 10.15 4.77 30.42
N ASP B 348 10.11 4.46 31.72
CA ASP B 348 10.56 3.15 32.19
C ASP B 348 9.62 2.05 31.70
N THR B 349 8.31 2.28 31.83
CA THR B 349 7.35 1.32 31.30
C THR B 349 7.40 1.25 29.78
N ARG B 350 7.77 2.34 29.10
CA ARG B 350 7.91 2.29 27.65
C ARG B 350 9.10 1.42 27.25
N GLN B 351 10.19 1.50 28.01
CA GLN B 351 11.32 0.60 27.76
C GLN B 351 10.94 -0.85 28.05
N ARG B 352 10.12 -1.08 29.07
CA ARG B 352 9.65 -2.43 29.37
C ARG B 352 8.79 -3.00 28.25
N ILE B 353 7.86 -2.20 27.73
CA ILE B 353 6.99 -2.68 26.66
C ILE B 353 7.78 -2.88 25.37
N HIS B 354 8.79 -2.03 25.13
CA HIS B 354 9.64 -2.19 23.95
C HIS B 354 10.43 -3.48 24.02
N ASP B 355 11.00 -3.77 25.19
CA ASP B 355 11.73 -5.03 25.37
C ASP B 355 10.80 -6.23 25.26
N TYR B 356 9.55 -6.08 25.70
CA TYR B 356 8.61 -7.19 25.60
C TYR B 356 8.26 -7.50 24.15
N TYR B 357 8.05 -6.46 23.34
CA TYR B 357 7.75 -6.75 21.94
C TYR B 357 8.99 -7.16 21.16
N GLU B 358 10.18 -6.79 21.62
CA GLU B 358 11.37 -7.33 20.99
C GLU B 358 11.56 -8.80 21.34
N HIS B 359 11.15 -9.22 22.53
CA HIS B 359 11.35 -10.61 22.94
C HIS B 359 10.11 -11.47 22.81
N ARG B 360 9.04 -10.94 22.23
CA ARG B 360 7.82 -11.71 22.04
C ARG B 360 7.61 -12.12 20.60
N TYR B 361 7.62 -11.17 19.68
CA TYR B 361 7.39 -11.44 18.27
C TYR B 361 8.67 -11.55 17.46
N GLN B 362 9.79 -11.11 18.02
CA GLN B 362 11.10 -11.06 17.37
C GLN B 362 11.05 -10.31 16.04
N GLY B 363 10.48 -9.11 16.09
CA GLY B 363 10.53 -8.21 14.97
C GLY B 363 9.56 -8.48 13.84
N LYS B 364 8.79 -9.57 13.90
CA LYS B 364 7.87 -9.90 12.84
C LYS B 364 6.55 -10.37 13.42
N MET B 365 5.46 -9.95 12.77
CA MET B 365 4.11 -10.15 13.26
C MET B 365 3.58 -11.52 12.86
N PHE B 366 2.99 -12.22 13.83
CA PHE B 366 2.25 -13.44 13.58
C PHE B 366 1.20 -13.58 14.67
N ASP B 367 0.04 -14.10 14.30
CA ASP B 367 -1.07 -14.28 15.23
C ASP B 367 -1.25 -15.78 15.47
N GLU B 368 -0.91 -16.23 16.68
CA GLU B 368 -0.92 -17.65 16.97
C GLU B 368 -2.34 -18.22 16.99
N GLU B 369 -3.29 -17.47 17.53
CA GLU B 369 -4.64 -17.98 17.69
C GLU B 369 -5.34 -18.17 16.34
N SER B 370 -5.20 -17.21 15.44
CA SER B 370 -5.85 -17.33 14.15
C SER B 370 -5.19 -18.41 13.30
N ILE B 371 -3.87 -18.57 13.41
CA ILE B 371 -3.17 -19.60 12.65
C ILE B 371 -3.55 -20.99 13.14
N LEU B 372 -3.58 -21.19 14.45
CA LEU B 372 -4.04 -22.47 14.97
C LEU B 372 -5.53 -22.71 14.74
N GLY B 373 -6.31 -21.64 14.52
CA GLY B 373 -7.70 -21.83 14.15
C GLY B 373 -7.88 -22.21 12.71
N GLU B 374 -7.05 -21.68 11.81
CA GLU B 374 -7.20 -21.97 10.39
C GLU B 374 -6.75 -23.37 10.02
N LEU B 375 -5.87 -23.97 10.81
CA LEU B 375 -5.38 -25.30 10.49
C LEU B 375 -6.45 -26.35 10.77
N SER B 376 -6.21 -27.55 10.24
CA SER B 376 -7.09 -28.67 10.51
C SER B 376 -6.78 -29.25 11.88
N GLU B 377 -7.44 -30.36 12.19
CA GLU B 377 -7.22 -30.97 13.51
C GLU B 377 -5.91 -31.74 13.62
N PRO B 378 -5.49 -32.60 12.66
CA PRO B 378 -4.22 -33.32 12.88
C PRO B 378 -2.99 -32.43 12.83
N LEU B 379 -2.99 -31.36 12.04
CA LEU B 379 -1.84 -30.46 12.05
C LEU B 379 -1.75 -29.71 13.36
N ARG B 380 -2.90 -29.32 13.91
CA ARG B 380 -2.92 -28.67 15.21
C ARG B 380 -2.41 -29.61 16.29
N GLU B 381 -2.84 -30.88 16.24
CA GLU B 381 -2.36 -31.85 17.21
C GLU B 381 -0.87 -32.12 17.04
N GLU B 382 -0.38 -32.11 15.80
CA GLU B 382 1.03 -32.39 15.56
C GLU B 382 1.92 -31.26 16.05
N ILE B 383 1.52 -30.01 15.79
CA ILE B 383 2.27 -28.86 16.28
C ILE B 383 2.26 -28.82 17.80
N ILE B 384 1.10 -29.05 18.41
CA ILE B 384 1.02 -28.98 19.88
C ILE B 384 1.78 -30.15 20.52
N ASN B 385 1.78 -31.33 19.89
CA ASN B 385 2.57 -32.44 20.40
C ASN B 385 4.05 -32.15 20.35
N PHE B 386 4.54 -31.66 19.19
CA PHE B 386 5.96 -31.33 19.06
C PHE B 386 6.37 -30.21 20.01
N ASN B 387 5.49 -29.26 20.29
CA ASN B 387 5.86 -28.20 21.21
C ASN B 387 5.89 -28.67 22.65
N CYS B 388 4.90 -29.48 23.08
CA CYS B 388 4.67 -29.60 24.50
C CYS B 388 4.61 -31.01 25.08
N ARG B 389 4.67 -32.06 24.27
CA ARG B 389 4.55 -33.39 24.86
C ARG B 389 5.83 -33.78 25.58
N LYS B 390 6.97 -33.23 25.16
CA LYS B 390 8.20 -33.43 25.91
C LYS B 390 8.18 -32.71 27.25
N LEU B 391 7.32 -31.70 27.41
CA LEU B 391 7.18 -31.01 28.67
C LEU B 391 6.15 -31.64 29.59
N VAL B 392 5.01 -32.08 29.05
CA VAL B 392 4.02 -32.70 29.92
C VAL B 392 4.34 -34.13 30.28
N ALA B 393 5.30 -34.76 29.61
CA ALA B 393 5.73 -36.08 30.02
C ALA B 393 6.63 -36.03 31.25
N SER B 394 7.25 -34.88 31.52
CA SER B 394 8.13 -34.75 32.67
C SER B 394 7.38 -34.56 33.97
N MET B 395 6.08 -34.35 33.92
CA MET B 395 5.33 -34.23 35.16
C MET B 395 4.75 -35.59 35.55
N PRO B 396 5.01 -36.07 36.78
CA PRO B 396 4.57 -37.42 37.15
C PRO B 396 3.08 -37.54 37.37
N LEU B 397 2.33 -36.44 37.42
CA LEU B 397 0.89 -36.52 37.50
C LEU B 397 0.30 -36.98 36.16
N PHE B 398 1.01 -36.75 35.06
CA PHE B 398 0.49 -36.98 33.73
C PHE B 398 1.05 -38.24 33.06
N ALA B 399 2.17 -38.77 33.56
CA ALA B 399 2.76 -39.96 32.96
C ALA B 399 1.99 -41.23 33.31
N ASN B 400 1.16 -41.19 34.34
CA ASN B 400 0.37 -42.33 34.77
C ASN B 400 -1.10 -42.14 34.41
N ALA B 401 -1.37 -41.56 33.25
CA ALA B 401 -2.73 -41.23 32.85
C ALA B 401 -2.98 -41.70 31.43
N ASP B 402 -4.21 -41.46 30.97
CA ASP B 402 -4.63 -41.81 29.63
C ASP B 402 -3.87 -40.96 28.62
N PRO B 403 -3.33 -41.55 27.55
CA PRO B 403 -2.81 -40.71 26.45
C PRO B 403 -3.87 -39.86 25.77
N ASN B 404 -5.13 -40.31 25.79
CA ASN B 404 -6.21 -39.45 25.33
C ASN B 404 -6.42 -38.28 26.28
N PHE B 405 -6.18 -38.48 27.58
CA PHE B 405 -6.25 -37.38 28.53
C PHE B 405 -5.19 -36.33 28.25
N VAL B 406 -3.97 -36.78 27.99
CA VAL B 406 -2.87 -35.87 27.67
C VAL B 406 -3.14 -35.14 26.36
N THR B 407 -3.65 -35.87 25.36
CA THR B 407 -3.92 -35.27 24.06
C THR B 407 -5.05 -34.25 24.13
N SER B 408 -6.08 -34.53 24.92
CA SER B 408 -7.16 -33.55 25.10
C SER B 408 -6.77 -32.41 26.01
N MET B 409 -5.75 -32.59 26.84
CA MET B 409 -5.34 -31.52 27.75
C MET B 409 -4.37 -30.56 27.09
N LEU B 410 -3.53 -31.06 26.16
CA LEU B 410 -2.52 -30.23 25.53
C LEU B 410 -3.07 -29.06 24.72
N THR B 411 -4.34 -29.13 24.32
CA THR B 411 -4.95 -28.02 23.59
C THR B 411 -5.17 -26.79 24.46
N LYS B 412 -5.15 -26.94 25.78
CA LYS B 412 -5.45 -25.84 26.68
C LYS B 412 -4.22 -25.07 27.14
N LEU B 413 -3.03 -25.44 26.67
CA LEU B 413 -1.83 -24.69 27.04
C LEU B 413 -1.78 -23.37 26.30
N ARG B 414 -1.24 -22.34 26.95
CA ARG B 414 -1.09 -21.03 26.36
C ARG B 414 0.38 -20.60 26.43
N PHE B 415 0.87 -20.03 25.36
CA PHE B 415 2.26 -19.58 25.31
C PHE B 415 2.37 -18.20 25.93
N GLU B 416 3.32 -18.03 26.85
CA GLU B 416 3.49 -16.76 27.55
C GLU B 416 4.97 -16.43 27.65
N VAL B 417 5.27 -15.14 27.74
CA VAL B 417 6.64 -14.63 27.77
C VAL B 417 6.77 -13.65 28.92
N PHE B 418 7.80 -13.81 29.75
CA PHE B 418 8.03 -12.93 30.88
C PHE B 418 9.42 -12.33 30.84
N GLN B 419 9.51 -11.04 31.13
CA GLN B 419 10.76 -10.32 31.20
C GLN B 419 11.50 -10.65 32.50
N PRO B 420 12.82 -10.48 32.53
CA PRO B 420 13.55 -10.63 33.80
C PRO B 420 13.19 -9.50 34.77
N GLY B 421 12.90 -9.88 36.00
CA GLY B 421 12.42 -8.97 37.00
C GLY B 421 10.94 -9.10 37.30
N ASP B 422 10.21 -9.81 36.45
CA ASP B 422 8.77 -9.94 36.63
C ASP B 422 8.45 -10.98 37.69
N TYR B 423 7.44 -10.69 38.51
CA TYR B 423 6.90 -11.69 39.41
C TYR B 423 5.87 -12.51 38.64
N ILE B 424 6.27 -13.71 38.25
CA ILE B 424 5.36 -14.61 37.57
C ILE B 424 4.26 -15.08 38.51
N ILE B 425 4.64 -15.54 39.70
CA ILE B 425 3.70 -15.88 40.75
C ILE B 425 3.97 -14.98 41.94
N ARG B 426 2.97 -14.21 42.34
CA ARG B 426 3.06 -13.38 43.52
C ARG B 426 2.41 -14.13 44.69
N GLU B 427 3.13 -14.19 45.81
CA GLU B 427 2.71 -15.02 46.92
C GLU B 427 1.55 -14.38 47.67
N GLY B 428 0.54 -15.18 47.97
CA GLY B 428 -0.62 -14.74 48.70
C GLY B 428 -1.88 -14.56 47.88
N THR B 429 -1.84 -14.84 46.59
CA THR B 429 -3.00 -14.70 45.73
C THR B 429 -3.69 -16.05 45.54
N ILE B 430 -4.80 -16.03 44.83
CA ILE B 430 -5.51 -17.26 44.48
C ILE B 430 -4.78 -17.91 43.31
N GLY B 431 -4.34 -19.15 43.50
CA GLY B 431 -3.68 -19.87 42.43
C GLY B 431 -4.65 -20.27 41.35
N LYS B 432 -4.46 -19.74 40.13
CA LYS B 432 -5.35 -20.02 39.03
C LYS B 432 -4.69 -20.68 37.84
N LYS B 433 -3.36 -20.68 37.77
CA LYS B 433 -2.67 -21.18 36.60
C LYS B 433 -1.51 -22.06 37.02
N MET B 434 -1.12 -22.98 36.14
CA MET B 434 0.04 -23.81 36.33
C MET B 434 0.98 -23.59 35.15
N TYR B 435 2.26 -23.46 35.42
CA TYR B 435 3.22 -23.01 34.44
C TYR B 435 4.23 -24.10 34.12
N PHE B 436 4.49 -24.29 32.83
CA PHE B 436 5.52 -25.21 32.35
C PHE B 436 6.61 -24.39 31.71
N ILE B 437 7.86 -24.78 31.92
CA ILE B 437 8.99 -23.98 31.46
C ILE B 437 9.48 -24.53 30.13
N GLN B 438 9.50 -23.69 29.10
CA GLN B 438 10.15 -24.03 27.84
C GLN B 438 11.56 -23.49 27.80
N HIS B 439 11.71 -22.17 27.92
CA HIS B 439 13.02 -21.54 27.92
C HIS B 439 13.11 -20.55 29.07
N GLY B 440 14.30 -20.44 29.65
CA GLY B 440 14.57 -19.45 30.67
C GLY B 440 14.79 -20.07 32.03
N VAL B 441 15.29 -19.23 32.94
CA VAL B 441 15.59 -19.63 34.31
C VAL B 441 14.78 -18.74 35.25
N VAL B 442 14.01 -19.37 36.13
CA VAL B 442 13.22 -18.64 37.12
C VAL B 442 13.78 -18.92 38.50
N SER B 443 13.44 -18.06 39.45
CA SER B 443 13.83 -18.20 40.84
C SER B 443 12.58 -18.34 41.69
N VAL B 444 12.53 -19.42 42.47
CA VAL B 444 11.46 -19.64 43.42
C VAL B 444 11.96 -19.17 44.78
N LEU B 445 11.31 -18.14 45.31
CA LEU B 445 11.56 -17.60 46.63
C LEU B 445 10.52 -18.16 47.58
N THR B 446 10.97 -18.73 48.69
CA THR B 446 10.05 -19.18 49.71
C THR B 446 10.48 -18.61 51.06
N LYS B 447 9.71 -18.90 52.09
CA LYS B 447 10.03 -18.43 53.43
C LYS B 447 11.21 -19.20 53.99
N GLY B 448 11.94 -18.56 54.89
CA GLY B 448 13.23 -19.06 55.31
C GLY B 448 14.38 -18.59 54.45
N ASN B 449 14.13 -17.62 53.56
CA ASN B 449 15.13 -17.02 52.66
C ASN B 449 15.80 -18.06 51.77
N LYS B 450 14.98 -18.91 51.17
CA LYS B 450 15.44 -19.97 50.29
C LYS B 450 15.04 -19.65 48.86
N GLU B 451 16.04 -19.67 47.96
CA GLU B 451 15.86 -19.27 46.57
C GLU B 451 16.39 -20.38 45.68
N THR B 452 15.48 -21.14 45.07
CA THR B 452 15.88 -22.20 44.16
C THR B 452 15.79 -21.70 42.73
N LYS B 453 16.54 -22.37 41.85
CA LYS B 453 16.57 -22.03 40.43
C LYS B 453 15.92 -23.15 39.64
N LEU B 454 14.99 -22.80 38.76
CA LEU B 454 14.40 -23.74 37.84
C LEU B 454 14.72 -23.33 36.41
N ALA B 455 14.78 -24.32 35.53
CA ALA B 455 15.31 -24.15 34.19
C ALA B 455 14.42 -24.91 33.24
N ASP B 456 14.93 -25.18 32.04
CA ASP B 456 14.12 -25.72 30.96
C ASP B 456 13.69 -27.16 31.26
N GLY B 457 12.45 -27.47 30.96
CA GLY B 457 11.90 -28.77 31.25
C GLY B 457 11.32 -28.91 32.64
N SER B 458 11.45 -27.90 33.48
CA SER B 458 10.89 -27.95 34.82
C SER B 458 9.49 -27.35 34.82
N TYR B 459 8.89 -27.27 36.00
CA TYR B 459 7.51 -26.79 36.11
C TYR B 459 7.28 -26.32 37.54
N PHE B 460 6.24 -25.51 37.71
CA PHE B 460 5.94 -24.94 39.02
C PHE B 460 4.50 -24.48 39.07
N GLY B 461 3.94 -24.48 40.27
CA GLY B 461 2.59 -24.01 40.50
C GLY B 461 1.55 -25.08 40.28
N GLU B 462 1.85 -26.30 40.70
CA GLU B 462 0.96 -27.43 40.46
C GLU B 462 0.09 -27.79 41.67
N ILE B 463 0.41 -27.28 42.84
CA ILE B 463 -0.37 -27.57 44.04
C ILE B 463 -1.71 -26.86 43.97
N CYS B 464 -1.73 -25.64 43.44
CA CYS B 464 -2.96 -24.88 43.29
C CYS B 464 -3.88 -25.47 42.23
N LEU B 465 -3.36 -26.30 41.34
CA LEU B 465 -4.22 -26.99 40.38
C LEU B 465 -5.05 -28.05 41.08
N LEU B 466 -4.44 -28.82 41.96
CA LEU B 466 -5.14 -29.92 42.62
C LEU B 466 -6.02 -29.41 43.75
N THR B 467 -5.48 -28.55 44.60
CA THR B 467 -6.16 -28.17 45.83
C THR B 467 -7.05 -26.95 45.71
N ARG B 468 -6.75 -26.05 44.76
CA ARG B 468 -7.42 -24.76 44.56
C ARG B 468 -7.40 -23.92 45.84
N GLY B 469 -6.18 -23.70 46.34
CA GLY B 469 -5.98 -22.89 47.52
C GLY B 469 -5.36 -21.55 47.21
N ARG B 470 -4.34 -21.15 47.96
CA ARG B 470 -3.65 -19.89 47.76
C ARG B 470 -2.16 -20.13 47.55
N ARG B 471 -1.46 -19.06 47.19
CA ARG B 471 -0.05 -19.16 46.87
C ARG B 471 0.80 -19.21 48.13
N THR B 472 1.85 -20.03 48.08
CA THR B 472 2.75 -20.21 49.20
C THR B 472 4.19 -19.81 48.92
N ALA B 473 4.54 -19.52 47.66
CA ALA B 473 5.90 -19.13 47.33
C ALA B 473 5.87 -18.25 46.09
N SER B 474 6.81 -17.31 46.03
CA SER B 474 6.89 -16.39 44.91
C SER B 474 7.81 -16.95 43.83
N VAL B 475 7.53 -16.60 42.59
CA VAL B 475 8.38 -17.00 41.46
C VAL B 475 8.70 -15.74 40.66
N ARG B 476 9.98 -15.43 40.53
CA ARG B 476 10.42 -14.28 39.77
C ARG B 476 11.24 -14.73 38.57
N ALA B 477 11.00 -14.10 37.42
CA ALA B 477 11.74 -14.44 36.22
C ALA B 477 13.10 -13.76 36.22
N ASP B 478 14.13 -14.51 35.87
CA ASP B 478 15.49 -13.97 35.82
C ASP B 478 16.00 -13.75 34.40
N THR B 479 15.37 -14.36 33.41
CA THR B 479 15.68 -14.16 32.01
C THR B 479 14.37 -13.98 31.24
N TYR B 480 14.48 -13.78 29.93
CA TYR B 480 13.29 -13.71 29.10
C TYR B 480 12.73 -15.11 28.96
N CYS B 481 11.80 -15.46 29.85
CA CYS B 481 11.30 -16.82 29.97
C CYS B 481 10.14 -17.04 29.01
N ARG B 482 10.25 -18.11 28.22
CA ARG B 482 9.13 -18.62 27.44
C ARG B 482 8.52 -19.78 28.21
N LEU B 483 7.23 -19.65 28.54
CA LEU B 483 6.55 -20.59 29.39
C LEU B 483 5.26 -21.05 28.70
N TYR B 484 4.78 -22.22 29.11
CA TYR B 484 3.45 -22.68 28.75
C TYR B 484 2.59 -22.72 30.00
N SER B 485 1.37 -22.24 29.89
CA SER B 485 0.49 -22.09 31.03
C SER B 485 -0.74 -22.98 30.86
N LEU B 486 -1.27 -23.42 31.98
CA LEU B 486 -2.47 -24.25 32.01
C LEU B 486 -3.35 -23.75 33.14
N SER B 487 -4.53 -23.26 32.80
CA SER B 487 -5.41 -22.71 33.82
C SER B 487 -6.12 -23.83 34.57
N VAL B 488 -6.68 -23.47 35.73
CA VAL B 488 -7.45 -24.42 36.52
C VAL B 488 -8.78 -24.72 35.85
N ASP B 489 -9.42 -23.69 35.29
CA ASP B 489 -10.74 -23.88 34.69
C ASP B 489 -10.67 -24.72 33.43
N ASN B 490 -9.64 -24.52 32.62
CA ASN B 490 -9.43 -25.38 31.47
C ASN B 490 -9.11 -26.81 31.89
N PHE B 491 -8.42 -26.98 33.01
CA PHE B 491 -8.13 -28.32 33.51
C PHE B 491 -9.39 -29.01 34.00
N ASN B 492 -10.32 -28.24 34.59
CA ASN B 492 -11.61 -28.79 34.97
C ASN B 492 -12.42 -29.17 33.74
N GLU B 493 -12.35 -28.36 32.69
CA GLU B 493 -13.03 -28.71 31.44
C GLU B 493 -12.46 -29.97 30.81
N VAL B 494 -11.15 -30.18 30.97
CA VAL B 494 -10.56 -31.43 30.50
C VAL B 494 -11.01 -32.61 31.36
N LEU B 495 -11.13 -32.39 32.67
CA LEU B 495 -11.62 -33.45 33.55
C LEU B 495 -13.10 -33.75 33.39
N GLU B 496 -13.88 -32.85 32.78
CA GLU B 496 -15.30 -33.12 32.56
C GLU B 496 -15.51 -34.31 31.64
N GLU B 497 -14.69 -34.44 30.60
CA GLU B 497 -14.88 -35.53 29.65
C GLU B 497 -14.21 -36.82 30.10
N TYR B 498 -13.25 -36.76 31.00
CA TYR B 498 -12.48 -37.91 31.44
C TYR B 498 -12.64 -38.07 32.95
N PRO B 499 -13.75 -38.63 33.40
CA PRO B 499 -14.00 -38.69 34.86
C PRO B 499 -13.15 -39.72 35.58
N MET B 500 -12.61 -40.72 34.87
CA MET B 500 -11.81 -41.74 35.52
C MET B 500 -10.49 -41.17 36.02
N MET B 501 -9.84 -40.33 35.21
CA MET B 501 -8.62 -39.69 35.66
C MET B 501 -8.90 -38.65 36.73
N ARG B 502 -10.11 -38.06 36.73
CA ARG B 502 -10.50 -37.17 37.81
C ARG B 502 -10.62 -37.92 39.13
N ARG B 503 -11.26 -39.10 39.11
CA ARG B 503 -11.33 -39.92 40.31
C ARG B 503 -9.96 -40.42 40.74
N ALA B 504 -9.08 -40.69 39.77
CA ALA B 504 -7.72 -41.10 40.10
C ALA B 504 -6.94 -39.96 40.76
N PHE B 505 -7.15 -38.73 40.30
CA PHE B 505 -6.51 -37.58 40.93
C PHE B 505 -7.09 -37.32 42.31
N GLU B 506 -8.38 -37.60 42.49
CA GLU B 506 -8.99 -37.51 43.83
C GLU B 506 -8.38 -38.52 44.79
N THR B 507 -8.12 -39.74 44.31
CA THR B 507 -7.56 -40.76 45.18
C THR B 507 -6.09 -40.50 45.49
N VAL B 508 -5.30 -40.11 44.47
CA VAL B 508 -3.88 -39.86 44.71
C VAL B 508 -3.70 -38.55 45.49
N ALA B 509 -4.64 -37.62 45.37
CA ALA B 509 -4.60 -36.39 46.16
C ALA B 509 -4.85 -36.64 47.64
N LEU B 510 -5.47 -37.76 47.98
CA LEU B 510 -5.69 -38.12 49.37
C LEU B 510 -4.40 -38.57 50.04
N MET C 16 48.20 -19.93 23.73
CA MET C 16 46.80 -19.97 24.10
C MET C 16 46.01 -20.88 23.16
N GLN C 17 46.07 -22.19 23.42
CA GLN C 17 45.34 -23.16 22.61
C GLN C 17 43.86 -23.23 22.98
N ARG C 18 43.49 -22.63 24.11
CA ARG C 18 42.09 -22.60 24.51
C ARG C 18 41.36 -21.36 24.00
N GLN C 19 42.06 -20.23 23.84
CA GLN C 19 41.41 -19.00 23.39
C GLN C 19 40.97 -19.10 21.94
N PHE C 20 41.78 -19.78 21.11
CA PHE C 20 41.41 -19.98 19.71
C PHE C 20 40.20 -20.89 19.58
N GLY C 21 40.10 -21.90 20.46
CA GLY C 21 38.91 -22.72 20.47
C GLY C 21 37.71 -22.01 21.05
N ALA C 22 37.93 -21.03 21.91
CA ALA C 22 36.83 -20.28 22.49
C ALA C 22 36.25 -19.29 21.50
N MET C 23 37.11 -18.65 20.69
CA MET C 23 36.63 -17.61 19.79
C MET C 23 35.84 -18.16 18.61
N LEU C 24 36.08 -19.42 18.24
CA LEU C 24 35.32 -20.00 17.14
C LEU C 24 33.92 -20.41 17.54
N GLN C 25 33.67 -20.57 18.78
CA GLN C 25 32.37 -20.98 19.27
C GLN C 25 31.49 -19.76 19.51
N PRO C 26 30.17 -19.89 19.31
CA PRO C 26 29.29 -18.72 19.48
C PRO C 26 29.15 -18.28 20.92
N GLY C 27 29.72 -17.13 21.24
CA GLY C 27 29.66 -16.62 22.60
C GLY C 27 28.28 -16.18 23.00
N VAL C 28 28.07 -16.11 24.31
CA VAL C 28 26.78 -15.68 24.85
C VAL C 28 26.72 -14.16 24.77
N ASN C 29 25.87 -13.66 23.89
CA ASN C 29 25.62 -12.22 23.79
C ASN C 29 24.13 -11.99 23.66
N LYS C 30 23.74 -10.77 23.27
CA LYS C 30 22.33 -10.48 23.03
C LYS C 30 21.80 -11.30 21.86
N PHE C 31 22.63 -11.48 20.83
CA PHE C 31 22.20 -12.17 19.62
C PHE C 31 22.00 -13.66 19.86
N SER C 32 22.93 -14.31 20.55
CA SER C 32 22.80 -15.75 20.76
C SER C 32 21.67 -16.05 21.74
N LEU C 33 21.49 -15.20 22.74
CA LEU C 33 20.38 -15.38 23.67
C LEU C 33 19.04 -15.11 23.00
N ARG C 34 19.01 -14.25 21.98
CA ARG C 34 17.74 -14.05 21.30
C ARG C 34 17.47 -15.13 20.27
N MET C 35 18.50 -15.67 19.62
CA MET C 35 18.29 -16.75 18.66
C MET C 35 17.99 -18.06 19.35
N PHE C 36 18.94 -18.56 20.14
CA PHE C 36 18.77 -19.88 20.74
C PHE C 36 17.81 -19.89 21.91
N GLY C 37 17.41 -18.72 22.40
CA GLY C 37 16.43 -18.64 23.47
C GLY C 37 17.04 -18.55 24.85
N SER C 38 17.73 -19.60 25.27
CA SER C 38 18.28 -19.66 26.62
C SER C 38 19.79 -19.80 26.56
N GLN C 39 20.42 -19.54 27.70
CA GLN C 39 21.86 -19.70 27.83
C GLN C 39 22.25 -21.17 27.80
N LYS C 40 21.35 -22.05 28.24
CA LYS C 40 21.58 -23.47 28.16
C LYS C 40 21.59 -23.97 26.72
N ALA C 41 20.75 -23.38 25.86
CA ALA C 41 20.77 -23.74 24.44
C ALA C 41 22.05 -23.26 23.77
N VAL C 42 22.59 -22.12 24.20
CA VAL C 42 23.84 -21.64 23.65
C VAL C 42 25.00 -22.52 24.10
N GLU C 43 24.94 -23.02 25.33
CA GLU C 43 25.97 -23.97 25.75
C GLU C 43 25.85 -25.30 25.03
N ARG C 44 24.62 -25.70 24.68
CA ARG C 44 24.45 -26.90 23.86
C ARG C 44 24.98 -26.69 22.45
N GLU C 45 24.83 -25.47 21.92
CA GLU C 45 25.40 -25.16 20.62
C GLU C 45 26.93 -25.13 20.67
N GLN C 46 27.49 -24.66 21.78
CA GLN C 46 28.94 -24.69 21.96
C GLN C 46 29.45 -26.13 22.03
N GLU C 47 28.69 -27.01 22.68
CA GLU C 47 29.07 -28.42 22.70
C GLU C 47 28.92 -29.07 21.34
N ARG C 48 27.96 -28.61 20.54
CA ARG C 48 27.82 -29.18 19.20
C ARG C 48 28.93 -28.69 18.27
N VAL C 49 29.44 -27.47 18.52
CA VAL C 49 30.62 -27.02 17.78
C VAL C 49 31.86 -27.79 18.24
N LYS C 50 31.95 -28.09 19.54
CA LYS C 50 33.10 -28.82 20.08
C LYS C 50 33.16 -30.25 19.53
N SER C 51 32.01 -30.90 19.39
CA SER C 51 31.97 -32.27 18.91
C SER C 51 31.81 -32.36 17.39
N ALA C 52 32.25 -31.36 16.65
CA ALA C 52 32.13 -31.38 15.19
C ALA C 52 33.38 -31.93 14.52
N GLY C 53 34.55 -31.43 14.89
CA GLY C 53 35.78 -31.93 14.30
C GLY C 53 36.93 -30.95 14.52
N PHE C 54 37.87 -30.98 13.60
CA PHE C 54 39.10 -30.20 13.71
C PHE C 54 38.78 -28.76 13.35
N TRP C 55 38.56 -27.92 14.38
CA TRP C 55 38.51 -26.46 14.28
C TRP C 55 37.41 -25.97 13.34
N ILE C 56 36.18 -26.26 13.71
CA ILE C 56 35.01 -25.86 12.93
C ILE C 56 34.54 -24.49 13.40
N ILE C 57 34.36 -23.58 12.47
CA ILE C 57 34.04 -22.19 12.78
C ILE C 57 32.53 -22.01 12.77
N HIS C 58 32.00 -21.48 13.86
CA HIS C 58 30.55 -21.29 13.84
C HIS C 58 30.22 -19.90 13.32
N PRO C 59 29.23 -19.77 12.42
CA PRO C 59 29.02 -18.49 11.74
C PRO C 59 28.39 -17.41 12.62
N TYR C 60 28.09 -17.68 13.88
CA TYR C 60 27.61 -16.65 14.79
C TYR C 60 28.66 -16.24 15.80
N SER C 61 29.91 -16.65 15.60
CA SER C 61 30.95 -16.44 16.59
C SER C 61 31.47 -15.01 16.53
N ASP C 62 32.55 -14.76 17.28
CA ASP C 62 33.18 -13.45 17.22
C ASP C 62 34.26 -13.40 16.15
N PHE C 63 34.98 -14.50 15.95
CA PHE C 63 36.03 -14.54 14.94
C PHE C 63 35.47 -14.39 13.55
N ARG C 64 34.34 -15.06 13.28
CA ARG C 64 33.70 -14.92 11.97
C ARG C 64 33.19 -13.50 11.76
N PHE C 65 32.77 -12.83 12.84
CA PHE C 65 32.34 -11.45 12.73
C PHE C 65 33.49 -10.51 12.38
N TYR C 66 34.59 -10.58 13.13
CA TYR C 66 35.70 -9.67 12.85
C TYR C 66 36.39 -10.02 11.53
N TRP C 67 36.38 -11.29 11.15
CA TRP C 67 36.93 -11.68 9.87
C TRP C 67 36.09 -11.14 8.73
N ASP C 68 34.77 -11.28 8.81
CA ASP C 68 33.90 -10.75 7.77
C ASP C 68 33.91 -9.24 7.74
N LEU C 69 34.15 -8.58 8.89
CA LEU C 69 34.29 -7.13 8.89
C LEU C 69 35.54 -6.69 8.13
N THR C 70 36.66 -7.38 8.36
CA THR C 70 37.87 -7.07 7.60
C THR C 70 37.69 -7.42 6.13
N MET C 71 36.91 -8.46 5.82
CA MET C 71 36.70 -8.78 4.41
C MET C 71 35.80 -7.75 3.73
N LEU C 72 34.82 -7.20 4.44
CA LEU C 72 34.01 -6.14 3.82
C LEU C 72 34.83 -4.88 3.60
N LEU C 73 35.66 -4.51 4.58
CA LEU C 73 36.53 -3.36 4.40
C LEU C 73 37.62 -3.59 3.37
N LEU C 74 37.91 -4.85 3.03
CA LEU C 74 38.83 -5.09 1.93
C LEU C 74 38.12 -5.14 0.58
N MET C 75 36.91 -5.71 0.54
CA MET C 75 36.19 -5.88 -0.72
C MET C 75 35.71 -4.55 -1.26
N VAL C 76 35.29 -3.63 -0.40
CA VAL C 76 34.84 -2.32 -0.89
C VAL C 76 36.00 -1.58 -1.54
N GLY C 77 37.17 -1.65 -0.90
CA GLY C 77 38.36 -1.06 -1.48
C GLY C 77 38.80 -1.73 -2.77
N ASN C 78 38.66 -3.06 -2.84
CA ASN C 78 39.04 -3.75 -4.06
C ASN C 78 38.10 -3.42 -5.21
N LEU C 79 36.79 -3.46 -4.96
CA LEU C 79 35.83 -3.17 -6.03
C LEU C 79 35.86 -1.72 -6.46
N ILE C 80 36.36 -0.80 -5.64
CA ILE C 80 36.52 0.57 -6.10
C ILE C 80 37.86 0.75 -6.83
N ILE C 81 38.96 0.23 -6.28
CA ILE C 81 40.28 0.54 -6.82
C ILE C 81 40.58 -0.26 -8.09
N ILE C 82 40.16 -1.53 -8.15
CA ILE C 82 40.61 -2.43 -9.21
C ILE C 82 40.15 -2.03 -10.61
N PRO C 83 38.88 -1.66 -10.87
CA PRO C 83 38.56 -1.20 -12.23
C PRO C 83 39.22 0.10 -12.63
N VAL C 84 39.48 1.01 -11.69
CA VAL C 84 40.17 2.24 -12.04
C VAL C 84 41.63 1.96 -12.36
N GLY C 85 42.22 1.00 -11.65
CA GLY C 85 43.59 0.64 -11.95
C GLY C 85 43.73 -0.12 -13.26
N ILE C 86 42.71 -0.87 -13.64
CA ILE C 86 42.77 -1.62 -14.88
C ILE C 86 42.52 -0.72 -16.08
N THR C 87 41.45 0.05 -16.06
CA THR C 87 41.04 0.71 -17.29
C THR C 87 41.83 1.98 -17.59
N PHE C 88 42.11 2.81 -16.59
CA PHE C 88 42.63 4.13 -16.88
C PHE C 88 44.15 4.20 -16.95
N PHE C 89 44.86 3.23 -16.39
CA PHE C 89 46.32 3.27 -16.37
C PHE C 89 46.88 2.28 -17.39
N LYS C 90 48.03 2.64 -17.95
CA LYS C 90 48.57 1.88 -19.07
C LYS C 90 49.49 0.76 -18.59
N ASP C 91 50.51 1.10 -17.82
CA ASP C 91 51.43 0.10 -17.27
C ASP C 91 50.87 -0.32 -15.90
N GLU C 92 50.16 -1.44 -15.88
CA GLU C 92 49.59 -1.97 -14.64
C GLU C 92 50.50 -3.00 -13.99
N ASN C 93 51.80 -2.85 -14.13
CA ASN C 93 52.77 -3.76 -13.52
C ASN C 93 53.75 -3.01 -12.62
N THR C 94 53.33 -1.87 -12.08
CA THR C 94 54.15 -1.17 -11.12
C THR C 94 54.16 -1.94 -9.80
N THR C 95 55.12 -1.60 -8.95
CA THR C 95 55.36 -2.39 -7.75
C THR C 95 54.25 -2.30 -6.70
N PRO C 96 53.72 -1.12 -6.30
CA PRO C 96 52.66 -1.14 -5.27
C PRO C 96 51.35 -1.72 -5.76
N TRP C 97 51.07 -1.67 -7.06
CA TRP C 97 49.88 -2.31 -7.60
C TRP C 97 49.97 -3.82 -7.49
N ILE C 98 51.15 -4.39 -7.78
CA ILE C 98 51.34 -5.83 -7.64
C ILE C 98 51.32 -6.23 -6.17
N VAL C 99 51.88 -5.39 -5.30
CA VAL C 99 51.83 -5.64 -3.85
C VAL C 99 50.39 -5.67 -3.36
N PHE C 100 49.59 -4.70 -3.80
CA PHE C 100 48.19 -4.61 -3.40
C PHE C 100 47.39 -5.82 -3.87
N ASN C 101 47.60 -6.24 -5.12
CA ASN C 101 46.89 -7.38 -5.64
C ASN C 101 47.29 -8.67 -4.95
N VAL C 102 48.57 -8.84 -4.63
CA VAL C 102 49.02 -10.08 -4.01
C VAL C 102 48.57 -10.15 -2.56
N VAL C 103 48.58 -9.02 -1.84
CA VAL C 103 48.09 -9.02 -0.46
C VAL C 103 46.58 -9.29 -0.42
N SER C 104 45.83 -8.66 -1.34
CA SER C 104 44.39 -8.91 -1.43
C SER C 104 44.10 -10.38 -1.75
N ASP C 105 44.78 -10.94 -2.76
CA ASP C 105 44.52 -12.32 -3.14
C ASP C 105 44.97 -13.31 -2.07
N THR C 106 45.96 -12.94 -1.27
CA THR C 106 46.34 -13.77 -0.13
C THR C 106 45.22 -13.80 0.90
N PHE C 107 44.64 -12.64 1.21
CA PHE C 107 43.49 -12.62 2.13
C PHE C 107 42.29 -13.37 1.57
N PHE C 108 42.07 -13.30 0.25
CA PHE C 108 40.91 -14.00 -0.30
C PHE C 108 41.14 -15.49 -0.40
N LEU C 109 42.38 -15.95 -0.56
CA LEU C 109 42.65 -17.38 -0.47
C LEU C 109 42.48 -17.88 0.96
N ILE C 110 42.90 -17.07 1.94
CA ILE C 110 42.67 -17.44 3.34
C ILE C 110 41.18 -17.53 3.64
N ASP C 111 40.39 -16.62 3.07
CA ASP C 111 38.95 -16.68 3.25
C ASP C 111 38.34 -17.89 2.53
N LEU C 112 38.89 -18.26 1.38
CA LEU C 112 38.39 -19.44 0.69
C LEU C 112 38.71 -20.72 1.45
N VAL C 113 39.85 -20.77 2.12
CA VAL C 113 40.15 -21.91 2.98
C VAL C 113 39.22 -21.93 4.19
N LEU C 114 38.99 -20.77 4.80
CA LEU C 114 38.13 -20.71 5.99
C LEU C 114 36.66 -20.95 5.67
N ASN C 115 36.25 -20.83 4.41
CA ASN C 115 34.88 -21.23 4.07
C ASN C 115 34.67 -22.74 4.15
N PHE C 116 35.73 -23.53 4.08
CA PHE C 116 35.62 -24.97 4.28
C PHE C 116 35.46 -25.36 5.75
N ARG C 117 35.48 -24.41 6.67
CA ARG C 117 35.33 -24.70 8.08
C ARG C 117 34.21 -23.89 8.73
N THR C 118 33.47 -23.10 7.97
CA THR C 118 32.39 -22.30 8.52
C THR C 118 31.08 -23.08 8.40
N GLY C 119 30.28 -23.05 9.46
CA GLY C 119 28.96 -23.62 9.37
C GLY C 119 28.05 -22.83 8.46
N ILE C 120 27.00 -23.48 7.99
CA ILE C 120 26.07 -22.88 7.05
C ILE C 120 24.71 -22.74 7.71
N VAL C 121 24.22 -21.51 7.80
CA VAL C 121 22.92 -21.23 8.40
C VAL C 121 21.88 -21.45 7.31
N VAL C 122 21.03 -22.44 7.51
CA VAL C 122 19.97 -22.75 6.55
C VAL C 122 18.66 -22.16 7.05
N GLU C 123 17.95 -21.45 6.16
CA GLU C 123 16.69 -20.81 6.52
C GLU C 123 15.51 -21.78 6.47
N ASP C 124 15.73 -23.02 6.04
CA ASP C 124 14.67 -24.01 5.98
C ASP C 124 14.48 -24.73 7.30
N ASN C 125 15.35 -24.49 8.28
CA ASN C 125 15.23 -25.10 9.59
C ASN C 125 15.93 -24.19 10.59
N THR C 126 15.98 -24.64 11.84
CA THR C 126 16.77 -23.99 12.87
C THR C 126 18.05 -24.76 13.18
N GLU C 127 18.46 -25.64 12.27
CA GLU C 127 19.62 -26.51 12.49
C GLU C 127 20.76 -26.01 11.61
N ILE C 128 21.76 -25.41 12.26
CA ILE C 128 22.95 -24.96 11.56
C ILE C 128 23.83 -26.17 11.25
N ILE C 129 24.21 -26.31 9.98
CA ILE C 129 24.99 -27.46 9.56
C ILE C 129 26.42 -27.31 10.04
N LEU C 130 26.90 -28.30 10.80
CA LEU C 130 28.28 -28.30 11.30
C LEU C 130 29.02 -29.57 10.93
N ASP C 131 28.44 -30.42 10.10
CA ASP C 131 29.12 -31.62 9.60
C ASP C 131 30.21 -31.18 8.62
N PRO C 132 31.48 -31.49 8.86
CA PRO C 132 32.55 -31.01 7.97
C PRO C 132 32.50 -31.60 6.57
N GLN C 133 31.92 -32.79 6.40
CA GLN C 133 31.77 -33.31 5.05
C GLN C 133 30.57 -32.70 4.36
N ARG C 134 29.49 -32.43 5.10
CA ARG C 134 28.31 -31.90 4.46
C ARG C 134 28.45 -30.42 4.12
N ILE C 135 29.25 -29.67 4.90
CA ILE C 135 29.52 -28.29 4.50
C ILE C 135 30.40 -28.27 3.26
N LYS C 136 31.29 -29.26 3.09
CA LYS C 136 32.09 -29.34 1.88
C LYS C 136 31.23 -29.68 0.68
N MET C 137 30.36 -30.68 0.82
CA MET C 137 29.49 -31.08 -0.28
C MET C 137 28.37 -30.09 -0.54
N LYS C 138 28.12 -29.14 0.36
CA LYS C 138 27.19 -28.06 0.04
C LYS C 138 27.91 -26.87 -0.58
N TYR C 139 29.10 -26.54 -0.09
CA TYR C 139 29.82 -25.38 -0.61
C TYR C 139 30.37 -25.64 -2.00
N LEU C 140 30.68 -26.90 -2.32
CA LEU C 140 31.07 -27.21 -3.69
C LEU C 140 29.89 -27.11 -4.64
N LYS C 141 28.71 -27.51 -4.18
CA LYS C 141 27.55 -27.47 -5.06
C LYS C 141 26.85 -26.12 -5.08
N SER C 142 27.27 -25.17 -4.23
CA SER C 142 26.56 -23.91 -4.14
C SER C 142 27.40 -22.72 -4.63
N TRP C 143 28.57 -22.47 -4.03
CA TRP C 143 29.29 -21.23 -4.33
C TRP C 143 30.79 -21.40 -4.43
N PHE C 144 31.29 -22.56 -4.85
CA PHE C 144 32.74 -22.72 -4.87
C PHE C 144 33.38 -22.13 -6.11
N MET C 145 32.71 -22.22 -7.26
CA MET C 145 33.34 -21.81 -8.51
C MET C 145 33.57 -20.31 -8.57
N VAL C 146 32.60 -19.53 -8.09
CA VAL C 146 32.70 -18.08 -8.13
C VAL C 146 33.81 -17.59 -7.21
N ASP C 147 33.88 -18.13 -6.01
CA ASP C 147 34.92 -17.73 -5.07
C ASP C 147 36.28 -18.22 -5.50
N PHE C 148 36.33 -19.39 -6.15
CA PHE C 148 37.62 -19.89 -6.62
C PHE C 148 38.13 -19.10 -7.81
N ILE C 149 37.25 -18.60 -8.67
CA ILE C 149 37.68 -17.72 -9.75
C ILE C 149 38.13 -16.39 -9.17
N SER C 150 37.32 -15.80 -8.29
CA SER C 150 37.63 -14.47 -7.78
C SER C 150 38.78 -14.46 -6.78
N SER C 151 39.22 -15.62 -6.29
CA SER C 151 40.32 -15.61 -5.34
C SER C 151 41.68 -15.66 -6.01
N ILE C 152 41.88 -16.59 -6.95
CA ILE C 152 43.22 -16.79 -7.51
C ILE C 152 43.51 -15.71 -8.56
N PRO C 153 44.73 -15.21 -8.61
CA PRO C 153 45.07 -14.22 -9.64
C PRO C 153 45.27 -14.88 -11.00
N VAL C 154 44.18 -15.05 -11.75
CA VAL C 154 44.19 -15.74 -13.03
C VAL C 154 45.04 -14.98 -14.05
N ASP C 155 45.10 -13.65 -13.93
CA ASP C 155 45.89 -12.85 -14.84
C ASP C 155 47.38 -13.10 -14.68
N TYR C 156 47.86 -13.19 -13.44
CA TYR C 156 49.29 -13.46 -13.22
C TYR C 156 49.64 -14.89 -13.59
N ILE C 157 48.70 -15.82 -13.43
CA ILE C 157 48.88 -17.19 -13.89
C ILE C 157 49.05 -17.21 -15.40
N PHE C 158 48.17 -16.50 -16.12
CA PHE C 158 48.27 -16.45 -17.57
C PHE C 158 49.54 -15.76 -18.03
N LEU C 159 49.98 -14.73 -17.30
CA LEU C 159 51.20 -14.01 -17.67
C LEU C 159 52.44 -14.88 -17.45
N ILE C 160 52.52 -15.55 -16.29
CA ILE C 160 53.67 -16.40 -15.99
C ILE C 160 53.72 -17.61 -16.91
N VAL C 161 52.56 -18.21 -17.20
CA VAL C 161 52.51 -19.35 -18.11
C VAL C 161 52.85 -18.93 -19.54
N GLU C 162 52.41 -17.75 -19.97
CA GLU C 162 52.73 -17.28 -21.31
C GLU C 162 54.22 -16.96 -21.46
N THR C 163 54.82 -16.38 -20.42
CA THR C 163 56.26 -16.14 -20.47
C THR C 163 57.06 -17.42 -20.30
N ARG C 164 56.50 -18.43 -19.65
CA ARG C 164 57.19 -19.72 -19.58
C ARG C 164 57.14 -20.43 -20.93
N ILE C 165 56.05 -20.27 -21.67
CA ILE C 165 55.96 -20.85 -23.00
C ILE C 165 56.90 -20.14 -23.96
N ASP C 166 56.91 -18.82 -23.96
CA ASP C 166 57.79 -18.06 -24.85
C ASP C 166 58.35 -16.88 -24.05
N SER C 167 59.66 -16.91 -23.79
CA SER C 167 60.29 -15.83 -23.02
C SER C 167 60.46 -14.56 -23.84
N GLU C 168 60.44 -14.66 -25.17
CA GLU C 168 60.65 -13.53 -26.07
C GLU C 168 59.37 -13.22 -26.84
N VAL C 169 58.23 -13.22 -26.14
CA VAL C 169 56.93 -13.13 -26.80
C VAL C 169 56.64 -11.72 -27.31
N TYR C 170 57.42 -10.72 -26.88
CA TYR C 170 57.19 -9.32 -27.25
C TYR C 170 57.73 -8.96 -28.63
N LYS C 171 58.03 -9.94 -29.48
CA LYS C 171 58.60 -9.64 -30.78
C LYS C 171 57.54 -9.04 -31.71
N THR C 172 56.45 -9.76 -31.93
CA THR C 172 55.39 -9.30 -32.82
C THR C 172 54.37 -8.50 -32.00
N ALA C 173 53.21 -8.24 -32.59
CA ALA C 173 52.10 -7.61 -31.90
C ALA C 173 51.23 -8.60 -31.15
N ARG C 174 51.70 -9.84 -30.99
CA ARG C 174 50.95 -10.83 -30.22
C ARG C 174 50.97 -10.49 -28.72
N ALA C 175 52.05 -9.87 -28.25
CA ALA C 175 52.13 -9.45 -26.86
C ALA C 175 51.12 -8.34 -26.54
N LEU C 176 50.76 -7.54 -27.54
CA LEU C 176 49.68 -6.58 -27.37
C LEU C 176 48.37 -7.28 -27.07
N ARG C 177 48.08 -8.37 -27.81
CA ARG C 177 46.91 -9.18 -27.53
C ARG C 177 47.01 -9.86 -26.17
N ILE C 178 48.22 -10.23 -25.75
CA ILE C 178 48.42 -10.79 -24.42
C ILE C 178 48.10 -9.78 -23.34
N VAL C 179 48.47 -8.50 -23.56
CA VAL C 179 48.19 -7.47 -22.57
C VAL C 179 46.70 -7.15 -22.50
N ARG C 180 46.04 -7.12 -23.66
CA ARG C 180 44.59 -6.94 -23.69
C ARG C 180 43.87 -8.08 -22.96
N PHE C 181 44.34 -9.31 -23.17
CA PHE C 181 43.70 -10.45 -22.52
C PHE C 181 44.05 -10.51 -21.04
N THR C 182 45.19 -9.96 -20.64
CA THR C 182 45.51 -9.82 -19.23
C THR C 182 44.58 -8.83 -18.55
N LYS C 183 44.34 -7.68 -19.19
CA LYS C 183 43.37 -6.73 -18.64
C LYS C 183 41.95 -7.26 -18.63
N ILE C 184 41.60 -8.14 -19.56
CA ILE C 184 40.27 -8.74 -19.48
C ILE C 184 40.20 -9.74 -18.33
N LEU C 185 41.21 -10.61 -18.19
CA LEU C 185 41.17 -11.64 -17.14
C LEU C 185 41.29 -11.04 -15.75
N SER C 186 41.91 -9.87 -15.62
CA SER C 186 42.02 -9.25 -14.31
C SER C 186 40.70 -8.66 -13.82
N LEU C 187 39.65 -8.65 -14.64
CA LEU C 187 38.32 -8.28 -14.19
C LEU C 187 37.57 -9.46 -13.57
N LEU C 188 38.19 -10.63 -13.48
CA LEU C 188 37.60 -11.72 -12.72
C LEU C 188 37.66 -11.48 -11.22
N ARG C 189 38.42 -10.50 -10.76
CA ARG C 189 38.36 -10.05 -9.39
C ARG C 189 37.08 -9.31 -9.05
N LEU C 190 36.23 -9.00 -10.03
CA LEU C 190 34.97 -8.35 -9.72
C LEU C 190 33.88 -9.35 -9.37
N LEU C 191 34.20 -10.65 -9.31
CA LEU C 191 33.26 -11.63 -8.78
C LEU C 191 33.32 -11.73 -7.27
N ARG C 192 34.06 -10.84 -6.61
CA ARG C 192 34.03 -10.76 -5.16
C ARG C 192 32.78 -10.06 -4.68
N LEU C 193 31.99 -9.51 -5.61
CA LEU C 193 30.69 -8.94 -5.33
C LEU C 193 29.74 -9.99 -4.76
N SER C 194 29.92 -11.25 -5.16
CA SER C 194 29.08 -12.32 -4.61
C SER C 194 29.35 -12.52 -3.13
N ARG C 195 30.63 -12.51 -2.73
CA ARG C 195 30.94 -12.63 -1.31
C ARG C 195 30.57 -11.38 -0.55
N LEU C 196 30.64 -10.21 -1.20
CA LEU C 196 30.20 -8.97 -0.58
C LEU C 196 28.71 -9.01 -0.27
N ILE C 197 27.89 -9.44 -1.24
CA ILE C 197 26.46 -9.51 -1.05
C ILE C 197 26.10 -10.58 -0.03
N ARG C 198 26.74 -11.75 -0.11
CA ARG C 198 26.44 -12.81 0.86
C ARG C 198 26.91 -12.49 2.27
N TYR C 199 27.92 -11.65 2.44
CA TYR C 199 28.29 -11.30 3.80
C TYR C 199 27.40 -10.19 4.33
N ILE C 200 27.02 -9.23 3.48
CA ILE C 200 26.21 -8.11 3.94
C ILE C 200 24.81 -8.57 4.30
N HIS C 201 24.21 -9.48 3.51
CA HIS C 201 22.90 -10.02 3.90
C HIS C 201 22.99 -10.85 5.17
N GLN C 202 24.06 -11.63 5.32
CA GLN C 202 24.22 -12.50 6.48
C GLN C 202 24.40 -11.72 7.76
N TRP C 203 25.04 -10.55 7.72
CA TRP C 203 25.14 -9.77 8.94
C TRP C 203 24.02 -8.76 9.12
N GLU C 204 23.35 -8.35 8.04
CA GLU C 204 22.20 -7.48 8.22
C GLU C 204 21.01 -8.24 8.79
N GLU C 205 20.90 -9.55 8.52
CA GLU C 205 19.85 -10.33 9.17
C GLU C 205 20.08 -10.38 10.67
N ILE C 206 21.34 -10.53 11.07
CA ILE C 206 21.72 -10.57 12.48
C ILE C 206 21.47 -9.22 13.14
N PHE C 207 21.76 -8.13 12.43
CA PHE C 207 21.50 -6.82 13.00
C PHE C 207 20.04 -6.40 12.93
N HIS C 208 19.22 -7.03 12.09
CA HIS C 208 17.78 -6.92 12.28
C HIS C 208 17.34 -7.62 13.56
N MET C 209 17.93 -8.79 13.83
CA MET C 209 17.57 -9.54 15.03
C MET C 209 17.96 -8.81 16.31
N THR C 210 19.11 -8.14 16.33
CA THR C 210 19.52 -7.49 17.57
C THR C 210 18.92 -6.11 17.76
N TYR C 211 19.13 -5.20 16.83
CA TYR C 211 18.99 -3.78 17.12
C TYR C 211 17.67 -3.16 16.70
N ASP C 212 16.88 -3.86 15.89
CA ASP C 212 15.55 -3.44 15.44
C ASP C 212 15.59 -2.08 14.72
N LEU C 213 16.26 -2.10 13.57
CA LEU C 213 16.26 -0.97 12.66
C LEU C 213 15.21 -1.20 11.59
N ALA C 214 14.67 -0.12 11.05
CA ALA C 214 13.60 -0.21 10.06
C ALA C 214 14.09 -0.89 8.79
N SER C 215 13.26 -1.78 8.25
CA SER C 215 13.67 -2.60 7.12
C SER C 215 13.81 -1.78 5.84
N ALA C 216 12.95 -0.78 5.67
CA ALA C 216 13.02 0.04 4.47
C ALA C 216 14.29 0.87 4.43
N VAL C 217 14.78 1.31 5.60
CA VAL C 217 16.03 2.05 5.66
C VAL C 217 17.20 1.17 5.27
N VAL C 218 17.21 -0.08 5.74
CA VAL C 218 18.29 -1.00 5.43
C VAL C 218 18.29 -1.35 3.96
N ARG C 219 17.11 -1.61 3.39
CA ARG C 219 17.05 -1.95 1.98
C ARG C 219 17.38 -0.77 1.09
N ILE C 220 17.05 0.45 1.51
CA ILE C 220 17.37 1.57 0.65
C ILE C 220 18.85 1.94 0.77
N VAL C 221 19.49 1.65 1.91
CA VAL C 221 20.94 1.81 2.01
C VAL C 221 21.66 0.80 1.14
N ASN C 222 21.16 -0.45 1.11
CA ASN C 222 21.70 -1.46 0.22
C ASN C 222 21.56 -1.05 -1.24
N LEU C 223 20.42 -0.48 -1.60
CA LEU C 223 20.21 -0.09 -3.00
C LEU C 223 21.06 1.11 -3.38
N ILE C 224 21.26 2.06 -2.46
CA ILE C 224 22.14 3.19 -2.74
C ILE C 224 23.58 2.73 -2.92
N GLY C 225 23.99 1.72 -2.13
CA GLY C 225 25.30 1.14 -2.34
C GLY C 225 25.46 0.47 -3.68
N MET C 226 24.47 -0.32 -4.10
CA MET C 226 24.54 -0.96 -5.41
C MET C 226 24.44 0.04 -6.54
N MET C 227 23.70 1.13 -6.37
CA MET C 227 23.62 2.13 -7.43
C MET C 227 24.94 2.86 -7.60
N LEU C 228 25.60 3.20 -6.49
CA LEU C 228 26.93 3.83 -6.60
C LEU C 228 27.93 2.87 -7.22
N LEU C 229 27.88 1.59 -6.85
CA LEU C 229 28.85 0.65 -7.38
C LEU C 229 28.62 0.36 -8.86
N LEU C 230 27.35 0.28 -9.29
CA LEU C 230 27.09 0.03 -10.70
C LEU C 230 27.34 1.26 -11.55
N CYS C 231 27.11 2.46 -11.01
CA CYS C 231 27.48 3.66 -11.74
C CYS C 231 28.99 3.74 -11.91
N HIS C 232 29.74 3.35 -10.88
CA HIS C 232 31.19 3.35 -10.95
C HIS C 232 31.71 2.33 -11.96
N TRP C 233 31.16 1.12 -11.92
CA TRP C 233 31.58 0.10 -12.88
C TRP C 233 31.18 0.44 -14.30
N ASP C 234 30.03 1.08 -14.50
CA ASP C 234 29.64 1.43 -15.85
C ASP C 234 30.50 2.57 -16.38
N GLY C 235 30.88 3.51 -15.51
CA GLY C 235 31.82 4.53 -15.90
C GLY C 235 33.18 3.99 -16.24
N CYS C 236 33.62 2.94 -15.55
CA CYS C 236 34.87 2.31 -15.93
C CYS C 236 34.73 1.54 -17.24
N LEU C 237 33.57 0.93 -17.46
CA LEU C 237 33.38 0.08 -18.64
C LEU C 237 33.32 0.90 -19.91
N GLN C 238 32.67 2.06 -19.86
CA GLN C 238 32.54 2.89 -21.05
C GLN C 238 33.83 3.60 -21.41
N PHE C 239 34.86 3.52 -20.58
CA PHE C 239 36.19 3.88 -21.01
C PHE C 239 37.02 2.66 -21.35
N LEU C 240 36.72 1.51 -20.74
CA LEU C 240 37.48 0.29 -20.99
C LEU C 240 37.32 -0.18 -22.42
N VAL C 241 36.08 -0.28 -22.88
CA VAL C 241 35.81 -0.83 -24.21
C VAL C 241 36.35 0.06 -25.33
N PRO C 242 36.31 1.39 -25.28
CA PRO C 242 37.12 2.15 -26.23
C PRO C 242 38.62 2.05 -26.00
N MET C 243 39.08 1.67 -24.80
CA MET C 243 40.53 1.59 -24.60
C MET C 243 41.09 0.30 -25.19
N LEU C 244 40.31 -0.78 -25.13
CA LEU C 244 40.76 -2.05 -25.70
C LEU C 244 40.68 -2.05 -27.21
N GLN C 245 40.03 -1.07 -27.82
CA GLN C 245 40.01 -0.94 -29.27
C GLN C 245 41.02 0.09 -29.75
N ASP C 246 41.95 0.50 -28.87
CA ASP C 246 42.99 1.51 -29.14
C ASP C 246 42.42 2.84 -29.62
N PHE C 247 41.26 3.21 -29.06
CA PHE C 247 40.55 4.46 -29.28
C PHE C 247 40.30 4.77 -30.75
N PRO C 248 39.37 4.09 -31.40
CA PRO C 248 39.06 4.43 -32.79
C PRO C 248 38.40 5.78 -32.89
N ASP C 249 38.37 6.32 -34.11
CA ASP C 249 37.92 7.69 -34.33
C ASP C 249 36.41 7.86 -34.25
N ASP C 250 35.66 6.84 -33.85
CA ASP C 250 34.24 6.97 -33.61
C ASP C 250 33.84 6.74 -32.16
N CYS C 251 34.79 6.45 -31.29
CA CYS C 251 34.43 6.34 -29.88
C CYS C 251 34.25 7.72 -29.29
N TRP C 252 33.64 7.77 -28.11
CA TRP C 252 33.42 9.07 -27.47
C TRP C 252 34.70 9.69 -26.95
N VAL C 253 35.76 8.91 -26.78
CA VAL C 253 36.99 9.47 -26.25
C VAL C 253 37.69 10.31 -27.29
N SER C 254 37.84 9.78 -28.50
CA SER C 254 38.58 10.50 -29.52
C SER C 254 37.77 11.63 -30.13
N ILE C 255 36.44 11.53 -30.10
CA ILE C 255 35.60 12.62 -30.58
C ILE C 255 35.73 13.84 -29.66
N ASN C 256 35.80 13.60 -28.36
CA ASN C 256 35.94 14.70 -27.41
C ASN C 256 37.39 15.16 -27.26
N ASN C 257 38.32 14.58 -28.03
CA ASN C 257 39.74 14.95 -28.05
C ASN C 257 40.38 14.80 -26.68
N MET C 258 39.92 13.82 -25.91
CA MET C 258 40.35 13.62 -24.54
C MET C 258 41.03 12.27 -24.37
N VAL C 259 41.77 11.85 -25.41
CA VAL C 259 42.59 10.65 -25.32
C VAL C 259 43.77 10.89 -24.40
N ASN C 260 44.40 12.04 -24.51
CA ASN C 260 45.65 12.33 -23.82
C ASN C 260 45.48 13.24 -22.61
N ASN C 261 44.27 13.31 -22.04
CA ASN C 261 44.12 14.05 -20.80
C ASN C 261 44.60 13.21 -19.64
N SER C 262 44.55 13.81 -18.44
CA SER C 262 44.88 13.07 -17.24
C SER C 262 43.78 12.06 -16.93
N TRP C 263 44.12 11.08 -16.10
CA TRP C 263 43.17 10.03 -15.78
C TRP C 263 42.02 10.53 -14.92
N GLY C 264 42.23 11.62 -14.20
CA GLY C 264 41.15 12.20 -13.43
C GLY C 264 40.05 12.78 -14.31
N LYS C 265 40.43 13.48 -15.37
CA LYS C 265 39.43 14.05 -16.27
C LYS C 265 38.71 12.96 -17.05
N GLN C 266 39.44 11.92 -17.44
CA GLN C 266 38.84 10.78 -18.13
C GLN C 266 37.84 10.07 -17.23
N TYR C 267 38.22 9.83 -15.98
CA TYR C 267 37.29 9.18 -15.05
C TYR C 267 36.10 10.05 -14.72
N SER C 268 36.30 11.38 -14.60
CA SER C 268 35.20 12.27 -14.31
C SER C 268 34.18 12.29 -15.44
N TYR C 269 34.66 12.40 -16.68
CA TYR C 269 33.70 12.48 -17.78
C TYR C 269 33.06 11.12 -18.07
N ALA C 270 33.77 10.02 -17.82
CA ALA C 270 33.18 8.70 -18.01
C ALA C 270 32.12 8.43 -16.95
N LEU C 271 32.41 8.79 -15.70
CA LEU C 271 31.44 8.63 -14.63
C LEU C 271 30.25 9.55 -14.85
N PHE C 272 30.49 10.70 -15.51
CA PHE C 272 29.40 11.58 -15.89
C PHE C 272 28.50 10.94 -16.94
N LYS C 273 29.08 10.24 -17.91
CA LYS C 273 28.25 9.53 -18.89
C LYS C 273 27.42 8.44 -18.24
N ALA C 274 28.04 7.68 -17.32
CA ALA C 274 27.32 6.61 -16.64
C ALA C 274 26.20 7.16 -15.76
N MET C 275 26.47 8.24 -15.02
CA MET C 275 25.45 8.80 -14.15
C MET C 275 24.38 9.53 -14.95
N SER C 276 24.73 10.04 -16.13
CA SER C 276 23.72 10.66 -16.99
C SER C 276 22.75 9.63 -17.52
N HIS C 277 23.26 8.47 -17.92
CA HIS C 277 22.36 7.42 -18.36
C HIS C 277 21.79 6.61 -17.21
N MET C 278 22.18 6.89 -15.97
CA MET C 278 21.52 6.24 -14.85
C MET C 278 20.35 7.03 -14.29
N LEU C 279 20.56 8.30 -13.97
CA LEU C 279 19.52 9.13 -13.37
C LEU C 279 18.65 9.83 -14.41
N CYS C 280 18.55 9.24 -15.61
CA CYS C 280 17.55 9.57 -16.62
C CYS C 280 17.74 10.98 -17.20
N ILE C 281 18.98 11.31 -17.55
CA ILE C 281 19.24 12.65 -18.08
C ILE C 281 19.72 12.58 -19.52
N GLY C 282 20.90 12.01 -19.72
CA GLY C 282 21.55 11.91 -21.02
C GLY C 282 21.94 13.24 -21.63
N TYR C 283 22.76 13.24 -22.67
CA TYR C 283 23.71 12.21 -23.11
C TYR C 283 25.08 12.53 -22.56
N GLY C 284 26.11 12.05 -23.25
CA GLY C 284 27.43 12.62 -23.06
C GLY C 284 27.54 13.94 -23.82
N ARG C 285 28.59 14.13 -24.62
CA ARG C 285 28.61 15.34 -25.47
C ARG C 285 27.57 15.24 -26.56
N GLN C 286 27.72 14.27 -27.45
CA GLN C 286 26.77 14.03 -28.52
C GLN C 286 26.18 12.64 -28.36
N ALA C 287 25.34 12.27 -29.31
CA ALA C 287 24.81 10.92 -29.38
C ALA C 287 25.93 9.94 -29.70
N PRO C 288 25.79 8.67 -29.30
CA PRO C 288 26.79 7.67 -29.68
C PRO C 288 26.83 7.45 -31.19
N VAL C 289 28.02 7.11 -31.70
CA VAL C 289 28.24 7.00 -33.13
C VAL C 289 28.66 5.59 -33.51
N GLY C 290 29.74 5.11 -32.93
CA GLY C 290 30.23 3.79 -33.26
C GLY C 290 29.37 2.69 -32.66
N MET C 291 29.52 1.49 -33.19
CA MET C 291 28.68 0.38 -32.75
C MET C 291 29.06 -0.12 -31.35
N SER C 292 30.25 0.22 -30.87
CA SER C 292 30.54 -0.05 -29.47
C SER C 292 29.72 0.84 -28.57
N ASP C 293 29.73 2.16 -28.86
CA ASP C 293 29.11 3.12 -27.97
C ASP C 293 27.60 3.01 -27.94
N VAL C 294 26.98 2.60 -29.05
CA VAL C 294 25.53 2.49 -29.09
C VAL C 294 25.07 1.37 -28.18
N TRP C 295 25.69 0.20 -28.28
CA TRP C 295 25.27 -0.91 -27.44
C TRP C 295 25.69 -0.73 -25.99
N LEU C 296 26.83 -0.07 -25.74
CA LEU C 296 27.18 0.22 -24.36
C LEU C 296 26.25 1.26 -23.74
N THR C 297 25.80 2.23 -24.53
CA THR C 297 24.88 3.22 -24.01
C THR C 297 23.52 2.59 -23.75
N MET C 298 23.10 1.66 -24.60
CA MET C 298 21.85 0.95 -24.33
C MET C 298 21.95 0.06 -23.11
N LEU C 299 23.10 -0.56 -22.88
CA LEU C 299 23.30 -1.34 -21.67
C LEU C 299 23.26 -0.47 -20.42
N SER C 300 23.94 0.69 -20.46
CA SER C 300 23.93 1.57 -19.31
C SER C 300 22.56 2.18 -19.07
N MET C 301 21.81 2.42 -20.14
CA MET C 301 20.45 2.92 -19.99
C MET C 301 19.54 1.89 -19.35
N ILE C 302 19.66 0.62 -19.73
CA ILE C 302 18.85 -0.43 -19.12
C ILE C 302 19.18 -0.59 -17.65
N VAL C 303 20.48 -0.65 -17.32
CA VAL C 303 20.89 -0.83 -15.93
C VAL C 303 20.49 0.37 -15.09
N GLY C 304 20.68 1.58 -15.61
CA GLY C 304 20.35 2.76 -14.83
C GLY C 304 18.86 2.98 -14.66
N ALA C 305 18.08 2.68 -15.69
CA ALA C 305 16.63 2.82 -15.57
C ALA C 305 16.06 1.79 -14.62
N THR C 306 16.62 0.58 -14.63
CA THR C 306 16.19 -0.44 -13.67
C THR C 306 16.53 -0.04 -12.24
N CYS C 307 17.75 0.45 -12.01
CA CYS C 307 18.15 0.85 -10.66
C CYS C 307 17.36 2.06 -10.18
N TYR C 308 17.04 2.99 -11.08
CA TYR C 308 16.28 4.16 -10.64
C TYR C 308 14.82 3.82 -10.41
N ALA C 309 14.26 2.87 -11.16
CA ALA C 309 12.90 2.43 -10.88
C ALA C 309 12.83 1.71 -9.55
N MET C 310 13.85 0.90 -9.23
CA MET C 310 13.87 0.27 -7.92
C MET C 310 14.10 1.29 -6.81
N PHE C 311 14.80 2.38 -7.10
CA PHE C 311 14.97 3.44 -6.10
C PHE C 311 13.66 4.15 -5.83
N ILE C 312 12.86 4.40 -6.87
CA ILE C 312 11.54 4.99 -6.65
C ILE C 312 10.66 4.02 -5.88
N GLY C 313 10.79 2.73 -6.13
CA GLY C 313 10.02 1.74 -5.38
C GLY C 313 10.37 1.69 -3.90
N HIS C 314 11.67 1.68 -3.59
CA HIS C 314 12.08 1.68 -2.19
C HIS C 314 11.77 3.00 -1.51
N ALA C 315 11.80 4.11 -2.23
CA ALA C 315 11.42 5.38 -1.62
C ALA C 315 9.93 5.42 -1.31
N THR C 316 9.11 4.83 -2.19
CA THR C 316 7.67 4.78 -1.92
C THR C 316 7.36 3.87 -0.74
N ALA C 317 8.04 2.73 -0.66
CA ALA C 317 7.85 1.84 0.47
C ALA C 317 8.36 2.44 1.77
N LEU C 318 9.36 3.31 1.70
CA LEU C 318 9.81 4.02 2.89
C LEU C 318 8.79 5.06 3.32
N ILE C 319 8.25 5.82 2.36
CA ILE C 319 7.33 6.90 2.68
C ILE C 319 6.00 6.37 3.20
N GLN C 320 5.54 5.23 2.71
CA GLN C 320 4.28 4.71 3.22
C GLN C 320 4.38 4.10 4.60
N SER C 321 5.56 4.03 5.20
CA SER C 321 5.70 3.54 6.57
C SER C 321 6.02 4.62 7.57
N LEU C 322 5.91 5.90 7.19
CA LEU C 322 6.29 6.96 8.11
C LEU C 322 5.12 7.42 8.98
N ASP C 323 3.92 7.45 8.43
CA ASP C 323 2.75 7.92 9.16
C ASP C 323 1.65 6.87 9.10
N SER C 324 2.02 5.63 9.42
CA SER C 324 1.10 4.50 9.28
C SER C 324 -0.06 4.59 10.26
N SER C 325 0.19 5.06 11.48
CA SER C 325 -0.89 5.15 12.46
C SER C 325 -1.88 6.24 12.09
N ARG C 326 -1.39 7.38 11.63
CA ARG C 326 -2.29 8.46 11.25
C ARG C 326 -3.03 8.13 9.95
N ARG C 327 -2.37 7.39 9.05
CA ARG C 327 -3.04 6.91 7.85
C ARG C 327 -4.15 5.93 8.18
N GLN C 328 -3.91 5.03 9.14
CA GLN C 328 -4.95 4.10 9.56
C GLN C 328 -6.09 4.82 10.26
N TYR C 329 -5.78 5.90 10.99
CA TYR C 329 -6.84 6.73 11.56
C TYR C 329 -7.70 7.36 10.48
N GLN C 330 -7.07 7.89 9.43
CA GLN C 330 -7.86 8.52 8.40
C GLN C 330 -8.66 7.52 7.57
N GLU C 331 -8.16 6.30 7.41
CA GLU C 331 -8.97 5.26 6.76
C GLU C 331 -10.17 4.90 7.61
N LYS C 332 -9.98 4.78 8.93
CA LYS C 332 -11.10 4.50 9.83
C LYS C 332 -12.12 5.63 9.80
N TYR C 333 -11.66 6.88 9.78
CA TYR C 333 -12.62 7.98 9.80
C TYR C 333 -13.32 8.13 8.45
N LYS C 334 -12.68 7.74 7.34
CA LYS C 334 -13.41 7.72 6.10
C LYS C 334 -14.47 6.63 6.06
N GLN C 335 -14.21 5.50 6.73
CA GLN C 335 -15.26 4.50 6.88
C GLN C 335 -16.42 5.03 7.73
N VAL C 336 -16.11 5.81 8.75
CA VAL C 336 -17.18 6.38 9.57
C VAL C 336 -17.95 7.44 8.81
N GLU C 337 -17.28 8.19 7.92
CA GLU C 337 -17.97 9.13 7.04
C GLU C 337 -18.92 8.41 6.10
N GLN C 338 -18.49 7.25 5.59
CA GLN C 338 -19.40 6.46 4.76
C GLN C 338 -20.58 5.91 5.56
N TYR C 339 -20.34 5.51 6.81
CA TYR C 339 -21.44 5.05 7.67
C TYR C 339 -22.44 6.16 7.93
N MET C 340 -21.96 7.38 8.13
CA MET C 340 -22.88 8.49 8.34
C MET C 340 -23.61 8.86 7.06
N SER C 341 -22.95 8.71 5.91
CA SER C 341 -23.62 9.02 4.65
C SER C 341 -24.63 7.95 4.28
N PHE C 342 -24.45 6.72 4.77
CA PHE C 342 -25.33 5.62 4.37
C PHE C 342 -26.69 5.72 5.06
N HIS C 343 -26.71 6.12 6.32
CA HIS C 343 -27.95 6.27 7.06
C HIS C 343 -28.49 7.69 7.01
N LYS C 344 -27.82 8.59 6.28
CA LYS C 344 -28.28 9.95 6.00
C LYS C 344 -28.49 10.75 7.28
N LEU C 345 -27.48 10.73 8.14
CA LEU C 345 -27.55 11.40 9.42
C LEU C 345 -27.52 12.92 9.23
N PRO C 346 -28.17 13.67 10.12
CA PRO C 346 -28.14 15.13 10.01
C PRO C 346 -26.76 15.67 10.32
N PRO C 347 -26.42 16.88 9.83
CA PRO C 347 -25.05 17.37 9.99
C PRO C 347 -24.65 17.70 11.42
N ASP C 348 -25.62 17.89 12.31
CA ASP C 348 -25.30 18.15 13.72
C ASP C 348 -24.68 16.92 14.37
N THR C 349 -25.29 15.75 14.14
CA THR C 349 -24.71 14.51 14.64
C THR C 349 -23.38 14.20 13.97
N ARG C 350 -23.20 14.62 12.72
CA ARG C 350 -21.91 14.41 12.06
C ARG C 350 -20.81 15.26 12.71
N GLN C 351 -21.16 16.49 13.10
CA GLN C 351 -20.20 17.31 13.83
C GLN C 351 -19.91 16.72 15.21
N ARG C 352 -20.92 16.12 15.84
CA ARG C 352 -20.71 15.47 17.14
C ARG C 352 -19.77 14.27 17.02
N ILE C 353 -19.97 13.44 16.00
CA ILE C 353 -19.12 12.26 15.83
C ILE C 353 -17.70 12.67 15.43
N HIS C 354 -17.58 13.75 14.65
CA HIS C 354 -16.26 14.25 14.28
C HIS C 354 -15.49 14.76 15.49
N ASP C 355 -16.18 15.51 16.36
CA ASP C 355 -15.55 15.97 17.59
C ASP C 355 -15.20 14.82 18.52
N TYR C 356 -16.01 13.76 18.51
CA TYR C 356 -15.73 12.61 19.36
C TYR C 356 -14.47 11.88 18.89
N TYR C 357 -14.31 11.71 17.58
CA TYR C 357 -13.10 11.04 17.12
C TYR C 357 -11.88 11.95 17.19
N GLU C 358 -12.07 13.27 17.18
CA GLU C 358 -10.95 14.13 17.44
C GLU C 358 -10.51 14.08 18.90
N HIS C 359 -11.47 13.89 19.82
CA HIS C 359 -11.13 13.89 21.23
C HIS C 359 -11.01 12.50 21.83
N ARG C 360 -11.08 11.46 21.01
CA ARG C 360 -10.95 10.09 21.50
C ARG C 360 -9.62 9.47 21.14
N TYR C 361 -9.26 9.47 19.85
CA TYR C 361 -8.02 8.87 19.39
C TYR C 361 -6.91 9.87 19.20
N GLN C 362 -7.24 11.16 19.16
CA GLN C 362 -6.31 12.27 18.90
C GLN C 362 -5.55 12.07 17.59
N GLY C 363 -6.29 11.78 16.53
CA GLY C 363 -5.75 11.76 15.20
C GLY C 363 -4.97 10.53 14.82
N LYS C 364 -4.76 9.58 15.74
CA LYS C 364 -4.00 8.39 15.43
C LYS C 364 -4.68 7.16 16.04
N MET C 365 -4.65 6.07 15.28
CA MET C 365 -5.39 4.86 15.59
C MET C 365 -4.60 3.98 16.56
N PHE C 366 -5.28 3.49 17.59
CA PHE C 366 -4.75 2.48 18.48
C PHE C 366 -5.92 1.70 19.05
N ASP C 367 -5.73 0.41 19.24
CA ASP C 367 -6.77 -0.47 19.77
C ASP C 367 -6.35 -0.89 21.18
N GLU C 368 -7.06 -0.39 22.18
CA GLU C 368 -6.68 -0.63 23.57
C GLU C 368 -6.86 -2.09 23.96
N GLU C 369 -7.95 -2.71 23.50
CA GLU C 369 -8.27 -4.07 23.93
C GLU C 369 -7.26 -5.08 23.39
N SER C 370 -6.89 -4.95 22.12
CA SER C 370 -5.94 -5.89 21.54
C SER C 370 -4.55 -5.69 22.12
N ILE C 371 -4.17 -4.45 22.42
CA ILE C 371 -2.85 -4.17 22.98
C ILE C 371 -2.76 -4.71 24.41
N LEU C 372 -3.79 -4.48 25.22
CA LEU C 372 -3.79 -5.06 26.56
C LEU C 372 -3.94 -6.57 26.54
N GLY C 373 -4.49 -7.14 25.45
CA GLY C 373 -4.50 -8.59 25.33
C GLY C 373 -3.17 -9.18 24.94
N GLU C 374 -2.40 -8.49 24.11
CA GLU C 374 -1.12 -9.02 23.66
C GLU C 374 -0.04 -8.97 24.72
N LEU C 375 -0.18 -8.07 25.70
CA LEU C 375 0.84 -7.96 26.73
C LEU C 375 0.75 -9.13 27.70
N SER C 376 1.79 -9.27 28.51
CA SER C 376 1.80 -10.29 29.55
C SER C 376 1.00 -9.80 30.75
N GLU C 377 1.03 -10.58 31.82
CA GLU C 377 0.27 -10.20 33.01
C GLU C 377 0.92 -9.09 33.83
N PRO C 378 2.23 -9.10 34.14
CA PRO C 378 2.75 -7.99 34.96
C PRO C 378 2.78 -6.64 34.25
N LEU C 379 2.97 -6.60 32.93
CA LEU C 379 2.90 -5.32 32.23
C LEU C 379 1.49 -4.77 32.23
N ARG C 380 0.50 -5.65 32.07
CA ARG C 380 -0.89 -5.25 32.14
C ARG C 380 -1.22 -4.70 33.52
N GLU C 381 -0.75 -5.38 34.57
CA GLU C 381 -0.98 -4.90 35.94
C GLU C 381 -0.26 -3.59 36.19
N GLU C 382 0.92 -3.40 35.61
CA GLU C 382 1.68 -2.18 35.84
C GLU C 382 1.03 -0.99 35.16
N ILE C 383 0.57 -1.16 33.91
CA ILE C 383 -0.13 -0.09 33.21
C ILE C 383 -1.43 0.25 33.92
N ILE C 384 -2.19 -0.75 34.33
CA ILE C 384 -3.47 -0.48 34.98
C ILE C 384 -3.28 0.15 36.36
N ASN C 385 -2.21 -0.24 37.09
CA ASN C 385 -1.90 0.39 38.36
C ASN C 385 -1.54 1.86 38.17
N PHE C 386 -0.64 2.15 37.23
CA PHE C 386 -0.25 3.53 36.97
C PHE C 386 -1.41 4.38 36.50
N ASN C 387 -2.34 3.81 35.75
CA ASN C 387 -3.48 4.59 35.30
C ASN C 387 -4.48 4.86 36.42
N CYS C 388 -4.77 3.86 37.25
CA CYS C 388 -5.99 3.93 38.04
C CYS C 388 -5.87 3.71 39.54
N ARG C 389 -4.69 3.36 40.06
CA ARG C 389 -4.64 3.11 41.50
C ARG C 389 -4.67 4.41 42.29
N LYS C 390 -4.22 5.51 41.69
CA LYS C 390 -4.39 6.82 42.31
C LYS C 390 -5.85 7.25 42.33
N LEU C 391 -6.69 6.68 41.48
CA LEU C 391 -8.12 7.00 41.48
C LEU C 391 -8.91 6.09 42.40
N VAL C 392 -8.61 4.80 42.44
CA VAL C 392 -9.37 3.92 43.33
C VAL C 392 -8.93 4.01 44.78
N ALA C 393 -7.79 4.64 45.06
CA ALA C 393 -7.42 4.87 46.44
C ALA C 393 -8.20 6.01 47.06
N SER C 394 -8.75 6.90 46.24
CA SER C 394 -9.51 8.03 46.75
C SER C 394 -10.92 7.66 47.17
N MET C 395 -11.37 6.46 46.86
CA MET C 395 -12.69 6.06 47.32
C MET C 395 -12.58 5.32 48.64
N PRO C 396 -13.32 5.75 49.67
CA PRO C 396 -13.17 5.14 51.00
C PRO C 396 -13.75 3.73 51.10
N LEU C 397 -14.52 3.28 50.12
CA LEU C 397 -14.98 1.90 50.12
C LEU C 397 -13.83 0.94 49.82
N PHE C 398 -12.79 1.41 49.14
CA PHE C 398 -11.73 0.55 48.66
C PHE C 398 -10.44 0.68 49.47
N ALA C 399 -10.27 1.74 50.25
CA ALA C 399 -9.05 1.91 51.04
C ALA C 399 -9.02 1.00 52.26
N ASN C 400 -10.16 0.46 52.67
CA ASN C 400 -10.25 -0.44 53.81
C ASN C 400 -10.48 -1.88 53.37
N ALA C 401 -9.84 -2.27 52.27
CA ALA C 401 -10.06 -3.59 51.69
C ALA C 401 -8.74 -4.26 51.39
N ASP C 402 -8.83 -5.48 50.86
CA ASP C 402 -7.67 -6.26 50.49
C ASP C 402 -6.97 -5.61 49.31
N PRO C 403 -5.64 -5.46 49.34
CA PRO C 403 -4.93 -5.04 48.11
C PRO C 403 -5.07 -6.03 46.97
N ASN C 404 -5.26 -7.32 47.27
CA ASN C 404 -5.59 -8.27 46.22
C ASN C 404 -6.97 -8.00 45.65
N PHE C 405 -7.90 -7.52 46.48
CA PHE C 405 -9.22 -7.14 45.97
C PHE C 405 -9.13 -5.97 45.01
N VAL C 406 -8.34 -4.97 45.36
CA VAL C 406 -8.15 -3.81 44.49
C VAL C 406 -7.45 -4.22 43.20
N THR C 407 -6.44 -5.09 43.31
CA THR C 407 -5.69 -5.52 42.13
C THR C 407 -6.55 -6.36 41.20
N SER C 408 -7.41 -7.21 41.75
CA SER C 408 -8.32 -7.99 40.91
C SER C 408 -9.47 -7.17 40.39
N MET C 409 -9.79 -6.05 41.02
CA MET C 409 -10.90 -5.22 40.56
C MET C 409 -10.48 -4.25 39.48
N LEU C 410 -9.22 -3.78 39.52
CA LEU C 410 -8.74 -2.78 38.56
C LEU C 410 -8.76 -3.26 37.12
N THR C 411 -8.78 -4.56 36.88
CA THR C 411 -8.85 -5.08 35.53
C THR C 411 -10.19 -4.84 34.86
N LYS C 412 -11.23 -4.54 35.63
CA LYS C 412 -12.58 -4.38 35.09
C LYS C 412 -12.93 -2.95 34.75
N LEU C 413 -12.01 -2.00 34.91
CA LEU C 413 -12.29 -0.63 34.53
C LEU C 413 -12.24 -0.48 33.02
N ARG C 414 -13.09 0.40 32.49
CA ARG C 414 -13.13 0.69 31.06
C ARG C 414 -12.94 2.18 30.84
N PHE C 415 -12.13 2.53 29.84
CA PHE C 415 -11.87 3.93 29.54
C PHE C 415 -12.98 4.47 28.65
N GLU C 416 -13.55 5.61 29.02
CA GLU C 416 -14.64 6.21 28.26
C GLU C 416 -14.43 7.70 28.13
N VAL C 417 -14.99 8.27 27.08
CA VAL C 417 -14.83 9.69 26.75
C VAL C 417 -16.19 10.29 26.46
N PHE C 418 -16.50 11.42 27.09
CA PHE C 418 -17.79 12.08 26.89
C PHE C 418 -17.59 13.52 26.45
N GLN C 419 -18.39 13.94 25.47
CA GLN C 419 -18.39 15.30 24.97
C GLN C 419 -19.11 16.23 25.94
N PRO C 420 -18.81 17.53 25.90
CA PRO C 420 -19.59 18.49 26.70
C PRO C 420 -21.01 18.60 26.17
N GLY C 421 -21.98 18.54 27.08
CA GLY C 421 -23.37 18.51 26.75
C GLY C 421 -24.01 17.14 26.89
N ASP C 422 -23.21 16.10 27.05
CA ASP C 422 -23.74 14.74 27.15
C ASP C 422 -24.26 14.46 28.54
N TYR C 423 -25.38 13.76 28.62
CA TYR C 423 -25.86 13.24 29.89
C TYR C 423 -25.16 11.92 30.15
N ILE C 424 -24.17 11.96 31.04
CA ILE C 424 -23.47 10.75 31.42
C ILE C 424 -24.38 9.83 32.20
N ILE C 425 -25.06 10.36 33.20
CA ILE C 425 -26.08 9.64 33.96
C ILE C 425 -27.41 10.36 33.78
N ARG C 426 -28.39 9.66 33.23
CA ARG C 426 -29.73 10.19 33.09
C ARG C 426 -30.58 9.71 34.25
N GLU C 427 -31.27 10.63 34.90
CA GLU C 427 -31.96 10.31 36.14
C GLU C 427 -33.23 9.52 35.86
N GLY C 428 -33.43 8.46 36.64
CA GLY C 428 -34.60 7.63 36.52
C GLY C 428 -34.37 6.27 35.88
N THR C 429 -33.14 5.95 35.49
CA THR C 429 -32.84 4.68 34.87
C THR C 429 -32.29 3.70 35.90
N ILE C 430 -32.03 2.48 35.46
CA ILE C 430 -31.41 1.47 36.31
C ILE C 430 -29.91 1.76 36.35
N GLY C 431 -29.38 1.96 37.56
CA GLY C 431 -27.96 2.20 37.70
C GLY C 431 -27.16 0.93 37.46
N LYS C 432 -26.32 0.94 36.43
CA LYS C 432 -25.54 -0.22 36.07
C LYS C 432 -24.04 -0.01 36.10
N LYS C 433 -23.57 1.24 36.16
CA LYS C 433 -22.15 1.52 36.08
C LYS C 433 -21.77 2.54 37.14
N MET C 434 -20.50 2.52 37.52
CA MET C 434 -19.93 3.49 38.44
C MET C 434 -18.76 4.14 37.73
N TYR C 435 -18.65 5.46 37.85
CA TYR C 435 -17.74 6.25 37.03
C TYR C 435 -16.67 6.89 37.91
N PHE C 436 -15.43 6.80 37.47
CA PHE C 436 -14.30 7.47 38.11
C PHE C 436 -13.80 8.54 37.16
N ILE C 437 -13.41 9.69 37.69
CA ILE C 437 -13.04 10.82 36.85
C ILE C 437 -11.52 10.87 36.71
N GLN C 438 -11.04 10.82 35.49
CA GLN C 438 -9.63 11.08 35.22
C GLN C 438 -9.40 12.52 34.82
N HIS C 439 -10.05 12.96 33.75
CA HIS C 439 -9.93 14.34 33.30
C HIS C 439 -11.31 14.91 32.99
N GLY C 440 -11.49 16.19 33.27
CA GLY C 440 -12.71 16.89 32.93
C GLY C 440 -13.51 17.28 34.15
N VAL C 441 -14.49 18.14 33.90
CA VAL C 441 -15.38 18.66 34.94
C VAL C 441 -16.80 18.29 34.57
N VAL C 442 -17.51 17.63 35.48
CA VAL C 442 -18.90 17.28 35.27
C VAL C 442 -19.77 18.06 36.24
N SER C 443 -21.06 18.14 35.92
CA SER C 443 -22.05 18.80 36.74
C SER C 443 -23.08 17.78 37.20
N VAL C 444 -23.27 17.69 38.51
CA VAL C 444 -24.30 16.86 39.10
C VAL C 444 -25.50 17.73 39.38
N LEU C 445 -26.60 17.46 38.68
CA LEU C 445 -27.88 18.11 38.89
C LEU C 445 -28.74 17.23 39.76
N THR C 446 -29.29 17.79 40.83
CA THR C 446 -30.23 17.06 41.65
C THR C 446 -31.48 17.91 41.84
N LYS C 447 -32.46 17.34 42.55
CA LYS C 447 -33.70 18.06 42.81
C LYS C 447 -33.47 19.16 43.84
N GLY C 448 -34.29 20.18 43.78
CA GLY C 448 -34.03 21.40 44.51
C GLY C 448 -33.16 22.39 43.77
N ASN C 449 -32.92 22.15 42.47
CA ASN C 449 -32.13 23.02 41.58
C ASN C 449 -30.72 23.23 42.10
N LYS C 450 -30.08 22.14 42.49
CA LYS C 450 -28.72 22.16 43.01
C LYS C 450 -27.78 21.51 42.01
N GLU C 451 -26.72 22.24 41.66
CA GLU C 451 -25.78 21.84 40.62
C GLU C 451 -24.38 21.90 41.20
N THR C 452 -23.80 20.74 41.49
CA THR C 452 -22.44 20.70 41.99
C THR C 452 -21.48 20.37 40.86
N LYS C 453 -20.22 20.74 41.07
CA LYS C 453 -19.17 20.51 40.08
C LYS C 453 -18.20 19.48 40.63
N LEU C 454 -17.90 18.47 39.82
CA LEU C 454 -16.88 17.49 40.15
C LEU C 454 -15.77 17.56 39.11
N ALA C 455 -14.56 17.20 39.56
CA ALA C 455 -13.35 17.43 38.79
C ALA C 455 -12.48 16.20 38.93
N ASP C 456 -11.19 16.35 38.61
CA ASP C 456 -10.29 15.22 38.49
C ASP C 456 -10.02 14.59 39.85
N GLY C 457 -10.02 13.27 39.90
CA GLY C 457 -9.84 12.54 41.13
C GLY C 457 -11.12 12.28 41.89
N SER C 458 -12.25 12.81 41.43
CA SER C 458 -13.53 12.57 42.09
C SER C 458 -14.22 11.37 41.46
N TYR C 459 -15.43 11.09 41.92
CA TYR C 459 -16.15 9.91 41.46
C TYR C 459 -17.63 10.12 41.73
N PHE C 460 -18.46 9.34 41.04
CA PHE C 460 -19.91 9.49 41.15
C PHE C 460 -20.59 8.22 40.67
N GLY C 461 -21.78 7.97 41.22
CA GLY C 461 -22.57 6.83 40.82
C GLY C 461 -22.23 5.56 41.57
N GLU C 462 -21.95 5.69 42.86
CA GLU C 462 -21.52 4.56 43.67
C GLU C 462 -22.63 3.93 44.49
N ILE C 463 -23.77 4.63 44.65
CA ILE C 463 -24.87 4.10 45.43
C ILE C 463 -25.54 2.96 44.69
N CYS C 464 -25.63 3.07 43.36
CA CYS C 464 -26.23 2.02 42.55
C CYS C 464 -25.35 0.78 42.47
N LEU C 465 -24.07 0.90 42.80
CA LEU C 465 -23.21 -0.28 42.86
C LEU C 465 -23.58 -1.14 44.06
N LEU C 466 -23.80 -0.51 45.21
CA LEU C 466 -24.07 -1.26 46.43
C LEU C 466 -25.51 -1.72 46.49
N THR C 467 -26.45 -0.83 46.19
CA THR C 467 -27.87 -1.12 46.42
C THR C 467 -28.58 -1.74 45.22
N ARG C 468 -28.09 -1.48 44.00
CA ARG C 468 -28.70 -1.90 42.73
C ARG C 468 -30.15 -1.40 42.63
N GLY C 469 -30.30 -0.09 42.76
CA GLY C 469 -31.59 0.54 42.65
C GLY C 469 -31.73 1.35 41.37
N ARG C 470 -32.24 2.57 41.48
CA ARG C 470 -32.44 3.45 40.33
C ARG C 470 -31.69 4.76 40.55
N ARG C 471 -31.65 5.56 39.48
CA ARG C 471 -30.91 6.82 39.52
C ARG C 471 -31.69 7.91 40.23
N THR C 472 -30.96 8.71 41.00
CA THR C 472 -31.55 9.79 41.77
C THR C 472 -31.06 11.18 41.38
N ALA C 473 -30.02 11.28 40.56
CA ALA C 473 -29.51 12.57 40.15
C ALA C 473 -28.87 12.45 38.78
N SER C 474 -28.96 13.52 38.00
CA SER C 474 -28.39 13.53 36.66
C SER C 474 -26.96 14.04 36.69
N VAL C 475 -26.15 13.56 35.75
CA VAL C 475 -24.76 14.02 35.60
C VAL C 475 -24.56 14.40 34.15
N ARG C 476 -24.19 15.65 33.91
CA ARG C 476 -23.93 16.14 32.56
C ARG C 476 -22.47 16.54 32.43
N ALA C 477 -21.86 16.18 31.31
CA ALA C 477 -20.47 16.54 31.08
C ALA C 477 -20.37 17.96 30.58
N ASP C 478 -19.42 18.72 31.14
CA ASP C 478 -19.20 20.10 30.75
C ASP C 478 -17.96 20.30 29.90
N THR C 479 -17.04 19.35 29.90
CA THR C 479 -15.85 19.36 29.06
C THR C 479 -15.70 17.99 28.44
N TYR C 480 -14.65 17.82 27.64
CA TYR C 480 -14.34 16.51 27.08
C TYR C 480 -13.77 15.64 28.19
N CYS C 481 -14.64 14.90 28.86
CA CYS C 481 -14.29 14.17 30.06
C CYS C 481 -13.73 12.80 29.71
N ARG C 482 -12.56 12.49 30.26
CA ARG C 482 -12.01 11.15 30.24
C ARG C 482 -12.33 10.50 31.58
N LEU C 483 -13.06 9.39 31.52
CA LEU C 483 -13.55 8.73 32.72
C LEU C 483 -13.16 7.26 32.69
N TYR C 484 -13.13 6.65 33.87
CA TYR C 484 -13.03 5.21 33.99
C TYR C 484 -14.31 4.67 34.58
N SER C 485 -14.82 3.59 34.02
CA SER C 485 -16.10 3.04 34.38
C SER C 485 -15.93 1.65 34.98
N LEU C 486 -16.85 1.31 35.88
CA LEU C 486 -16.86 0.01 36.52
C LEU C 486 -18.30 -0.46 36.58
N SER C 487 -18.60 -1.56 35.90
CA SER C 487 -19.97 -2.05 35.86
C SER C 487 -20.31 -2.78 37.14
N VAL C 488 -21.62 -2.97 37.34
CA VAL C 488 -22.09 -3.71 38.51
C VAL C 488 -21.80 -5.19 38.36
N ASP C 489 -21.98 -5.72 37.14
CA ASP C 489 -21.81 -7.15 36.91
C ASP C 489 -20.34 -7.56 37.04
N ASN C 490 -19.43 -6.72 36.55
CA ASN C 490 -18.02 -6.97 36.74
C ASN C 490 -17.63 -6.87 38.21
N PHE C 491 -18.29 -5.98 38.96
CA PHE C 491 -18.03 -5.87 40.39
C PHE C 491 -18.52 -7.11 41.13
N ASN C 492 -19.63 -7.68 40.68
CA ASN C 492 -20.10 -8.94 41.25
C ASN C 492 -19.14 -10.07 40.94
N GLU C 493 -18.60 -10.08 39.72
CA GLU C 493 -17.60 -11.10 39.36
C GLU C 493 -16.34 -10.95 40.20
N VAL C 494 -15.98 -9.72 40.56
CA VAL C 494 -14.83 -9.53 41.45
C VAL C 494 -15.17 -10.00 42.86
N LEU C 495 -16.41 -9.77 43.30
CA LEU C 495 -16.82 -10.25 44.62
C LEU C 495 -17.00 -11.75 44.69
N GLU C 496 -17.13 -12.45 43.55
CA GLU C 496 -17.26 -13.91 43.58
C GLU C 496 -16.01 -14.57 44.16
N GLU C 497 -14.83 -14.06 43.82
CA GLU C 497 -13.61 -14.69 44.29
C GLU C 497 -13.20 -14.22 45.67
N TYR C 498 -13.71 -13.08 46.14
CA TYR C 498 -13.32 -12.48 47.41
C TYR C 498 -14.57 -12.32 48.27
N PRO C 499 -15.04 -13.39 48.91
CA PRO C 499 -16.31 -13.31 49.65
C PRO C 499 -16.20 -12.55 50.96
N MET C 500 -14.99 -12.41 51.52
CA MET C 500 -14.85 -11.70 52.78
C MET C 500 -15.11 -10.22 52.62
N MET C 501 -14.61 -9.61 51.55
CA MET C 501 -14.90 -8.21 51.29
C MET C 501 -16.36 -8.02 50.89
N ARG C 502 -16.99 -9.05 50.30
CA ARG C 502 -18.41 -8.97 50.02
C ARG C 502 -19.23 -8.95 51.30
N ARG C 503 -18.87 -9.80 52.27
CA ARG C 503 -19.55 -9.77 53.56
C ARG C 503 -19.27 -8.47 54.30
N ALA C 504 -18.06 -7.91 54.14
CA ALA C 504 -17.74 -6.62 54.75
C ALA C 504 -18.57 -5.50 54.14
N PHE C 505 -18.79 -5.54 52.82
CA PHE C 505 -19.64 -4.56 52.17
C PHE C 505 -21.10 -4.73 52.57
N GLU C 506 -21.52 -5.97 52.83
CA GLU C 506 -22.87 -6.22 53.35
C GLU C 506 -23.04 -5.63 54.75
N THR C 507 -22.01 -5.76 55.59
CA THR C 507 -22.12 -5.22 56.94
C THR C 507 -22.05 -3.70 56.98
N VAL C 508 -21.14 -3.10 56.20
CA VAL C 508 -21.02 -1.65 56.20
C VAL C 508 -22.21 -1.02 55.46
N ALA C 509 -22.81 -1.76 54.51
CA ALA C 509 -23.99 -1.27 53.83
C ALA C 509 -25.20 -1.22 54.75
N LEU C 510 -25.18 -1.96 55.86
CA LEU C 510 -26.26 -1.93 56.83
C LEU C 510 -26.23 -0.64 57.64
N MET D 16 3.55 47.13 32.40
CA MET D 16 2.83 45.88 32.51
C MET D 16 3.79 44.72 32.78
N GLN D 17 4.17 44.56 34.05
CA GLN D 17 5.07 43.48 34.45
C GLN D 17 4.34 42.15 34.58
N ARG D 18 3.01 42.18 34.58
CA ARG D 18 2.23 40.95 34.65
C ARG D 18 1.89 40.39 33.28
N GLN D 19 1.73 41.26 32.27
CA GLN D 19 1.36 40.80 30.93
C GLN D 19 2.51 40.02 30.28
N PHE D 20 3.75 40.45 30.53
CA PHE D 20 4.89 39.74 29.99
C PHE D 20 5.05 38.37 30.63
N GLY D 21 4.73 38.27 31.93
CA GLY D 21 4.72 36.97 32.57
C GLY D 21 3.55 36.11 32.14
N ALA D 22 2.45 36.73 31.72
CA ALA D 22 1.30 35.97 31.27
C ALA D 22 1.51 35.40 29.88
N MET D 23 2.18 36.16 29.00
CA MET D 23 2.31 35.71 27.61
C MET D 23 3.32 34.57 27.47
N LEU D 24 4.26 34.45 28.39
CA LEU D 24 5.23 33.36 28.31
C LEU D 24 4.64 32.03 28.76
N GLN D 25 3.59 32.05 29.49
CA GLN D 25 2.97 30.84 29.99
C GLN D 25 1.96 30.31 28.98
N PRO D 26 1.78 28.98 28.90
CA PRO D 26 0.85 28.43 27.90
C PRO D 26 -0.60 28.73 28.22
N GLY D 27 -1.21 29.58 27.40
CA GLY D 27 -2.60 29.95 27.63
C GLY D 27 -3.56 28.82 27.33
N VAL D 28 -4.75 28.94 27.90
CA VAL D 28 -5.79 27.93 27.70
C VAL D 28 -6.41 28.17 26.33
N ASN D 29 -6.16 27.26 25.40
CA ASN D 29 -6.79 27.30 24.09
C ASN D 29 -7.24 25.90 23.71
N LYS D 30 -7.58 25.70 22.44
CA LYS D 30 -7.93 24.37 21.96
C LYS D 30 -6.74 23.42 22.06
N PHE D 31 -5.54 23.93 21.78
CA PHE D 31 -4.35 23.10 21.76
C PHE D 31 -3.95 22.65 23.16
N SER D 32 -3.94 23.56 24.13
CA SER D 32 -3.53 23.18 25.48
C SER D 32 -4.55 22.28 26.13
N LEU D 33 -5.84 22.52 25.87
CA LEU D 33 -6.87 21.64 26.40
C LEU D 33 -6.84 20.26 25.74
N ARG D 34 -6.37 20.18 24.49
CA ARG D 34 -6.27 18.86 23.89
C ARG D 34 -5.00 18.13 24.31
N MET D 35 -3.91 18.86 24.53
CA MET D 35 -2.68 18.20 24.99
C MET D 35 -2.76 17.81 26.45
N PHE D 36 -2.92 18.78 27.34
CA PHE D 36 -2.88 18.49 28.77
C PHE D 36 -4.16 17.85 29.27
N GLY D 37 -5.21 17.82 28.47
CA GLY D 37 -6.44 17.15 28.85
C GLY D 37 -7.46 18.07 29.49
N SER D 38 -7.14 18.61 30.66
CA SER D 38 -8.08 19.43 31.41
C SER D 38 -7.51 20.82 31.61
N GLN D 39 -8.40 21.74 31.98
CA GLN D 39 -8.00 23.10 32.29
C GLN D 39 -7.19 23.16 33.58
N LYS D 40 -7.45 22.22 34.50
CA LYS D 40 -6.67 22.12 35.72
C LYS D 40 -5.24 21.70 35.44
N ALA D 41 -5.03 20.82 34.46
CA ALA D 41 -3.67 20.44 34.08
C ALA D 41 -2.93 21.60 33.42
N VAL D 42 -3.64 22.45 32.68
CA VAL D 42 -3.01 23.62 32.08
C VAL D 42 -2.64 24.63 33.15
N GLU D 43 -3.47 24.76 34.18
CA GLU D 43 -3.09 25.63 35.29
C GLU D 43 -1.92 25.07 36.08
N ARG D 44 -1.83 23.74 36.17
CA ARG D 44 -0.65 23.14 36.81
C ARG D 44 0.60 23.36 35.97
N GLU D 45 0.46 23.36 34.64
CA GLU D 45 1.59 23.66 33.78
C GLU D 45 2.00 25.12 33.90
N GLN D 46 1.02 26.02 34.06
CA GLN D 46 1.32 27.43 34.28
C GLN D 46 2.06 27.62 35.60
N GLU D 47 1.68 26.88 36.64
CA GLU D 47 2.40 26.95 37.90
C GLU D 47 3.79 26.35 37.79
N ARG D 48 3.97 25.35 36.93
CA ARG D 48 5.31 24.79 36.76
C ARG D 48 6.21 25.73 35.96
N VAL D 49 5.62 26.53 35.06
CA VAL D 49 6.39 27.57 34.39
C VAL D 49 6.72 28.69 35.38
N LYS D 50 5.79 29.02 36.27
CA LYS D 50 6.01 30.08 37.26
C LYS D 50 7.13 29.72 38.24
N SER D 51 7.19 28.46 38.65
CA SER D 51 8.20 28.02 39.60
C SER D 51 9.47 27.49 38.93
N ALA D 52 9.78 27.95 37.73
CA ALA D 52 10.98 27.49 37.03
C ALA D 52 12.16 28.41 37.28
N GLY D 53 11.98 29.72 37.10
CA GLY D 53 13.08 30.64 37.34
C GLY D 53 12.80 31.98 36.68
N PHE D 54 13.88 32.67 36.33
CA PHE D 54 13.81 34.02 35.79
C PHE D 54 13.37 33.93 34.34
N TRP D 55 12.07 34.14 34.09
CA TRP D 55 11.49 34.37 32.77
C TRP D 55 11.72 33.22 31.81
N ILE D 56 11.16 32.07 32.15
CA ILE D 56 11.29 30.86 31.33
C ILE D 56 10.14 30.81 30.34
N ILE D 57 10.46 30.61 29.08
CA ILE D 57 9.48 30.67 28.00
C ILE D 57 8.95 29.27 27.73
N HIS D 58 7.63 29.13 27.76
CA HIS D 58 7.12 27.78 27.48
C HIS D 58 6.84 27.64 25.99
N PRO D 59 7.24 26.53 25.37
CA PRO D 59 7.17 26.43 23.91
C PRO D 59 5.77 26.27 23.35
N TYR D 60 4.73 26.21 24.18
CA TYR D 60 3.36 26.18 23.69
C TYR D 60 2.65 27.50 23.90
N SER D 61 3.38 28.55 24.25
CA SER D 61 2.77 29.82 24.63
C SER D 61 2.34 30.60 23.40
N ASP D 62 1.93 31.85 23.62
CA ASP D 62 1.58 32.70 22.50
C ASP D 62 2.78 33.50 22.01
N PHE D 63 3.66 33.90 22.93
CA PHE D 63 4.85 34.66 22.54
C PHE D 63 5.79 33.84 21.69
N ARG D 64 5.97 32.56 22.06
CA ARG D 64 6.81 31.68 21.25
C ARG D 64 6.20 31.45 19.88
N PHE D 65 4.86 31.43 19.79
CA PHE D 65 4.20 31.29 18.50
C PHE D 65 4.43 32.50 17.60
N TYR D 66 4.17 33.70 18.11
CA TYR D 66 4.34 34.87 17.26
C TYR D 66 5.81 35.15 16.97
N TRP D 67 6.69 34.80 17.89
CA TRP D 67 8.11 34.94 17.65
C TRP D 67 8.57 33.98 16.55
N ASP D 68 8.17 32.72 16.63
CA ASP D 68 8.55 31.76 15.59
C ASP D 68 7.90 32.08 14.26
N LEU D 69 6.72 32.71 14.27
CA LEU D 69 6.11 33.15 13.02
C LEU D 69 6.93 34.25 12.35
N THR D 70 7.38 35.23 13.15
CA THR D 70 8.25 36.26 12.59
C THR D 70 9.59 35.69 12.17
N MET D 71 10.08 34.65 12.87
CA MET D 71 11.34 34.06 12.44
C MET D 71 11.18 33.26 11.15
N LEU D 72 10.04 32.61 10.94
CA LEU D 72 9.84 31.92 9.66
C LEU D 72 9.72 32.91 8.52
N LEU D 73 8.97 34.00 8.73
CA LEU D 73 8.87 35.03 7.71
C LEU D 73 10.18 35.77 7.48
N LEU D 74 11.11 35.71 8.44
CA LEU D 74 12.43 36.28 8.17
C LEU D 74 13.37 35.27 7.51
N MET D 75 13.29 34.00 7.90
CA MET D 75 14.21 32.99 7.38
C MET D 75 13.93 32.68 5.93
N VAL D 76 12.66 32.68 5.51
CA VAL D 76 12.36 32.41 4.11
C VAL D 76 12.92 33.52 3.23
N GLY D 77 12.77 34.77 3.68
CA GLY D 77 13.35 35.89 2.97
C GLY D 77 14.87 35.86 2.96
N ASN D 78 15.48 35.44 4.07
CA ASN D 78 16.93 35.37 4.11
C ASN D 78 17.47 34.28 3.19
N LEU D 79 16.88 33.08 3.24
CA LEU D 79 17.36 31.99 2.40
C LEU D 79 17.09 32.21 0.93
N ILE D 80 16.14 33.07 0.57
CA ILE D 80 15.97 33.40 -0.83
C ILE D 80 16.90 34.55 -1.25
N ILE D 81 17.00 35.61 -0.45
CA ILE D 81 17.72 36.81 -0.89
C ILE D 81 19.23 36.62 -0.79
N ILE D 82 19.73 35.95 0.26
CA ILE D 82 21.16 35.94 0.56
C ILE D 82 22.02 35.27 -0.51
N PRO D 83 21.68 34.08 -1.05
CA PRO D 83 22.53 33.54 -2.13
C PRO D 83 22.49 34.36 -3.41
N VAL D 84 21.37 35.01 -3.72
CA VAL D 84 21.33 35.84 -4.92
C VAL D 84 22.16 37.10 -4.73
N GLY D 85 22.17 37.62 -3.50
CA GLY D 85 23.00 38.78 -3.23
C GLY D 85 24.48 38.45 -3.20
N ILE D 86 24.83 37.23 -2.81
CA ILE D 86 26.23 36.85 -2.75
C ILE D 86 26.76 36.52 -4.14
N THR D 87 26.07 35.67 -4.88
CA THR D 87 26.69 35.14 -6.09
C THR D 87 26.61 36.09 -7.28
N PHE D 88 25.48 36.75 -7.49
CA PHE D 88 25.30 37.46 -8.75
C PHE D 88 25.78 38.89 -8.73
N PHE D 89 25.96 39.50 -7.56
CA PHE D 89 26.37 40.89 -7.48
C PHE D 89 27.84 40.99 -7.08
N LYS D 90 28.51 42.02 -7.58
CA LYS D 90 29.95 42.12 -7.42
C LYS D 90 30.32 42.87 -6.15
N ASP D 91 29.84 44.09 -6.00
CA ASP D 91 30.09 44.88 -4.79
C ASP D 91 28.96 44.58 -3.80
N GLU D 92 29.23 43.68 -2.86
CA GLU D 92 28.25 43.31 -1.84
C GLU D 92 28.43 44.11 -0.56
N ASN D 93 28.88 45.35 -0.67
CA ASN D 93 29.07 46.22 0.49
C ASN D 93 28.27 47.51 0.35
N THR D 94 27.19 47.48 -0.41
CA THR D 94 26.30 48.64 -0.49
C THR D 94 25.54 48.79 0.82
N THR D 95 24.97 49.96 1.01
CA THR D 95 24.39 50.30 2.30
C THR D 95 23.12 49.51 2.65
N PRO D 96 22.10 49.35 1.78
CA PRO D 96 20.92 48.57 2.23
C PRO D 96 21.20 47.09 2.40
N TRP D 97 22.18 46.54 1.70
CA TRP D 97 22.56 45.15 1.90
C TRP D 97 23.17 44.94 3.28
N ILE D 98 24.02 45.88 3.72
CA ILE D 98 24.60 45.79 5.05
C ILE D 98 23.55 46.03 6.12
N VAL D 99 22.60 46.94 5.85
CA VAL D 99 21.50 47.17 6.78
C VAL D 99 20.65 45.91 6.94
N PHE D 100 20.34 45.25 5.82
CA PHE D 100 19.54 44.03 5.83
C PHE D 100 20.24 42.91 6.60
N ASN D 101 21.54 42.74 6.37
CA ASN D 101 22.27 41.70 7.06
C ASN D 101 22.38 41.98 8.55
N VAL D 102 22.58 43.23 8.94
CA VAL D 102 22.75 43.54 10.35
C VAL D 102 21.43 43.43 11.09
N VAL D 103 20.33 43.84 10.47
CA VAL D 103 19.01 43.70 11.10
C VAL D 103 18.64 42.22 11.24
N SER D 104 18.90 41.42 10.19
CA SER D 104 18.66 39.99 10.26
C SER D 104 19.49 39.32 11.36
N ASP D 105 20.79 39.62 11.41
CA ASP D 105 21.65 38.99 12.41
C ASP D 105 21.33 39.47 13.83
N THR D 106 20.79 40.68 13.96
CA THR D 106 20.31 41.12 15.27
C THR D 106 19.12 40.29 15.72
N PHE D 107 18.16 40.05 14.81
CA PHE D 107 17.03 39.18 15.16
C PHE D 107 17.49 37.75 15.45
N PHE D 108 18.49 37.25 14.73
CA PHE D 108 18.92 35.88 14.99
C PHE D 108 19.74 35.76 16.26
N LEU D 109 20.45 36.81 16.66
CA LEU D 109 21.10 36.78 17.97
C LEU D 109 20.07 36.85 19.09
N ILE D 110 19.01 37.64 18.90
CA ILE D 110 17.92 37.68 19.89
C ILE D 110 17.26 36.31 20.00
N ASP D 111 17.09 35.62 18.87
CA ASP D 111 16.53 34.27 18.91
C ASP D 111 17.49 33.27 19.57
N LEU D 112 18.80 33.45 19.37
CA LEU D 112 19.75 32.57 20.02
C LEU D 112 19.78 32.78 21.53
N VAL D 113 19.58 34.02 21.98
CA VAL D 113 19.46 34.26 23.42
C VAL D 113 18.17 33.66 23.95
N LEU D 114 17.07 33.82 23.23
CA LEU D 114 15.78 33.29 23.69
C LEU D 114 15.70 31.78 23.64
N ASN D 115 16.59 31.11 22.89
CA ASN D 115 16.64 29.66 22.97
C ASN D 115 17.18 29.15 24.31
N PHE D 116 17.92 29.98 25.05
CA PHE D 116 18.35 29.62 26.38
C PHE D 116 17.25 29.73 27.43
N ARG D 117 16.05 30.17 27.05
CA ARG D 117 14.95 30.28 27.98
C ARG D 117 13.70 29.54 27.51
N THR D 118 13.76 28.82 26.41
CA THR D 118 12.62 28.09 25.90
C THR D 118 12.67 26.66 26.42
N GLY D 119 11.52 26.15 26.85
CA GLY D 119 11.44 24.75 27.21
C GLY D 119 11.58 23.85 26.01
N ILE D 120 11.95 22.60 26.27
CA ILE D 120 12.19 21.62 25.22
C ILE D 120 11.16 20.51 25.33
N VAL D 121 10.38 20.33 24.27
CA VAL D 121 9.37 19.29 24.22
C VAL D 121 10.07 18.00 23.81
N VAL D 122 10.08 17.03 24.71
CA VAL D 122 10.70 15.74 24.43
C VAL D 122 9.63 14.74 24.06
N GLU D 123 9.83 14.01 22.96
CA GLU D 123 8.87 13.02 22.49
C GLU D 123 8.99 11.69 23.23
N ASP D 124 9.97 11.54 24.10
CA ASP D 124 10.14 10.31 24.86
C ASP D 124 9.29 10.28 26.12
N ASN D 125 8.62 11.38 26.45
CA ASN D 125 7.75 11.46 27.61
C ASN D 125 6.72 12.53 27.36
N THR D 126 5.88 12.78 28.37
CA THR D 126 4.96 13.90 28.36
C THR D 126 5.44 15.03 29.27
N GLU D 127 6.72 15.03 29.63
CA GLU D 127 7.28 15.99 30.57
C GLU D 127 8.14 16.99 29.79
N ILE D 128 7.64 18.21 29.66
CA ILE D 128 8.38 19.27 29.01
C ILE D 128 9.45 19.78 29.97
N ILE D 129 10.69 19.82 29.50
CA ILE D 129 11.80 20.22 30.36
C ILE D 129 11.76 21.73 30.57
N LEU D 130 11.70 22.15 31.83
CA LEU D 130 11.71 23.57 32.17
C LEU D 130 12.81 23.93 33.16
N ASP D 131 13.71 23.01 33.45
CA ASP D 131 14.88 23.29 34.29
C ASP D 131 15.84 24.18 33.51
N PRO D 132 16.16 25.39 34.00
CA PRO D 132 17.01 26.29 33.21
C PRO D 132 18.44 25.80 33.04
N GLN D 133 18.94 24.97 33.95
CA GLN D 133 20.27 24.40 33.74
C GLN D 133 20.21 23.22 32.78
N ARG D 134 19.13 22.43 32.83
CA ARG D 134 19.08 21.27 31.97
C ARG D 134 18.74 21.64 30.53
N ILE D 135 18.00 22.73 30.32
CA ILE D 135 17.81 23.17 28.94
C ILE D 135 19.10 23.74 28.38
N LYS D 136 19.95 24.33 29.22
CA LYS D 136 21.26 24.80 28.77
C LYS D 136 22.15 23.63 28.41
N MET D 137 22.22 22.63 29.28
CA MET D 137 23.06 21.47 29.03
C MET D 137 22.49 20.55 27.96
N LYS D 138 21.24 20.71 27.56
CA LYS D 138 20.75 19.99 26.39
C LYS D 138 20.96 20.77 25.11
N TYR D 139 20.75 22.09 25.15
CA TYR D 139 20.89 22.89 23.94
C TYR D 139 22.34 23.03 23.53
N LEU D 140 23.27 22.99 24.49
CA LEU D 140 24.69 22.98 24.11
C LEU D 140 25.08 21.66 23.48
N LYS D 141 24.51 20.56 23.97
CA LYS D 141 24.88 19.26 23.42
C LYS D 141 24.08 18.88 22.19
N SER D 142 23.08 19.67 21.81
CA SER D 142 22.22 19.29 20.70
C SER D 142 22.35 20.22 19.49
N TRP D 143 22.09 21.52 19.65
CA TRP D 143 22.01 22.39 18.48
C TRP D 143 22.62 23.75 18.68
N PHE D 144 23.65 23.89 19.52
CA PHE D 144 24.17 25.24 19.75
C PHE D 144 25.15 25.68 18.69
N MET D 145 25.96 24.76 18.16
CA MET D 145 27.03 25.15 17.24
C MET D 145 26.47 25.67 15.92
N VAL D 146 25.42 25.02 15.40
CA VAL D 146 24.84 25.41 14.13
C VAL D 146 24.18 26.78 14.23
N ASP D 147 23.43 27.01 15.29
CA ASP D 147 22.78 28.30 15.47
C ASP D 147 23.78 29.39 15.79
N PHE D 148 24.86 29.05 16.49
CA PHE D 148 25.87 30.06 16.79
C PHE D 148 26.68 30.43 15.57
N ILE D 149 26.91 29.49 14.65
CA ILE D 149 27.55 29.84 13.39
C ILE D 149 26.61 30.68 12.54
N SER D 150 25.36 30.24 12.39
CA SER D 150 24.42 30.92 11.52
C SER D 150 23.94 32.25 12.08
N SER D 151 24.17 32.54 13.35
CA SER D 151 23.70 33.81 13.89
C SER D 151 24.70 34.94 13.70
N ILE D 152 25.96 34.72 14.07
CA ILE D 152 26.93 35.82 14.06
C ILE D 152 27.42 36.07 12.64
N PRO D 153 27.61 37.32 12.26
CA PRO D 153 28.15 37.61 10.93
C PRO D 153 29.64 37.36 10.85
N VAL D 154 30.01 36.11 10.56
CA VAL D 154 31.41 35.68 10.53
C VAL D 154 32.18 36.41 9.44
N ASP D 155 31.50 36.77 8.34
CA ASP D 155 32.15 37.48 7.26
C ASP D 155 32.58 38.88 7.67
N TYR D 156 31.72 39.61 8.38
CA TYR D 156 32.10 40.95 8.82
C TYR D 156 33.15 40.91 9.92
N ILE D 157 33.14 39.85 10.73
CA ILE D 157 34.20 39.63 11.71
C ILE D 157 35.53 39.44 11.01
N PHE D 158 35.55 38.59 9.98
CA PHE D 158 36.78 38.35 9.23
C PHE D 158 37.25 39.60 8.49
N LEU D 159 36.30 40.40 7.99
CA LEU D 159 36.67 41.63 7.27
C LEU D 159 37.24 42.67 8.23
N ILE D 160 36.59 42.88 9.38
CA ILE D 160 37.06 43.87 10.35
C ILE D 160 38.40 43.44 10.96
N VAL D 161 38.56 42.15 11.26
CA VAL D 161 39.82 41.66 11.80
C VAL D 161 40.94 41.73 10.76
N GLU D 162 40.62 41.47 9.49
CA GLU D 162 41.65 41.55 8.45
C GLU D 162 42.08 43.00 8.20
N THR D 163 41.13 43.93 8.25
CA THR D 163 41.51 45.34 8.13
C THR D 163 42.18 45.88 9.38
N ARG D 164 41.92 45.28 10.54
CA ARG D 164 42.64 45.68 11.74
C ARG D 164 44.08 45.17 11.70
N ILE D 165 44.29 44.00 11.12
CA ILE D 165 45.65 43.48 10.96
C ILE D 165 46.43 44.30 9.95
N ASP D 166 45.84 44.58 8.80
CA ASP D 166 46.51 45.38 7.77
C ASP D 166 45.49 46.34 7.18
N SER D 167 45.68 47.64 7.42
CA SER D 167 44.74 48.64 6.90
C SER D 167 44.92 48.88 5.41
N GLU D 168 46.07 48.53 4.84
CA GLU D 168 46.38 48.76 3.44
C GLU D 168 46.51 47.43 2.70
N VAL D 169 45.58 46.51 2.96
CA VAL D 169 45.69 45.14 2.47
C VAL D 169 45.41 45.04 0.97
N TYR D 170 44.83 46.09 0.37
CA TYR D 170 44.45 46.07 -1.04
C TYR D 170 45.61 46.35 -2.00
N LYS D 171 46.85 46.23 -1.54
CA LYS D 171 48.00 46.52 -2.39
C LYS D 171 48.18 45.43 -3.45
N THR D 172 48.36 44.19 -3.00
CA THR D 172 48.57 43.09 -3.92
C THR D 172 47.22 42.47 -4.28
N ALA D 173 47.26 41.29 -4.89
CA ALA D 173 46.05 40.52 -5.17
C ALA D 173 45.60 39.66 -4.00
N ARG D 174 46.16 39.89 -2.81
CA ARG D 174 45.73 39.15 -1.64
C ARG D 174 44.33 39.58 -1.20
N ALA D 175 43.98 40.85 -1.43
CA ALA D 175 42.64 41.33 -1.11
C ALA D 175 41.58 40.68 -1.99
N LEU D 176 41.95 40.27 -3.20
CA LEU D 176 41.05 39.48 -4.03
C LEU D 176 40.72 38.16 -3.37
N ARG D 177 41.73 37.49 -2.81
CA ARG D 177 41.50 36.28 -2.05
C ARG D 177 40.69 36.54 -0.78
N ILE D 178 40.87 37.71 -0.18
CA ILE D 178 40.07 38.09 0.99
C ILE D 178 38.59 38.25 0.60
N VAL D 179 38.33 38.82 -0.59
CA VAL D 179 36.95 39.00 -1.02
C VAL D 179 36.30 37.66 -1.38
N ARG D 180 37.07 36.77 -2.02
CA ARG D 180 36.56 35.42 -2.29
C ARG D 180 36.25 34.68 -1.00
N PHE D 181 37.12 34.81 0.00
CA PHE D 181 36.88 34.12 1.27
C PHE D 181 35.77 34.78 2.07
N THR D 182 35.54 36.08 1.86
CA THR D 182 34.37 36.74 2.45
C THR D 182 33.08 36.21 1.86
N LYS D 183 33.03 36.08 0.53
CA LYS D 183 31.85 35.49 -0.10
C LYS D 183 31.66 34.03 0.25
N ILE D 184 32.73 33.29 0.56
CA ILE D 184 32.51 31.92 1.01
C ILE D 184 31.98 31.91 2.44
N LEU D 185 32.55 32.72 3.34
CA LEU D 185 32.12 32.71 4.74
C LEU D 185 30.72 33.28 4.91
N SER D 186 30.27 34.14 4.00
CA SER D 186 28.92 34.67 4.10
C SER D 186 27.85 33.66 3.74
N LEU D 187 28.22 32.47 3.25
CA LEU D 187 27.27 31.39 3.06
C LEU D 187 27.05 30.58 4.33
N LEU D 188 27.68 30.95 5.43
CA LEU D 188 27.35 30.33 6.71
C LEU D 188 26.00 30.78 7.24
N ARG D 189 25.41 31.82 6.66
CA ARG D 189 24.03 32.17 6.94
C ARG D 189 23.03 31.19 6.37
N LEU D 190 23.46 30.22 5.56
CA LEU D 190 22.52 29.23 5.05
C LEU D 190 22.34 28.07 6.01
N LEU D 191 22.97 28.11 7.20
CA LEU D 191 22.67 27.14 8.23
C LEU D 191 21.47 27.53 9.07
N ARG D 192 20.73 28.56 8.67
CA ARG D 192 19.47 28.89 9.30
C ARG D 192 18.37 27.96 8.84
N LEU D 193 18.67 27.12 7.85
CA LEU D 193 17.79 26.06 7.40
C LEU D 193 17.49 25.07 8.52
N SER D 194 18.44 24.89 9.44
CA SER D 194 18.21 23.99 10.57
C SER D 194 17.12 24.55 11.48
N ARG D 195 17.17 25.86 11.76
CA ARG D 195 16.13 26.46 12.58
C ARG D 195 14.82 26.54 11.84
N LEU D 196 14.88 26.69 10.51
CA LEU D 196 13.66 26.68 9.70
C LEU D 196 12.96 25.33 9.79
N ILE D 197 13.72 24.24 9.63
CA ILE D 197 13.16 22.90 9.67
C ILE D 197 12.67 22.58 11.08
N ARG D 198 13.45 22.92 12.10
CA ARG D 198 13.02 22.65 13.47
C ARG D 198 11.83 23.49 13.92
N TYR D 199 11.62 24.66 13.35
CA TYR D 199 10.43 25.40 13.72
C TYR D 199 9.21 24.92 12.95
N ILE D 200 9.39 24.55 11.67
CA ILE D 200 8.26 24.12 10.87
C ILE D 200 7.73 22.78 11.35
N HIS D 201 8.62 21.83 11.70
CA HIS D 201 8.14 20.57 12.27
C HIS D 201 7.46 20.77 13.62
N GLN D 202 8.01 21.66 14.45
CA GLN D 202 7.47 21.90 15.78
C GLN D 202 6.10 22.53 15.74
N TRP D 203 5.81 23.37 14.75
CA TRP D 203 4.47 23.92 14.68
C TRP D 203 3.53 23.11 13.81
N GLU D 204 4.05 22.31 12.88
CA GLU D 204 3.16 21.44 12.12
C GLU D 204 2.66 20.28 12.96
N GLU D 205 3.44 19.84 13.97
CA GLU D 205 2.92 18.83 14.89
C GLU D 205 1.74 19.39 15.69
N ILE D 206 1.86 20.64 16.10
CA ILE D 206 0.80 21.32 16.85
C ILE D 206 -0.43 21.52 15.98
N PHE D 207 -0.23 21.86 14.71
CA PHE D 207 -1.37 22.02 13.82
C PHE D 207 -1.95 20.70 13.32
N HIS D 208 -1.21 19.59 13.40
CA HIS D 208 -1.86 18.29 13.29
C HIS D 208 -2.75 18.03 14.49
N MET D 209 -2.27 18.40 15.69
CA MET D 209 -3.06 18.18 16.90
C MET D 209 -4.35 19.00 16.92
N THR D 210 -4.31 20.24 16.43
CA THR D 210 -5.52 21.06 16.50
C THR D 210 -6.48 20.81 15.35
N TYR D 211 -6.04 20.99 14.11
CA TYR D 211 -6.96 21.22 13.01
C TYR D 211 -7.29 20.00 12.17
N ASP D 212 -6.53 18.91 12.32
CA ASP D 212 -6.74 17.63 11.64
C ASP D 212 -6.73 17.79 10.11
N LEU D 213 -5.55 18.16 9.62
CA LEU D 213 -5.30 18.18 8.19
C LEU D 213 -4.61 16.88 7.80
N ALA D 214 -4.80 16.47 6.55
CA ALA D 214 -4.25 15.21 6.07
C ALA D 214 -2.73 15.24 6.07
N SER D 215 -2.13 14.14 6.53
CA SER D 215 -0.69 14.10 6.72
C SER D 215 0.07 14.10 5.40
N ALA D 216 -0.49 13.46 4.37
CA ALA D 216 0.17 13.42 3.08
C ALA D 216 0.21 14.78 2.44
N VAL D 217 -0.81 15.61 2.66
CA VAL D 217 -0.82 16.97 2.14
C VAL D 217 0.26 17.81 2.79
N VAL D 218 0.42 17.66 4.11
CA VAL D 218 1.42 18.43 4.84
C VAL D 218 2.82 18.01 4.43
N ARG D 219 3.06 16.71 4.29
CA ARG D 219 4.38 16.25 3.89
C ARG D 219 4.70 16.60 2.45
N ILE D 220 3.70 16.64 1.58
CA ILE D 220 4.03 16.98 0.21
C ILE D 220 4.20 18.49 0.05
N VAL D 221 3.57 19.30 0.91
CA VAL D 221 3.85 20.74 0.91
C VAL D 221 5.26 21.00 1.43
N ASN D 222 5.68 20.27 2.46
CA ASN D 222 7.06 20.36 2.95
C ASN D 222 8.06 19.97 1.87
N LEU D 223 7.76 18.93 1.11
CA LEU D 223 8.69 18.49 0.08
C LEU D 223 8.74 19.46 -1.09
N ILE D 224 7.60 20.06 -1.46
CA ILE D 224 7.60 21.07 -2.51
C ILE D 224 8.39 22.30 -2.09
N GLY D 225 8.30 22.66 -0.81
CA GLY D 225 9.13 23.74 -0.30
C GLY D 225 10.61 23.43 -0.37
N MET D 226 11.01 22.23 0.05
CA MET D 226 12.41 21.86 -0.03
C MET D 226 12.90 21.71 -1.46
N MET D 227 12.05 21.28 -2.38
CA MET D 227 12.46 21.17 -3.77
C MET D 227 12.68 22.54 -4.39
N LEU D 228 11.80 23.49 -4.10
CA LEU D 228 12.02 24.85 -4.60
C LEU D 228 13.27 25.47 -4.00
N LEU D 229 13.51 25.23 -2.72
CA LEU D 229 14.68 25.83 -2.08
C LEU D 229 15.97 25.21 -2.56
N LEU D 230 15.99 23.90 -2.80
CA LEU D 230 17.21 23.26 -3.28
C LEU D 230 17.46 23.56 -4.75
N CYS D 231 16.40 23.72 -5.55
CA CYS D 231 16.58 24.17 -6.92
C CYS D 231 17.15 25.57 -6.97
N HIS D 232 16.68 26.44 -6.07
CA HIS D 232 17.18 27.80 -6.01
C HIS D 232 18.64 27.85 -5.56
N TRP D 233 18.99 27.08 -4.54
CA TRP D 233 20.37 27.04 -4.08
C TRP D 233 21.30 26.41 -5.10
N ASP D 234 20.84 25.40 -5.84
CA ASP D 234 21.69 24.79 -6.84
C ASP D 234 21.89 25.72 -8.02
N GLY D 235 20.85 26.48 -8.38
CA GLY D 235 21.01 27.49 -9.40
C GLY D 235 21.96 28.60 -8.99
N CYS D 236 21.97 28.96 -7.71
CA CYS D 236 22.95 29.93 -7.26
C CYS D 236 24.35 29.33 -7.24
N LEU D 237 24.46 28.04 -6.90
CA LEU D 237 25.78 27.41 -6.75
C LEU D 237 26.47 27.23 -8.09
N GLN D 238 25.70 26.87 -9.12
CA GLN D 238 26.30 26.64 -10.42
C GLN D 238 26.68 27.93 -11.13
N PHE D 239 26.32 29.09 -10.58
CA PHE D 239 26.93 30.33 -11.01
C PHE D 239 28.02 30.78 -10.05
N LEU D 240 27.92 30.40 -8.78
CA LEU D 240 28.91 30.81 -7.78
C LEU D 240 30.28 30.22 -8.08
N VAL D 241 30.33 28.92 -8.31
CA VAL D 241 31.61 28.24 -8.50
C VAL D 241 32.33 28.68 -9.78
N PRO D 242 31.67 28.94 -10.91
CA PRO D 242 32.38 29.64 -11.98
C PRO D 242 32.69 31.10 -11.67
N MET D 243 31.99 31.74 -10.72
CA MET D 243 32.30 33.13 -10.45
C MET D 243 33.54 33.26 -9.57
N LEU D 244 33.73 32.31 -8.67
CA LEU D 244 34.90 32.34 -7.81
C LEU D 244 36.16 31.92 -8.55
N GLN D 245 36.05 31.36 -9.74
CA GLN D 245 37.20 31.04 -10.57
C GLN D 245 37.45 32.10 -11.62
N ASP D 246 36.80 33.27 -11.49
CA ASP D 246 36.91 34.40 -12.42
C ASP D 246 36.54 34.03 -13.85
N PHE D 247 35.55 33.14 -13.98
CA PHE D 247 34.95 32.68 -15.23
C PHE D 247 35.98 32.17 -16.23
N PRO D 248 36.55 30.99 -16.02
CA PRO D 248 37.48 30.44 -17.02
C PRO D 248 36.75 30.07 -18.30
N ASP D 249 37.52 29.87 -19.36
CA ASP D 249 36.97 29.68 -20.69
C ASP D 249 36.36 28.30 -20.92
N ASP D 250 36.26 27.47 -19.89
CA ASP D 250 35.57 26.20 -19.99
C ASP D 250 34.33 26.11 -19.11
N CYS D 251 34.00 27.16 -18.36
CA CYS D 251 32.77 27.11 -17.60
C CYS D 251 31.60 27.37 -18.53
N TRP D 252 30.39 27.08 -18.04
CA TRP D 252 29.22 27.28 -18.87
C TRP D 252 28.89 28.75 -19.06
N VAL D 253 29.41 29.64 -18.23
CA VAL D 253 29.09 31.04 -18.36
C VAL D 253 29.80 31.64 -19.56
N SER D 254 31.10 31.39 -19.67
CA SER D 254 31.86 32.01 -20.74
C SER D 254 31.63 31.33 -22.08
N ILE D 255 31.24 30.05 -22.08
CA ILE D 255 30.89 29.38 -23.33
C ILE D 255 29.63 29.97 -23.92
N ASN D 256 28.65 30.28 -23.08
CA ASN D 256 27.41 30.87 -23.56
C ASN D 256 27.52 32.38 -23.78
N ASN D 257 28.71 32.96 -23.59
CA ASN D 257 28.99 34.38 -23.81
C ASN D 257 28.09 35.28 -22.97
N MET D 258 27.75 34.81 -21.78
CA MET D 258 26.82 35.50 -20.90
C MET D 258 27.48 35.90 -19.60
N VAL D 259 28.76 36.28 -19.69
CA VAL D 259 29.48 36.82 -18.54
C VAL D 259 28.95 38.20 -18.21
N ASN D 260 28.72 39.03 -19.22
CA ASN D 260 28.39 40.43 -19.04
C ASN D 260 26.92 40.73 -19.26
N ASN D 261 26.04 39.74 -19.13
CA ASN D 261 24.62 40.03 -19.18
C ASN D 261 24.16 40.59 -17.85
N SER D 262 22.87 40.94 -17.79
CA SER D 262 22.29 41.38 -16.53
C SER D 262 22.15 40.19 -15.58
N TRP D 263 21.99 40.51 -14.30
CA TRP D 263 21.91 39.45 -13.30
C TRP D 263 20.61 38.67 -13.40
N GLY D 264 19.57 39.26 -13.99
CA GLY D 264 18.34 38.53 -14.19
C GLY D 264 18.49 37.41 -15.20
N LYS D 265 19.18 37.66 -16.30
CA LYS D 265 19.38 36.63 -17.30
C LYS D 265 20.31 35.54 -16.79
N GLN D 266 21.33 35.92 -16.03
CA GLN D 266 22.22 34.96 -15.41
C GLN D 266 21.49 34.07 -14.43
N TYR D 267 20.65 34.66 -13.58
CA TYR D 267 19.89 33.86 -12.63
C TYR D 267 18.85 32.99 -13.32
N SER D 268 18.22 33.48 -14.39
CA SER D 268 17.24 32.69 -15.11
C SER D 268 17.88 31.47 -15.75
N TYR D 269 19.02 31.65 -16.41
CA TYR D 269 19.61 30.50 -17.09
C TYR D 269 20.27 29.55 -16.10
N ALA D 270 20.78 30.06 -14.98
CA ALA D 270 21.34 29.16 -13.96
C ALA D 270 20.25 28.35 -13.28
N LEU D 271 19.12 28.99 -12.96
CA LEU D 271 18.00 28.28 -12.38
C LEU D 271 17.40 27.30 -13.37
N PHE D 272 17.52 27.61 -14.67
CA PHE D 272 17.12 26.67 -15.70
C PHE D 272 18.02 25.44 -15.72
N LYS D 273 19.33 25.62 -15.55
CA LYS D 273 20.21 24.46 -15.46
C LYS D 273 19.90 23.58 -14.25
N ALA D 274 19.65 24.23 -13.11
CA ALA D 274 19.34 23.49 -11.89
C ALA D 274 18.01 22.74 -12.02
N MET D 275 16.99 23.39 -12.58
CA MET D 275 15.70 22.74 -12.72
C MET D 275 15.72 21.69 -13.82
N SER D 276 16.59 21.85 -14.81
CA SER D 276 16.73 20.83 -15.84
C SER D 276 17.35 19.57 -15.28
N HIS D 277 18.36 19.72 -14.43
CA HIS D 277 18.92 18.54 -13.80
C HIS D 277 18.15 18.09 -12.57
N MET D 278 17.09 18.81 -12.19
CA MET D 278 16.24 18.31 -11.11
C MET D 278 15.06 17.49 -11.62
N LEU D 279 14.28 18.03 -12.55
CA LEU D 279 13.09 17.35 -13.06
C LEU D 279 13.40 16.44 -14.23
N CYS D 280 14.64 15.94 -14.31
CA CYS D 280 15.04 14.82 -15.17
C CYS D 280 14.96 15.16 -16.66
N ILE D 281 15.48 16.33 -17.03
CA ILE D 281 15.40 16.73 -18.43
C ILE D 281 16.79 16.84 -19.04
N GLY D 282 17.58 17.80 -18.55
CA GLY D 282 18.91 18.09 -19.06
C GLY D 282 18.95 18.60 -20.48
N TYR D 283 20.07 19.14 -20.93
CA TYR D 283 21.19 19.72 -20.18
C TYR D 283 21.00 21.22 -20.09
N GLY D 284 22.10 21.94 -19.94
CA GLY D 284 22.10 23.35 -20.25
C GLY D 284 22.17 23.56 -21.75
N ARG D 285 23.09 24.40 -22.24
CA ARG D 285 23.26 24.48 -23.70
C ARG D 285 23.92 23.22 -24.22
N GLN D 286 25.14 22.96 -23.80
CA GLN D 286 25.85 21.76 -24.18
C GLN D 286 26.17 20.95 -22.93
N ALA D 287 26.88 19.84 -23.14
CA ALA D 287 27.37 19.04 -22.04
C ALA D 287 28.43 19.83 -21.26
N PRO D 288 28.61 19.52 -19.97
CA PRO D 288 29.68 20.18 -19.22
C PRO D 288 31.06 19.82 -19.76
N VAL D 289 32.00 20.76 -19.63
CA VAL D 289 33.32 20.62 -20.21
C VAL D 289 34.40 20.63 -19.14
N GLY D 290 34.46 21.70 -18.35
CA GLY D 290 35.47 21.80 -17.34
C GLY D 290 35.19 20.91 -16.16
N MET D 291 36.23 20.67 -15.35
CA MET D 291 36.09 19.75 -14.23
C MET D 291 35.26 20.32 -13.09
N SER D 292 35.06 21.63 -13.06
CA SER D 292 34.09 22.18 -12.12
C SER D 292 32.69 21.80 -12.52
N ASP D 293 32.34 22.01 -13.80
CA ASP D 293 30.97 21.83 -14.26
C ASP D 293 30.55 20.38 -14.25
N VAL D 294 31.48 19.45 -14.48
CA VAL D 294 31.12 18.03 -14.51
C VAL D 294 30.71 17.58 -13.12
N TRP D 295 31.51 17.90 -12.11
CA TRP D 295 31.17 17.46 -10.76
C TRP D 295 30.00 18.24 -10.19
N LEU D 296 29.83 19.51 -10.56
CA LEU D 296 28.64 20.22 -10.11
C LEU D 296 27.38 19.71 -10.77
N THR D 297 27.47 19.30 -12.04
CA THR D 297 26.32 18.74 -12.72
C THR D 297 25.97 17.38 -12.13
N MET D 298 26.97 16.60 -11.77
CA MET D 298 26.68 15.32 -11.11
C MET D 298 26.07 15.51 -9.74
N LEU D 299 26.52 16.53 -9.01
CA LEU D 299 25.90 16.84 -7.72
C LEU D 299 24.45 17.27 -7.88
N SER D 300 24.17 18.15 -8.85
CA SER D 300 22.81 18.59 -9.05
C SER D 300 21.92 17.47 -9.57
N MET D 301 22.48 16.56 -10.36
CA MET D 301 21.72 15.41 -10.82
C MET D 301 21.37 14.48 -9.67
N ILE D 302 22.30 14.25 -8.75
CA ILE D 302 22.00 13.39 -7.59
C ILE D 302 20.93 14.01 -6.71
N VAL D 303 21.09 15.31 -6.40
CA VAL D 303 20.12 15.99 -5.54
C VAL D 303 18.75 16.05 -6.20
N GLY D 304 18.70 16.36 -7.49
CA GLY D 304 17.43 16.48 -8.17
C GLY D 304 16.74 15.15 -8.38
N ALA D 305 17.49 14.10 -8.68
CA ALA D 305 16.89 12.79 -8.84
C ALA D 305 16.38 12.24 -7.53
N THR D 306 17.09 12.52 -6.43
CA THR D 306 16.61 12.12 -5.11
C THR D 306 15.33 12.86 -4.74
N CYS D 307 15.29 14.18 -4.97
CA CYS D 307 14.10 14.95 -4.63
C CYS D 307 12.92 14.57 -5.51
N TYR D 308 13.16 14.25 -6.78
CA TYR D 308 12.04 13.87 -7.63
C TYR D 308 11.55 12.47 -7.33
N ALA D 309 12.44 11.56 -6.91
CA ALA D 309 11.98 10.24 -6.49
C ALA D 309 11.16 10.33 -5.21
N MET D 310 11.56 11.21 -4.28
CA MET D 310 10.75 11.40 -3.10
C MET D 310 9.43 12.09 -3.43
N PHE D 311 9.40 12.91 -4.47
CA PHE D 311 8.15 13.52 -4.89
C PHE D 311 7.20 12.50 -5.47
N ILE D 312 7.72 11.55 -6.25
CA ILE D 312 6.88 10.46 -6.75
C ILE D 312 6.38 9.60 -5.60
N GLY D 313 7.22 9.40 -4.59
CA GLY D 313 6.79 8.64 -3.42
C GLY D 313 5.67 9.31 -2.63
N HIS D 314 5.81 10.61 -2.37
CA HIS D 314 4.75 11.32 -1.66
C HIS D 314 3.50 11.46 -2.49
N ALA D 315 3.62 11.56 -3.82
CA ALA D 315 2.42 11.60 -4.65
C ALA D 315 1.70 10.27 -4.63
N THR D 316 2.44 9.16 -4.61
CA THR D 316 1.81 7.84 -4.54
C THR D 316 1.13 7.63 -3.20
N ALA D 317 1.78 8.06 -2.12
CA ALA D 317 1.16 7.95 -0.80
C ALA D 317 -0.05 8.86 -0.66
N LEU D 318 -0.07 9.98 -1.37
CA LEU D 318 -1.25 10.83 -1.38
C LEU D 318 -2.39 10.18 -2.15
N ILE D 319 -2.09 9.60 -3.31
CA ILE D 319 -3.12 9.03 -4.17
C ILE D 319 -3.73 7.78 -3.55
N GLN D 320 -2.94 6.98 -2.83
CA GLN D 320 -3.52 5.80 -2.22
C GLN D 320 -4.38 6.09 -1.00
N SER D 321 -4.51 7.34 -0.58
CA SER D 321 -5.38 7.68 0.54
C SER D 321 -6.62 8.44 0.10
N LEU D 322 -6.89 8.52 -1.20
CA LEU D 322 -8.03 9.31 -1.64
C LEU D 322 -9.32 8.50 -1.71
N ASP D 323 -9.23 7.24 -2.09
CA ASP D 323 -10.42 6.39 -2.22
C ASP D 323 -10.23 5.12 -1.42
N SER D 324 -9.84 5.28 -0.15
CA SER D 324 -9.49 4.14 0.69
C SER D 324 -10.70 3.28 1.00
N SER D 325 -11.87 3.90 1.21
CA SER D 325 -13.06 3.12 1.53
C SER D 325 -13.53 2.31 0.33
N ARG D 326 -13.51 2.91 -0.85
CA ARG D 326 -13.94 2.20 -2.05
C ARG D 326 -12.93 1.13 -2.44
N ARG D 327 -11.64 1.39 -2.19
CA ARG D 327 -10.62 0.38 -2.40
C ARG D 327 -10.79 -0.81 -1.47
N GLN D 328 -11.13 -0.54 -0.20
CA GLN D 328 -11.38 -1.63 0.74
C GLN D 328 -12.64 -2.40 0.37
N TYR D 329 -13.64 -1.72 -0.19
CA TYR D 329 -14.81 -2.42 -0.71
C TYR D 329 -14.45 -3.35 -1.85
N GLN D 330 -13.61 -2.89 -2.77
CA GLN D 330 -13.25 -3.75 -3.89
C GLN D 330 -12.36 -4.90 -3.48
N GLU D 331 -11.52 -4.72 -2.46
CA GLU D 331 -10.76 -5.85 -1.94
C GLU D 331 -11.68 -6.88 -1.29
N LYS D 332 -12.68 -6.41 -0.53
CA LYS D 332 -13.65 -7.33 0.07
C LYS D 332 -14.45 -8.07 -1.00
N TYR D 333 -14.85 -7.37 -2.06
CA TYR D 333 -15.64 -8.06 -3.08
C TYR D 333 -14.79 -9.00 -3.91
N LYS D 334 -13.49 -8.73 -4.07
CA LYS D 334 -12.65 -9.72 -4.72
C LYS D 334 -12.46 -10.96 -3.86
N GLN D 335 -12.44 -10.79 -2.53
CA GLN D 335 -12.44 -11.97 -1.66
C GLN D 335 -13.74 -12.76 -1.79
N VAL D 336 -14.85 -12.07 -1.96
CA VAL D 336 -16.12 -12.77 -2.13
C VAL D 336 -16.19 -13.46 -3.48
N GLU D 337 -15.57 -12.87 -4.51
CA GLU D 337 -15.46 -13.54 -5.81
C GLU D 337 -14.63 -14.81 -5.71
N GLN D 338 -13.55 -14.76 -4.92
CA GLN D 338 -12.78 -15.98 -4.70
C GLN D 338 -13.57 -17.03 -3.92
N TYR D 339 -14.37 -16.60 -2.94
CA TYR D 339 -15.22 -17.54 -2.20
C TYR D 339 -16.24 -18.19 -3.11
N MET D 340 -16.80 -17.44 -4.05
CA MET D 340 -17.76 -18.03 -4.97
C MET D 340 -17.07 -18.94 -5.97
N SER D 341 -15.83 -18.62 -6.36
CA SER D 341 -15.10 -19.48 -7.28
C SER D 341 -14.63 -20.75 -6.61
N PHE D 342 -14.43 -20.72 -5.29
CA PHE D 342 -13.88 -21.88 -4.59
C PHE D 342 -14.91 -22.99 -4.44
N HIS D 343 -16.16 -22.63 -4.18
CA HIS D 343 -17.23 -23.61 -4.04
C HIS D 343 -17.99 -23.84 -5.33
N LYS D 344 -17.57 -23.18 -6.42
CA LYS D 344 -18.08 -23.40 -7.77
C LYS D 344 -19.58 -23.14 -7.86
N LEU D 345 -19.98 -21.98 -7.35
CA LEU D 345 -21.39 -21.61 -7.32
C LEU D 345 -21.89 -21.30 -8.73
N PRO D 346 -23.17 -21.57 -9.00
CA PRO D 346 -23.73 -21.26 -10.32
C PRO D 346 -23.81 -19.76 -10.54
N PRO D 347 -23.83 -19.30 -11.80
CA PRO D 347 -23.77 -17.85 -12.05
C PRO D 347 -25.00 -17.08 -11.61
N ASP D 348 -26.13 -17.75 -11.41
CA ASP D 348 -27.33 -17.06 -10.93
C ASP D 348 -27.14 -16.59 -9.50
N THR D 349 -26.61 -17.46 -8.64
CA THR D 349 -26.30 -17.05 -7.28
C THR D 349 -25.20 -16.01 -7.23
N ARG D 350 -24.27 -16.04 -8.19
CA ARG D 350 -23.24 -15.01 -8.24
C ARG D 350 -23.83 -13.65 -8.58
N GLN D 351 -24.81 -13.62 -9.49
CA GLN D 351 -25.51 -12.37 -9.78
C GLN D 351 -26.30 -11.90 -8.58
N ARG D 352 -26.89 -12.84 -7.82
CA ARG D 352 -27.62 -12.48 -6.60
C ARG D 352 -26.72 -11.86 -5.55
N ILE D 353 -25.54 -12.46 -5.33
CA ILE D 353 -24.60 -11.93 -4.34
C ILE D 353 -24.03 -10.59 -4.78
N HIS D 354 -23.81 -10.43 -6.09
CA HIS D 354 -23.32 -9.16 -6.61
C HIS D 354 -24.34 -8.05 -6.41
N ASP D 355 -25.61 -8.34 -6.69
CA ASP D 355 -26.66 -7.36 -6.45
C ASP D 355 -26.82 -7.05 -4.97
N TYR D 356 -26.59 -8.05 -4.11
CA TYR D 356 -26.70 -7.82 -2.67
C TYR D 356 -25.60 -6.89 -2.17
N TYR D 357 -24.37 -7.08 -2.65
CA TYR D 357 -23.32 -6.17 -2.21
C TYR D 357 -23.41 -4.81 -2.87
N GLU D 358 -24.06 -4.72 -4.04
CA GLU D 358 -24.32 -3.40 -4.59
C GLU D 358 -25.39 -2.67 -3.79
N HIS D 359 -26.36 -3.40 -3.26
CA HIS D 359 -27.45 -2.75 -2.54
C HIS D 359 -27.30 -2.79 -1.03
N ARG D 360 -26.16 -3.27 -0.52
CA ARG D 360 -25.93 -3.32 0.91
C ARG D 360 -24.94 -2.26 1.37
N TYR D 361 -23.75 -2.22 0.77
CA TYR D 361 -22.72 -1.27 1.16
C TYR D 361 -22.67 -0.05 0.27
N GLN D 362 -23.31 -0.11 -0.89
CA GLN D 362 -23.30 0.94 -1.91
C GLN D 362 -21.88 1.33 -2.32
N GLY D 363 -21.09 0.31 -2.64
CA GLY D 363 -19.79 0.52 -3.23
C GLY D 363 -18.69 0.92 -2.29
N LYS D 364 -18.97 1.13 -1.00
CA LYS D 364 -17.95 1.53 -0.06
C LYS D 364 -18.13 0.76 1.25
N MET D 365 -16.99 0.40 1.84
CA MET D 365 -16.93 -0.49 2.99
C MET D 365 -17.11 0.30 4.28
N PHE D 366 -17.97 -0.21 5.16
CA PHE D 366 -18.10 0.29 6.51
C PHE D 366 -18.59 -0.86 7.38
N ASP D 367 -18.12 -0.90 8.61
CA ASP D 367 -18.49 -1.95 9.56
C ASP D 367 -19.36 -1.32 10.64
N GLU D 368 -20.64 -1.65 10.64
CA GLU D 368 -21.59 -1.02 11.55
C GLU D 368 -21.33 -1.40 13.00
N GLU D 369 -20.99 -2.67 13.24
CA GLU D 369 -20.84 -3.17 14.61
C GLU D 369 -19.63 -2.54 15.30
N SER D 370 -18.50 -2.45 14.60
CA SER D 370 -17.31 -1.88 15.20
C SER D 370 -17.46 -0.38 15.41
N ILE D 371 -18.15 0.30 14.50
CA ILE D 371 -18.35 1.75 14.63
C ILE D 371 -19.28 2.05 15.80
N LEU D 372 -20.37 1.31 15.93
CA LEU D 372 -21.24 1.49 17.08
C LEU D 372 -20.60 1.03 18.37
N GLY D 373 -19.60 0.14 18.30
CA GLY D 373 -18.86 -0.20 19.50
C GLY D 373 -17.86 0.85 19.92
N GLU D 374 -17.23 1.53 18.97
CA GLU D 374 -16.23 2.54 19.30
C GLU D 374 -16.82 3.82 19.85
N LEU D 375 -18.09 4.10 19.55
CA LEU D 375 -18.69 5.33 20.03
C LEU D 375 -19.02 5.22 21.50
N SER D 376 -19.31 6.37 22.10
CA SER D 376 -19.73 6.41 23.50
C SER D 376 -21.21 6.04 23.59
N GLU D 377 -21.74 6.14 24.80
CA GLU D 377 -23.14 5.77 25.00
C GLU D 377 -24.14 6.81 24.47
N PRO D 378 -24.00 8.13 24.72
CA PRO D 378 -25.03 9.05 24.20
C PRO D 378 -25.02 9.19 22.68
N LEU D 379 -23.87 9.07 22.01
CA LEU D 379 -23.87 9.12 20.55
C LEU D 379 -24.55 7.89 19.98
N ARG D 380 -24.32 6.72 20.59
CA ARG D 380 -24.99 5.51 20.18
C ARG D 380 -26.49 5.63 20.35
N GLU D 381 -26.93 6.17 21.48
CA GLU D 381 -28.36 6.37 21.72
C GLU D 381 -28.94 7.39 20.75
N GLU D 382 -28.18 8.42 20.40
CA GLU D 382 -28.68 9.45 19.50
C GLU D 382 -28.84 8.92 18.08
N ILE D 383 -27.86 8.16 17.59
CA ILE D 383 -27.96 7.56 16.27
C ILE D 383 -29.10 6.55 16.22
N ILE D 384 -29.23 5.72 17.24
CA ILE D 384 -30.28 4.71 17.23
C ILE D 384 -31.67 5.34 17.36
N ASN D 385 -31.78 6.44 18.14
CA ASN D 385 -33.04 7.16 18.23
C ASN D 385 -33.43 7.77 16.89
N PHE D 386 -32.49 8.47 16.24
CA PHE D 386 -32.78 9.08 14.93
C PHE D 386 -33.11 8.03 13.89
N ASN D 387 -32.50 6.85 13.95
CA ASN D 387 -32.82 5.83 12.96
C ASN D 387 -34.17 5.20 13.21
N CYS D 388 -34.52 4.91 14.46
CA CYS D 388 -35.59 3.94 14.70
C CYS D 388 -36.72 4.36 15.63
N ARG D 389 -36.65 5.53 16.27
CA ARG D 389 -37.73 5.86 17.20
C ARG D 389 -38.98 6.28 16.44
N LYS D 390 -38.83 6.80 15.23
CA LYS D 390 -39.99 7.06 14.38
C LYS D 390 -40.65 5.77 13.91
N LEU D 391 -39.93 4.65 13.93
CA LEU D 391 -40.50 3.36 13.55
C LEU D 391 -41.12 2.63 14.73
N VAL D 392 -40.48 2.66 15.90
CA VAL D 392 -41.07 1.96 17.04
C VAL D 392 -42.20 2.73 17.70
N ALA D 393 -42.36 4.01 17.37
CA ALA D 393 -43.51 4.73 17.87
C ALA D 393 -44.79 4.37 17.13
N SER D 394 -44.66 3.84 15.91
CA SER D 394 -45.83 3.47 15.12
C SER D 394 -46.44 2.15 15.55
N MET D 395 -45.78 1.41 16.41
CA MET D 395 -46.39 0.17 16.89
C MET D 395 -47.14 0.43 18.18
N PRO D 396 -48.42 0.05 18.25
CA PRO D 396 -49.22 0.37 19.45
C PRO D 396 -48.86 -0.44 20.68
N LEU D 397 -48.05 -1.50 20.54
CA LEU D 397 -47.58 -2.23 21.71
C LEU D 397 -46.56 -1.40 22.48
N PHE D 398 -45.88 -0.47 21.81
CA PHE D 398 -44.76 0.25 22.39
C PHE D 398 -45.11 1.68 22.78
N ALA D 399 -46.20 2.25 22.25
CA ALA D 399 -46.56 3.62 22.57
C ALA D 399 -47.17 3.75 23.97
N ASN D 400 -47.62 2.65 24.55
CA ASN D 400 -48.21 2.64 25.88
C ASN D 400 -47.26 2.02 26.90
N ALA D 401 -45.97 2.29 26.76
CA ALA D 401 -44.96 1.67 27.60
C ALA D 401 -44.01 2.72 28.13
N ASP D 402 -43.05 2.25 28.93
CA ASP D 402 -42.03 3.10 29.52
C ASP D 402 -41.12 3.64 28.42
N PRO D 403 -40.81 4.93 28.40
CA PRO D 403 -39.74 5.41 27.49
C PRO D 403 -38.38 4.81 27.78
N ASN D 404 -38.13 4.43 29.04
CA ASN D 404 -36.91 3.67 29.33
C ASN D 404 -36.97 2.28 28.72
N PHE D 405 -38.17 1.69 28.63
CA PHE D 405 -38.30 0.40 27.97
C PHE D 405 -37.99 0.51 26.48
N VAL D 406 -38.49 1.56 25.83
CA VAL D 406 -38.22 1.77 24.42
C VAL D 406 -36.74 2.05 24.20
N THR D 407 -36.14 2.86 25.08
CA THR D 407 -34.73 3.21 24.94
C THR D 407 -33.83 1.99 25.15
N SER D 408 -34.18 1.13 26.10
CA SER D 408 -33.39 -0.09 26.31
C SER D 408 -33.66 -1.14 25.25
N MET D 409 -34.80 -1.06 24.56
CA MET D 409 -35.12 -2.05 23.54
C MET D 409 -34.51 -1.70 22.19
N LEU D 410 -34.38 -0.40 21.90
CA LEU D 410 -33.87 0.05 20.59
C LEU D 410 -32.45 -0.41 20.30
N THR D 411 -31.67 -0.75 21.32
CA THR D 411 -30.32 -1.23 21.11
C THR D 411 -30.28 -2.61 20.47
N LYS D 412 -31.38 -3.36 20.51
CA LYS D 412 -31.40 -4.73 20.02
C LYS D 412 -31.85 -4.85 18.58
N LEU D 413 -32.13 -3.74 17.90
CA LEU D 413 -32.52 -3.81 16.50
C LEU D 413 -31.30 -4.08 15.63
N ARG D 414 -31.50 -4.82 14.55
CA ARG D 414 -30.44 -5.13 13.60
C ARG D 414 -30.86 -4.69 12.21
N PHE D 415 -29.93 -4.08 11.48
CA PHE D 415 -30.22 -3.62 10.13
C PHE D 415 -30.05 -4.76 9.15
N GLU D 416 -31.05 -4.97 8.29
CA GLU D 416 -31.01 -6.07 7.32
C GLU D 416 -31.50 -5.58 5.98
N VAL D 417 -31.04 -6.24 4.92
CA VAL D 417 -31.34 -5.87 3.54
C VAL D 417 -31.78 -7.10 2.78
N PHE D 418 -32.91 -7.02 2.08
CA PHE D 418 -33.43 -8.14 1.32
C PHE D 418 -33.64 -7.76 -0.14
N GLN D 419 -33.25 -8.65 -1.03
CA GLN D 419 -33.44 -8.49 -2.46
C GLN D 419 -34.89 -8.75 -2.85
N PRO D 420 -35.34 -8.21 -3.98
CA PRO D 420 -36.68 -8.56 -4.48
C PRO D 420 -36.71 -10.01 -4.94
N GLY D 421 -37.75 -10.73 -4.51
CA GLY D 421 -37.87 -12.14 -4.75
C GLY D 421 -37.58 -13.00 -3.53
N ASP D 422 -37.00 -12.42 -2.49
CA ASP D 422 -36.64 -13.18 -1.30
C ASP D 422 -37.85 -13.42 -0.42
N TYR D 423 -37.94 -14.61 0.15
CA TYR D 423 -38.92 -14.88 1.18
C TYR D 423 -38.34 -14.43 2.51
N ILE D 424 -38.80 -13.28 2.99
CA ILE D 424 -38.38 -12.76 4.28
C ILE D 424 -38.90 -13.65 5.39
N ILE D 425 -40.19 -13.95 5.36
CA ILE D 425 -40.81 -14.90 6.29
C ILE D 425 -41.38 -16.05 5.47
N ARG D 426 -40.90 -17.26 5.74
CA ARG D 426 -41.43 -18.45 5.12
C ARG D 426 -42.45 -19.09 6.05
N GLU D 427 -43.62 -19.40 5.51
CA GLU D 427 -44.73 -19.84 6.34
C GLU D 427 -44.52 -21.28 6.80
N GLY D 428 -44.77 -21.51 8.09
CA GLY D 428 -44.65 -22.82 8.67
C GLY D 428 -43.43 -23.03 9.56
N THR D 429 -42.59 -22.02 9.73
CA THR D 429 -41.41 -22.14 10.56
C THR D 429 -41.67 -21.59 11.95
N ILE D 430 -40.67 -21.70 12.82
CA ILE D 430 -40.75 -21.12 14.16
C ILE D 430 -40.46 -19.63 14.04
N GLY D 431 -41.41 -18.80 14.49
CA GLY D 431 -41.20 -17.37 14.45
C GLY D 431 -40.19 -16.93 15.49
N LYS D 432 -39.07 -16.37 15.04
CA LYS D 432 -38.01 -15.96 15.94
C LYS D 432 -37.68 -14.47 15.88
N LYS D 433 -38.14 -13.76 14.85
CA LYS D 433 -37.77 -12.37 14.66
C LYS D 433 -39.00 -11.55 14.33
N MET D 434 -38.93 -10.26 14.62
CA MET D 434 -39.96 -9.30 14.27
C MET D 434 -39.30 -8.22 13.44
N TYR D 435 -39.95 -7.81 12.36
CA TYR D 435 -39.34 -6.97 11.34
C TYR D 435 -40.05 -5.62 11.28
N PHE D 436 -39.26 -4.56 11.24
CA PHE D 436 -39.76 -3.20 11.05
C PHE D 436 -39.28 -2.72 9.69
N ILE D 437 -40.12 -1.99 8.98
CA ILE D 437 -39.81 -1.59 7.62
C ILE D 437 -39.26 -0.17 7.61
N GLN D 438 -38.05 -0.01 7.10
CA GLN D 438 -37.52 1.33 6.84
C GLN D 438 -37.76 1.75 5.41
N HIS D 439 -37.25 0.98 4.45
CA HIS D 439 -37.45 1.28 3.04
C HIS D 439 -37.86 0.02 2.30
N GLY D 440 -38.72 0.17 1.31
CA GLY D 440 -39.12 -0.92 0.44
C GLY D 440 -40.57 -1.32 0.64
N VAL D 441 -41.05 -2.12 -0.30
CA VAL D 441 -42.41 -2.62 -0.31
C VAL D 441 -42.37 -4.13 -0.27
N VAL D 442 -43.06 -4.73 0.70
CA VAL D 442 -43.14 -6.18 0.80
C VAL D 442 -44.57 -6.62 0.53
N SER D 443 -44.73 -7.90 0.21
CA SER D 443 -46.01 -8.51 -0.04
C SER D 443 -46.26 -9.60 1.00
N VAL D 444 -47.38 -9.49 1.71
CA VAL D 444 -47.81 -10.51 2.65
C VAL D 444 -48.81 -11.40 1.93
N LEU D 445 -48.43 -12.66 1.75
CA LEU D 445 -49.28 -13.69 1.19
C LEU D 445 -49.89 -14.50 2.32
N THR D 446 -51.21 -14.65 2.31
CA THR D 446 -51.86 -15.51 3.29
C THR D 446 -52.78 -16.47 2.55
N LYS D 447 -53.41 -17.36 3.31
CA LYS D 447 -54.33 -18.33 2.73
C LYS D 447 -55.61 -17.64 2.29
N GLY D 448 -56.27 -18.22 1.31
CA GLY D 448 -57.35 -17.55 0.62
C GLY D 448 -56.91 -16.69 -0.54
N ASN D 449 -55.63 -16.81 -0.94
CA ASN D 449 -55.03 -16.09 -2.08
C ASN D 449 -55.14 -14.58 -1.90
N LYS D 450 -54.78 -14.11 -0.71
CA LYS D 450 -54.81 -12.69 -0.38
C LYS D 450 -53.39 -12.17 -0.24
N GLU D 451 -53.11 -11.09 -0.97
CA GLU D 451 -51.77 -10.52 -1.06
C GLU D 451 -51.86 -9.04 -0.73
N THR D 452 -51.41 -8.67 0.47
CA THR D 452 -51.40 -7.27 0.85
C THR D 452 -50.01 -6.69 0.65
N LYS D 453 -49.97 -5.37 0.52
CA LYS D 453 -48.72 -4.64 0.32
C LYS D 453 -48.42 -3.81 1.55
N LEU D 454 -47.20 -3.92 2.06
CA LEU D 454 -46.73 -3.08 3.14
C LEU D 454 -45.55 -2.25 2.66
N ALA D 455 -45.40 -1.08 3.28
CA ALA D 455 -44.49 -0.06 2.79
C ALA D 455 -43.79 0.55 3.99
N ASP D 456 -43.20 1.73 3.80
CA ASP D 456 -42.32 2.32 4.79
C ASP D 456 -43.10 2.76 6.02
N GLY D 457 -42.55 2.50 7.19
CA GLY D 457 -43.21 2.80 8.44
C GLY D 457 -44.12 1.70 8.94
N SER D 458 -44.32 0.64 8.17
CA SER D 458 -45.15 -0.47 8.61
C SER D 458 -44.29 -1.53 9.30
N TYR D 459 -44.91 -2.63 9.68
CA TYR D 459 -44.23 -3.67 10.43
C TYR D 459 -44.99 -4.97 10.27
N PHE D 460 -44.32 -6.08 10.55
CA PHE D 460 -44.92 -7.40 10.37
C PHE D 460 -44.15 -8.42 11.20
N GLY D 461 -44.86 -9.47 11.59
CA GLY D 461 -44.26 -10.56 12.33
C GLY D 461 -44.23 -10.33 13.83
N GLU D 462 -45.29 -9.74 14.37
CA GLU D 462 -45.33 -9.37 15.78
C GLU D 462 -46.08 -10.37 16.63
N ILE D 463 -46.86 -11.27 16.03
CA ILE D 463 -47.62 -12.25 16.79
C ILE D 463 -46.69 -13.30 17.37
N CYS D 464 -45.65 -13.66 16.62
CA CYS D 464 -44.68 -14.64 17.09
C CYS D 464 -43.79 -14.09 18.20
N LEU D 465 -43.73 -12.76 18.35
CA LEU D 465 -43.00 -12.18 19.47
C LEU D 465 -43.73 -12.43 20.78
N LEU D 466 -45.05 -12.24 20.77
CA LEU D 466 -45.83 -12.37 22.00
C LEU D 466 -46.10 -13.83 22.33
N THR D 467 -46.54 -14.61 21.33
CA THR D 467 -47.03 -15.95 21.59
C THR D 467 -45.96 -17.04 21.50
N ARG D 468 -44.90 -16.80 20.72
CA ARG D 468 -43.83 -17.76 20.41
C ARG D 468 -44.40 -19.06 19.83
N GLY D 469 -45.15 -18.90 18.74
CA GLY D 469 -45.74 -20.02 18.04
C GLY D 469 -45.06 -20.28 16.71
N ARG D 470 -45.84 -20.48 15.66
CA ARG D 470 -45.33 -20.75 14.32
C ARG D 470 -45.87 -19.72 13.34
N ARG D 471 -45.33 -19.76 12.13
CA ARG D 471 -45.69 -18.78 11.11
C ARG D 471 -47.02 -19.13 10.45
N THR D 472 -47.80 -18.10 10.17
CA THR D 472 -49.11 -18.25 9.57
C THR D 472 -49.25 -17.59 8.21
N ALA D 473 -48.29 -16.77 7.79
CA ALA D 473 -48.37 -16.10 6.51
C ALA D 473 -46.96 -15.84 5.99
N SER D 474 -46.81 -15.88 4.67
CA SER D 474 -45.52 -15.65 4.06
C SER D 474 -45.33 -14.19 3.73
N VAL D 475 -44.09 -13.73 3.75
CA VAL D 475 -43.75 -12.35 3.37
C VAL D 475 -42.63 -12.41 2.35
N ARG D 476 -42.88 -11.86 1.17
CA ARG D 476 -41.88 -11.82 0.11
C ARG D 476 -41.51 -10.38 -0.20
N ALA D 477 -40.22 -10.14 -0.39
CA ALA D 477 -39.76 -8.80 -0.71
C ALA D 477 -39.95 -8.51 -2.19
N ASP D 478 -40.46 -7.33 -2.50
CA ASP D 478 -40.69 -6.92 -3.88
C ASP D 478 -39.68 -5.90 -4.38
N THR D 479 -38.99 -5.22 -3.49
CA THR D 479 -37.92 -4.29 -3.82
C THR D 479 -36.74 -4.57 -2.91
N TYR D 480 -35.67 -3.79 -3.09
CA TYR D 480 -34.52 -3.91 -2.19
C TYR D 480 -34.89 -3.28 -0.86
N CYS D 481 -35.39 -4.11 0.05
CA CYS D 481 -35.97 -3.65 1.30
C CYS D 481 -34.89 -3.48 2.36
N ARG D 482 -34.86 -2.31 2.98
CA ARG D 482 -34.08 -2.07 4.18
C ARG D 482 -35.01 -2.21 5.38
N LEU D 483 -34.69 -3.14 6.26
CA LEU D 483 -35.55 -3.47 7.38
C LEU D 483 -34.76 -3.42 8.68
N TYR D 484 -35.46 -3.24 9.78
CA TYR D 484 -34.90 -3.41 11.10
C TYR D 484 -35.54 -4.61 11.76
N SER D 485 -34.73 -5.44 12.40
CA SER D 485 -35.18 -6.70 12.95
C SER D 485 -35.02 -6.69 14.46
N LEU D 486 -35.90 -7.42 15.14
CA LEU D 486 -35.86 -7.55 16.58
C LEU D 486 -36.14 -9.01 16.92
N SER D 487 -35.17 -9.68 17.52
CA SER D 487 -35.33 -11.09 17.83
C SER D 487 -36.18 -11.28 19.06
N VAL D 488 -36.68 -12.50 19.23
CA VAL D 488 -37.47 -12.83 20.41
C VAL D 488 -36.58 -12.91 21.65
N ASP D 489 -35.38 -13.47 21.50
CA ASP D 489 -34.50 -13.66 22.64
C ASP D 489 -33.97 -12.33 23.17
N ASN D 490 -33.66 -11.40 22.26
CA ASN D 490 -33.28 -10.06 22.68
C ASN D 490 -34.45 -9.33 23.34
N PHE D 491 -35.67 -9.60 22.88
CA PHE D 491 -36.84 -9.00 23.50
C PHE D 491 -37.07 -9.55 24.91
N ASN D 492 -36.77 -10.83 25.10
CA ASN D 492 -36.83 -11.41 26.44
C ASN D 492 -35.77 -10.81 27.34
N GLU D 493 -34.57 -10.57 26.79
CA GLU D 493 -33.52 -9.92 27.58
C GLU D 493 -33.90 -8.50 27.95
N VAL D 494 -34.65 -7.81 27.08
CA VAL D 494 -35.13 -6.48 27.43
C VAL D 494 -36.22 -6.57 28.50
N LEU D 495 -37.07 -7.60 28.43
CA LEU D 495 -38.08 -7.79 29.46
C LEU D 495 -37.52 -8.26 30.80
N GLU D 496 -36.29 -8.78 30.83
CA GLU D 496 -35.71 -9.20 32.10
C GLU D 496 -35.52 -8.03 33.05
N GLU D 497 -35.11 -6.87 32.53
CA GLU D 497 -34.85 -5.74 33.39
C GLU D 497 -36.10 -4.93 33.69
N TYR D 498 -37.16 -5.07 32.88
CA TYR D 498 -38.37 -4.28 33.02
C TYR D 498 -39.55 -5.23 33.20
N PRO D 499 -39.75 -5.75 34.42
CA PRO D 499 -40.80 -6.77 34.61
C PRO D 499 -42.20 -6.21 34.60
N MET D 500 -42.37 -4.90 34.84
CA MET D 500 -43.71 -4.32 34.85
C MET D 500 -44.31 -4.30 33.45
N MET D 501 -43.53 -3.94 32.44
CA MET D 501 -44.03 -3.99 31.08
C MET D 501 -44.22 -5.43 30.61
N ARG D 502 -43.45 -6.37 31.17
CA ARG D 502 -43.69 -7.78 30.87
C ARG D 502 -45.02 -8.26 31.41
N ARG D 503 -45.35 -7.86 32.65
CA ARG D 503 -46.65 -8.20 33.21
C ARG D 503 -47.77 -7.49 32.45
N ALA D 504 -47.52 -6.26 31.97
CA ALA D 504 -48.51 -5.56 31.18
C ALA D 504 -48.75 -6.25 29.84
N PHE D 505 -47.68 -6.77 29.22
CA PHE D 505 -47.84 -7.53 27.99
C PHE D 505 -48.54 -8.85 28.23
N GLU D 506 -48.33 -9.45 29.40
CA GLU D 506 -49.07 -10.66 29.78
C GLU D 506 -50.56 -10.38 29.93
N THR D 507 -50.90 -9.24 30.53
CA THR D 507 -52.31 -8.91 30.72
C THR D 507 -53.00 -8.52 29.41
N VAL D 508 -52.33 -7.71 28.58
CA VAL D 508 -52.95 -7.29 27.32
C VAL D 508 -52.97 -8.46 26.33
N ALA D 509 -52.02 -9.40 26.47
CA ALA D 509 -52.03 -10.59 25.62
C ALA D 509 -53.19 -11.51 25.94
N LEU D 510 -53.78 -11.39 27.13
CA LEU D 510 -54.95 -12.19 27.50
C LEU D 510 -56.19 -11.70 26.77
O12 PC1 E . -16.48 20.05 -7.67
P PC1 E . -15.50 20.60 -6.71
O14 PC1 E . -14.81 19.68 -5.77
O13 PC1 E . -16.18 21.80 -5.92
C11 PC1 E . -17.62 21.96 -5.86
O11 PC1 E . -14.43 21.44 -7.52
C1 PC1 E . -13.16 20.86 -7.84
C2 PC1 E . -12.26 21.94 -8.38
O21 PC1 E . -12.10 22.95 -7.34
C21 PC1 E . -11.01 22.86 -6.57
O22 PC1 E . -10.24 21.94 -6.59
C22 PC1 E . -10.87 24.06 -5.68
C23 PC1 E . -10.26 25.26 -6.40
C24 PC1 E . -8.92 24.95 -7.04
C25 PC1 E . -8.29 26.11 -7.77
C26 PC1 E . -6.97 25.78 -8.45
C3 PC1 E . -12.89 22.64 -9.54
O31 PC1 E . -12.04 23.79 -9.82
C31 PC1 E . -11.76 24.02 -11.10
O32 PC1 E . -12.20 23.39 -12.01
C32 PC1 E . -10.81 25.17 -11.23
C33 PC1 E . -10.18 25.26 -12.61
C34 PC1 E . -8.97 26.15 -12.63
C35 PC1 E . -8.35 26.32 -13.99
C36 PC1 E . -9.24 27.03 -14.98
C37 PC1 E . -8.61 27.27 -16.32
C38 PC1 E . -7.38 28.15 -16.29
C39 PC1 E . -7.04 28.75 -17.63
C3A PC1 E . -5.86 29.70 -17.60
C3B PC1 E . -4.54 29.00 -17.45
C3C PC1 E . -4.12 28.25 -18.70
C3D PC1 E . -3.85 29.14 -19.89
C3E PC1 E . -3.43 28.39 -21.13
C3F PC1 E . -3.28 29.26 -22.37
C3G PC1 E . -3.01 28.47 -23.62
C3H PC1 E . -2.96 29.32 -24.87
O12 PC1 F . -2.01 22.57 -42.20
P PC1 F . -1.49 21.27 -42.68
O14 PC1 F . -2.25 20.52 -43.71
O13 PC1 F . 0.01 21.47 -43.15
C11 PC1 F . 0.59 20.70 -44.23
C12 PC1 F . 1.23 19.53 -43.52
N PC1 F . 1.95 18.53 -44.40
O11 PC1 F . -1.23 20.35 -41.41
C1 PC1 F . -2.22 19.37 -41.04
C2 PC1 F . -1.64 18.33 -40.12
O21 PC1 F . -1.67 18.83 -38.74
C21 PC1 F . -2.77 18.58 -38.01
O22 PC1 F . -3.75 18.05 -38.46
C22 PC1 F . -2.61 19.06 -36.61
C23 PC1 F . -3.44 18.26 -35.61
C24 PC1 F . -3.01 16.81 -35.51
C25 PC1 F . -3.81 16.02 -34.49
C26 PC1 F . -3.40 14.57 -34.39
C27 PC1 F . -4.17 13.79 -33.35
C28 PC1 F . -3.84 12.32 -33.29
C3 PC1 F . -0.24 17.94 -40.47
O31 PC1 F . 0.03 16.74 -39.73
C31 PC1 F . 0.53 15.70 -40.40
O32 PC1 F . 0.88 15.75 -41.55
C32 PC1 F . 0.59 14.48 -39.55
C33 PC1 F . -0.74 14.19 -38.87
C34 PC1 F . -0.71 12.97 -37.98
C35 PC1 F . -2.03 12.68 -37.33
C36 PC1 F . -2.00 11.46 -36.43
C22 PC1 G . -9.01 18.92 -9.41
C23 PC1 G . -8.89 19.86 -10.60
C24 PC1 G . -7.62 20.67 -10.58
C25 PC1 G . -7.46 21.61 -11.76
C26 PC1 G . -6.11 22.26 -11.85
C27 PC1 G . -5.95 23.16 -13.05
C28 PC1 G . -4.52 23.60 -13.28
C29 PC1 G . -4.33 24.48 -14.49
C2A PC1 G . -2.88 24.62 -14.90
C2B PC1 G . -2.67 25.49 -16.11
C2C PC1 G . -1.29 25.38 -16.73
C2D PC1 G . -1.09 26.30 -17.92
C2E PC1 G . 0.18 26.04 -18.68
C2F PC1 G . 0.23 24.68 -19.34
P 3PE H . -9.84 30.72 -38.75
O11 3PE H . -10.05 29.21 -38.27
O12 3PE H . -10.64 30.90 -39.98
O13 3PE H . -8.31 30.76 -39.19
O14 3PE H . -10.05 31.65 -37.62
C1 3PE H . -11.08 28.43 -38.90
C2 3PE H . -11.09 27.02 -38.35
C3 3PE H . -9.83 26.72 -37.58
O31 3PE H . -9.78 25.30 -37.29
O32 3PE H . -8.06 25.64 -35.92
C31 3PE H . -8.84 24.90 -36.45
C32 3PE H . -8.87 23.41 -36.23
C33 3PE H . -7.80 22.97 -35.25
C34 3PE H . -7.78 21.48 -34.97
C35 3PE H . -6.71 21.08 -33.97
C36 3PE H . -6.75 19.62 -33.56
C37 3PE H . -5.71 19.26 -32.52
C38 3PE H . -5.86 17.88 -31.91
C39 3PE H . -5.02 17.67 -30.66
C3A 3PE H . -5.36 16.42 -29.87
C3B 3PE H . -4.93 16.49 -28.41
C3C 3PE H . -3.44 16.47 -28.19
C3D 3PE H . -2.77 15.17 -28.59
C3E 3PE H . -1.34 15.03 -28.11
O21 3PE H . -12.23 26.89 -37.45
O22 3PE H . -13.57 26.29 -39.15
C21 3PE H . -13.41 26.51 -37.98
C22 3PE H . -14.47 26.41 -36.93
C23 3PE H . -14.53 25.04 -36.26
C24 3PE H . -14.92 23.93 -37.21
O11 3PE I . -9.53 13.94 -10.43
C1 3PE I . -8.13 14.28 -10.54
C2 3PE I . -7.94 15.24 -11.67
C3 3PE I . -9.15 16.11 -11.90
O31 3PE I . -9.41 16.17 -13.31
O32 3PE I . -11.17 14.81 -13.08
C31 3PE I . -10.43 15.43 -13.78
C32 3PE I . -10.49 15.48 -15.27
C33 3PE I . -11.71 16.20 -15.82
C34 3PE I . -11.44 16.84 -17.16
C35 3PE I . -11.10 15.89 -18.28
C36 3PE I . -10.72 16.60 -19.56
C37 3PE I . -10.62 15.72 -20.79
C38 3PE I . -10.47 16.51 -22.07
C39 3PE I . -10.74 15.71 -23.33
C3A 3PE I . -9.54 14.98 -23.88
C3B 3PE I . -8.50 15.90 -24.48
O21 3PE I . -6.80 16.08 -11.34
O22 3PE I . -5.86 15.71 -13.33
C21 3PE I . -5.81 16.17 -12.22
C22 3PE I . -4.61 16.86 -11.64
C23 3PE I . -4.08 18.02 -12.47
C24 3PE I . -2.70 18.43 -12.02
C25 3PE I . -2.29 19.83 -12.43
C26 3PE I . -0.87 20.17 -12.04
C27 3PE I . -0.57 21.65 -11.94
C28 3PE I . 0.82 21.93 -11.43
C29 3PE I . 1.05 23.33 -10.90
C2A 3PE I . 1.18 24.39 -11.97
C2B 3PE I . 1.63 25.74 -11.42
C2C 3PE I . 1.77 26.82 -12.47
C2D 3PE I . 2.24 28.15 -11.91
C23 PC1 J . -12.01 -1.91 -17.85
C24 PC1 J . -11.54 -1.04 -19.00
C25 PC1 J . -12.19 0.33 -19.05
C26 PC1 J . -11.66 1.21 -20.17
C27 PC1 J . -12.31 2.58 -20.22
C28 PC1 J . -11.77 3.47 -21.34
C29 PC1 J . -12.49 4.80 -21.46
C3 PC1 J . -7.54 -3.19 -16.21
O31 PC1 J . -6.91 -1.91 -16.46
C31 PC1 J . -7.41 -1.16 -17.44
O32 PC1 J . -8.37 -1.48 -18.09
C32 PC1 J . -6.65 0.12 -17.60
C33 PC1 J . -7.34 1.13 -18.50
C34 PC1 J . -6.52 2.39 -18.68
C35 PC1 J . -7.21 3.48 -19.46
C36 PC1 J . -7.64 3.08 -20.86
C37 PC1 J . -8.03 4.24 -21.74
C38 PC1 J . -6.87 5.17 -22.04
C39 PC1 J . -7.22 6.33 -22.96
C3A PC1 J . -8.21 7.32 -22.36
C3B PC1 J . -8.43 8.56 -23.21
C3C PC1 J . -9.40 9.54 -22.60
C3D PC1 J . -9.61 10.79 -23.43
C32 PC1 K . -1.73 1.18 -16.52
C33 PC1 K . -1.76 1.87 -17.87
C34 PC1 K . -2.85 2.91 -17.97
C35 PC1 K . -2.88 3.66 -19.29
C36 PC1 K . -3.10 2.76 -20.49
C37 PC1 K . -3.39 3.53 -21.76
C38 PC1 K . -2.26 4.41 -22.25
C39 PC1 K . -2.55 5.90 -22.23
C3A PC1 K . -1.37 6.74 -22.65
C3B PC1 K . -1.39 8.15 -22.13
C3C PC1 K . 0.00 8.69 -21.85
C3D PC1 K . 0.02 9.98 -21.06
C3E PC1 K . -0.31 11.22 -21.85
C3F PC1 K . 0.79 11.66 -22.79
C3G PC1 K . 0.57 13.04 -23.38
O12 PC1 L . 11.24 40.28 -20.34
P PC1 L . 10.48 39.89 -21.54
O14 PC1 L . 9.16 40.52 -21.80
O13 PC1 L . 11.43 40.03 -22.82
C11 PC1 L . 12.70 40.73 -22.77
C12 PC1 L . 13.68 39.67 -23.19
O11 PC1 L . 10.34 38.30 -21.55
C1 PC1 L . 9.99 37.61 -20.34
C2 PC1 L . 8.48 37.56 -20.29
O21 PC1 L . 7.94 36.79 -19.15
C21 PC1 L . 8.10 35.45 -19.02
O22 PC1 L . 8.75 34.75 -19.75
C22 PC1 L . 7.33 34.95 -17.83
C23 PC1 L . 6.52 33.70 -18.15
C24 PC1 L . 5.72 33.19 -16.97
C25 PC1 L . 6.52 32.47 -15.91
C26 PC1 L . 5.68 32.03 -14.73
C27 PC1 L . 6.42 31.23 -13.66
C28 PC1 L . 6.89 29.87 -14.11
C29 PC1 L . 7.21 28.92 -12.96
C2A PC1 L . 8.21 29.48 -11.96
C2B PC1 L . 8.41 28.63 -10.72
C3 PC1 L . 7.85 37.16 -21.60
O31 PC1 L . 6.50 36.79 -21.27
C31 PC1 L . 5.59 37.75 -21.22
O32 PC1 L . 5.76 38.85 -21.65
C32 PC1 L . 4.35 37.28 -20.53
C33 PC1 L . 4.31 35.77 -20.32
C34 PC1 L . 3.20 35.35 -19.40
C35 PC1 L . 2.98 33.86 -19.31
C36 PC1 L . 1.95 33.48 -18.28
C37 PC1 L . 1.62 32.01 -18.23
C38 PC1 L . 0.49 31.70 -17.28
C39 PC1 L . 0.08 30.25 -17.26
C3A PC1 L . -1.05 29.95 -16.30
C1 PC1 M . 6.32 43.06 -26.36
C2 PC1 M . 4.92 43.11 -25.80
O21 PC1 M . 4.42 41.73 -25.74
C21 PC1 M . 4.59 41.07 -24.58
O22 PC1 M . 5.10 41.54 -23.61
C22 PC1 M . 4.05 39.67 -24.67
C23 PC1 M . 2.99 39.36 -23.62
C24 PC1 M . 2.46 37.94 -23.72
C25 PC1 M . 1.38 37.62 -22.72
C26 PC1 M . 0.84 36.21 -22.81
C27 PC1 M . -0.21 35.90 -21.77
C28 PC1 M . -0.84 34.53 -21.89
C29 PC1 M . -1.87 34.25 -20.82
C2A PC1 M . -2.54 32.90 -20.94
C3 PC1 M . 4.00 43.89 -26.68
O12 PC1 N . 2.56 14.39 -44.12
P PC1 N . 3.51 13.30 -44.43
O14 PC1 N . 3.05 12.12 -45.19
O13 PC1 N . 4.82 13.95 -45.10
C11 PC1 N . 4.84 15.30 -45.60
C12 PC1 N . 5.97 15.93 -44.81
O11 PC1 N . 4.19 12.85 -43.06
C1 PC1 N . 3.36 12.63 -41.89
C2 PC1 N . 2.89 11.20 -41.94
O21 PC1 N . 2.12 10.80 -40.75
C21 PC1 N . 2.65 10.69 -39.50
O22 PC1 N . 3.77 10.99 -39.21
C22 PC1 N . 1.64 10.14 -38.55
C23 PC1 N . 2.22 9.03 -37.67
C24 PC1 N . 1.21 8.43 -36.71
C25 PC1 N . 0.89 9.30 -35.52
C26 PC1 N . -0.17 8.68 -34.61
C27 PC1 N . -0.49 9.47 -33.36
C28 PC1 N . 0.64 9.52 -32.35
C29 PC1 N . 0.18 9.90 -30.94
C2A PC1 N . -0.59 11.20 -30.87
C2B PC1 N . -1.19 11.49 -29.51
C3 PC1 N . 3.98 10.23 -42.28
O31 PC1 N . 3.46 8.94 -41.88
C31 PC1 N . 2.72 8.29 -42.77
O32 PC1 N . 2.64 8.58 -43.93
C32 PC1 N . 1.97 7.17 -42.12
C33 PC1 N . 2.45 6.87 -40.70
C34 PC1 N . 1.53 5.93 -39.97
C35 PC1 N . 2.05 5.43 -38.64
C36 PC1 N . 1.03 4.61 -37.88
C37 PC1 N . 1.54 4.00 -36.60
C38 PC1 N . 0.54 3.09 -35.95
C39 PC1 N . 1.05 2.40 -34.71
C3A PC1 N . 0.03 1.49 -34.06
C1 PC1 O . 4.89 8.90 -49.84
C2 PC1 O . 3.98 7.72 -49.71
O21 PC1 O . 4.38 6.97 -48.51
C21 PC1 O . 3.75 7.25 -47.36
O22 PC1 O . 2.88 8.06 -47.26
C22 PC1 O . 4.29 6.42 -46.24
C23 PC1 O . 3.23 5.60 -45.52
C24 PC1 O . 3.78 4.78 -44.38
C25 PC1 O . 2.75 3.91 -43.69
C26 PC1 O . 3.29 3.07 -42.55
C27 PC1 O . 2.24 2.26 -41.85
C28 PC1 O . 2.77 1.35 -40.75
C29 PC1 O . 1.68 0.55 -40.07
C2A PC1 O . 2.18 -0.39 -39.00
C3 PC1 O . 4.09 6.79 -50.89
O12 PC1 P . -7.49 -13.25 -22.39
P PC1 P . -8.25 -11.98 -22.31
O14 PC1 P . -8.42 -11.31 -21.02
O13 PC1 P . -9.65 -12.20 -23.03
C11 PC1 P . -10.22 -13.52 -23.24
O11 PC1 P . -7.61 -10.99 -23.38
C1 PC1 P . -6.70 -9.97 -22.93
C2 PC1 P . -6.46 -9.02 -24.07
O21 PC1 P . -7.74 -8.41 -24.44
C21 PC1 P . -8.02 -7.21 -23.90
O22 PC1 P . -7.35 -6.68 -23.06
C22 PC1 P . -9.26 -6.62 -24.50
C23 PC1 P . -9.00 -5.96 -25.85
C24 PC1 P . -7.92 -4.90 -25.79
C25 PC1 P . -7.63 -4.23 -27.12
C26 PC1 P . -6.50 -3.21 -27.06
C3 PC1 P . -5.98 -9.73 -25.30
O31 PC1 P . -6.00 -8.76 -26.36
C31 PC1 P . -4.95 -8.73 -27.18
O32 PC1 P . -4.03 -9.50 -27.10
C32 PC1 P . -5.06 -7.62 -28.17
C33 PC1 P . -3.74 -7.33 -28.87
C34 PC1 P . -3.76 -6.00 -29.57
C35 PC1 P . -2.49 -5.69 -30.34
C36 PC1 P . -2.27 -6.61 -31.49
C37 PC1 P . -1.04 -6.27 -32.32
C38 PC1 P . -1.09 -4.91 -32.98
C39 PC1 P . -0.13 -4.78 -34.13
C3A PC1 P . -0.22 -3.45 -34.85
C3B PC1 P . 0.38 -2.32 -34.08
C3C PC1 P . 1.88 -2.36 -34.01
C3D PC1 P . 2.57 -2.19 -35.36
C3E PC1 P . 4.08 -2.25 -35.27
C3F PC1 P . 4.78 -2.21 -36.60
C3G PC1 P . 6.26 -2.40 -36.51
C3H PC1 P . 6.95 -2.47 -37.85
O12 PC1 Q . 24.84 -7.00 -40.37
P PC1 Q . 25.98 -6.89 -39.43
O14 PC1 Q . 26.95 -8.00 -39.34
O13 PC1 Q . 26.75 -5.53 -39.73
C11 PC1 Q . 28.18 -5.39 -39.54
C12 PC1 Q . 28.29 -4.86 -38.14
N PC1 Q . 29.70 -4.59 -37.64
O11 PC1 Q . 25.40 -6.53 -37.99
C1 PC1 Q . 25.23 -7.60 -37.04
C2 PC1 Q . 25.09 -7.05 -35.64
O21 PC1 Q . 23.71 -6.65 -35.40
C21 PC1 Q . 22.87 -7.58 -34.92
O22 PC1 Q . 23.18 -8.73 -34.74
C22 PC1 Q . 21.52 -7.00 -34.63
C23 PC1 Q . 20.79 -7.73 -33.51
C24 PC1 Q . 21.47 -7.60 -32.17
C25 PC1 Q . 20.74 -8.28 -31.04
C26 PC1 Q . 21.42 -8.18 -29.70
C27 PC1 Q . 20.65 -8.82 -28.57
C28 PC1 Q . 21.37 -8.81 -27.23
C3 PC1 Q . 25.99 -5.87 -35.37
O31 PC1 Q . 25.98 -5.69 -33.94
C31 PC1 Q . 27.17 -5.60 -33.34
O32 PC1 Q . 28.21 -5.53 -33.92
C32 PC1 Q . 27.01 -5.60 -31.85
C33 PC1 Q . 26.17 -6.76 -31.37
C34 PC1 Q . 25.97 -6.78 -29.88
C35 PC1 Q . 25.15 -7.95 -29.38
C36 PC1 Q . 24.95 -7.97 -27.89
C22 PC1 R . -3.25 -6.80 -21.71
C23 PC1 R . -2.63 -6.76 -23.10
C24 PC1 R . -2.63 -5.38 -23.71
C25 PC1 R . -2.01 -5.31 -25.08
C26 PC1 R . -1.81 -3.91 -25.60
C27 PC1 R . -1.15 -3.84 -26.96
C28 PC1 R . -0.73 -2.45 -27.35
C29 PC1 R . -0.03 -2.37 -28.69
C2A PC1 R . 0.69 -1.06 -28.90
C2B PC1 R . 1.38 -0.96 -30.24
C2C PC1 R . 2.37 0.18 -30.35
C2D PC1 R . 3.02 0.29 -31.71
C2E PC1 R . 4.16 1.26 -31.76
C2F PC1 R . 5.33 0.87 -30.91
P 3PE S . 15.93 -11.93 -46.35
O11 3PE S . 16.13 -12.34 -44.82
O12 3PE S . 16.64 -12.94 -47.16
O13 3PE S . 16.74 -10.57 -46.48
O14 3PE S . 14.50 -11.67 -46.61
C1 3PE S . 16.69 -13.63 -44.51
C2 3PE S . 16.85 -13.80 -43.02
C3 3PE S . 16.72 -12.49 -42.29
O31 3PE S . 17.12 -12.68 -40.91
O32 3PE S . 16.35 -10.65 -40.41
C31 3PE S . 16.89 -11.66 -40.08
C32 3PE S . 17.36 -11.96 -38.69
C33 3PE S . 17.06 -10.80 -37.74
C34 3PE S . 17.49 -11.03 -36.31
C35 3PE S . 17.16 -9.87 -35.40
C36 3PE S . 17.46 -10.11 -33.93
C37 3PE S . 17.05 -8.95 -33.04
C38 3PE S . 17.10 -9.25 -31.55
C39 3PE S . 16.41 -8.20 -30.70
C3A 3PE S . 16.18 -8.60 -29.26
C3B 3PE S . 15.06 -7.84 -28.58
C3C 3PE S . 15.34 -6.36 -28.34
C3D 3PE S . 16.46 -6.11 -27.35
C3E 3PE S . 16.56 -4.66 -26.89
O21 3PE S . 15.81 -14.71 -42.55
O22 3PE S . 17.10 -16.49 -42.96
C21 3PE S . 16.07 -16.03 -42.57
C22 3PE S . 14.91 -16.81 -42.03
C23 3PE S . 14.94 -17.00 -40.53
C24 3PE S . 16.12 -17.83 -40.05
O11 3PE T . -0.33 -8.57 -17.92
C1 3PE T . 0.03 -7.19 -18.16
C2 3PE T . 0.62 -7.08 -19.54
C3 3PE T . 0.05 -8.09 -20.49
O31 3PE T . 1.14 -8.66 -21.25
O32 3PE T . 1.02 -10.56 -20.07
C31 3PE T . 1.55 -9.89 -20.92
C32 3PE T . 2.77 -10.28 -21.69
C33 3PE T . 2.54 -11.42 -22.67
C34 3PE T . 3.46 -11.33 -23.86
C35 3PE T . 4.93 -11.48 -23.54
C36 3PE T . 5.81 -11.26 -24.77
C37 3PE T . 7.26 -11.64 -24.58
C38 3PE T . 8.04 -11.63 -25.89
C39 3PE T . 9.37 -12.35 -25.82
C3A 3PE T . 10.53 -11.48 -25.37
C3B 3PE T . 10.94 -10.44 -26.40
O21 3PE T . 0.31 -5.74 -20.02
O22 3PE T . 2.44 -5.39 -20.61
C21 3PE T . 1.32 -4.99 -20.46
C22 3PE T . 0.88 -3.56 -20.69
C23 3PE T . 1.22 -3.01 -22.06
C24 3PE T . 1.09 -1.51 -22.11
C25 3PE T . 0.93 -0.93 -23.49
C26 3PE T . 0.88 0.59 -23.50
C27 3PE T . 0.22 1.20 -24.72
C28 3PE T . 0.10 2.70 -24.61
C29 3PE T . -0.92 3.33 -25.55
C2A 3PE T . -0.46 3.42 -26.99
C2B 3PE T . -1.37 4.27 -27.86
C2C 3PE T . -0.93 4.38 -29.30
C2D 3PE T . -1.85 5.24 -30.15
C23 PC1 U . 12.22 -15.94 -7.92
C24 PC1 U . 12.96 -15.58 -9.20
C25 PC1 U . 12.19 -15.92 -10.46
C26 PC1 U . 12.89 -15.50 -11.73
C27 PC1 U . 12.13 -15.83 -13.01
C28 PC1 U . 12.83 -15.41 -14.28
C29 PC1 U . 12.13 -15.84 -15.55
C3 PC1 U . 12.78 -11.58 -5.69
O31 PC1 U . 12.61 -10.77 -6.87
C31 PC1 U . 12.93 -11.32 -8.03
O32 PC1 U . 13.35 -12.45 -8.15
C32 PC1 U . 12.74 -10.37 -9.17
C33 PC1 U . 12.84 -11.02 -10.53
C34 PC1 U . 12.67 -10.03 -11.66
C35 PC1 U . 12.64 -10.63 -13.05
C36 PC1 U . 13.86 -11.45 -13.40
C37 PC1 U . 13.97 -11.78 -14.88
C38 PC1 U . 14.17 -10.55 -15.75
C39 PC1 U . 14.30 -10.85 -17.23
C3A PC1 U . 13.06 -11.44 -17.86
C3B PC1 U . 13.15 -11.59 -19.37
C3C PC1 U . 11.91 -12.17 -20.01
C3D PC1 U . 11.98 -12.31 -21.51
C32 PC1 V . 12.86 -5.22 -9.21
C33 PC1 V . 13.67 -5.42 -10.48
C34 PC1 V . 12.95 -6.26 -11.51
C35 PC1 V . 13.72 -6.44 -12.80
C36 PC1 V . 15.07 -7.11 -12.63
C37 PC1 V . 15.71 -7.52 -13.94
C38 PC1 V . 16.08 -6.38 -14.85
C39 PC1 V . 15.30 -6.34 -16.16
C3A PC1 V . 15.65 -5.14 -17.01
C3B PC1 V . 14.56 -4.74 -17.99
C3C PC1 V . 14.51 -3.25 -18.22
C3D PC1 V . 13.28 -2.77 -18.95
C3E PC1 V . 13.29 -3.00 -20.44
C3F PC1 V . 14.22 -2.09 -21.21
C3G PC1 V . 14.03 -2.14 -22.71
O12 PC1 W . 31.50 -4.81 -33.86
P PC1 W . 32.53 -4.20 -32.99
O14 PC1 W . 33.56 -5.06 -32.38
O13 PC1 W . 33.20 -2.99 -33.79
C11 PC1 W . 33.03 -2.79 -35.21
C12 PC1 W . 32.43 -1.41 -35.28
O11 PC1 W . 31.79 -3.34 -31.88
C1 PC1 W . 30.66 -3.89 -31.19
C2 PC1 W . 31.18 -4.66 -30.00
O21 PC1 W . 30.13 -5.20 -29.12
C21 PC1 W . 29.29 -4.43 -28.39
O22 PC1 W . 29.25 -3.23 -28.43
C22 PC1 W . 28.43 -5.27 -27.51
C23 PC1 W . 28.36 -4.76 -26.08
C24 PC1 W . 27.51 -5.61 -25.16
C25 PC1 W . 26.02 -5.47 -25.35
C26 PC1 W . 25.22 -6.38 -24.45
C27 PC1 W . 23.71 -6.24 -24.54
C28 PC1 W . 23.18 -4.92 -24.02
C29 PC1 W . 21.69 -4.95 -23.69
C2A PC1 W . 20.82 -5.39 -24.84
C2B PC1 W . 19.36 -5.59 -24.48
C3 PC1 W . 32.24 -3.89 -29.23
O31 PC1 W . 32.32 -4.56 -27.96
C31 PC1 W . 33.13 -5.62 -27.88
O32 PC1 W . 33.95 -5.90 -28.71
C32 PC1 W . 32.86 -6.41 -26.64
C33 PC1 W . 31.94 -5.69 -25.66
C34 PC1 W . 31.46 -6.59 -24.55
C35 PC1 W . 30.73 -5.89 -23.43
C36 PC1 W . 30.15 -6.85 -22.43
C37 PC1 W . 29.51 -6.19 -21.23
C38 PC1 W . 29.06 -7.18 -20.19
C39 PC1 W . 28.47 -6.56 -18.94
C3A PC1 W . 28.03 -7.57 -17.91
C1 PC1 X . 39.48 -5.07 -31.71
C2 PC1 X . 39.62 -6.15 -30.67
O21 PC1 X . 39.07 -5.65 -29.41
C21 PC1 X . 37.79 -5.91 -29.14
O22 PC1 X . 37.06 -6.56 -29.86
C22 PC1 X . 37.36 -5.32 -27.84
C23 PC1 X . 36.80 -6.33 -26.85
C24 PC1 X . 36.38 -5.71 -25.53
C25 PC1 X . 35.88 -6.71 -24.52
C26 PC1 X . 35.45 -6.11 -23.20
C27 PC1 X . 34.91 -7.12 -22.22
C28 PC1 X . 34.54 -6.55 -20.86
C29 PC1 X . 34.00 -7.60 -19.91
C2A PC1 X . 33.67 -7.07 -18.54
C3 PC1 X . 41.05 -6.51 -30.43
O12 PC1 Y . 22.49 -15.07 0.07
P PC1 Y . 21.63 -15.50 -1.06
O14 PC1 Y . 20.18 -15.23 -1.02
O13 PC1 Y . 21.90 -17.06 -1.32
C11 PC1 Y . 22.50 -17.91 -0.32
O11 PC1 Y . 22.28 -14.94 -2.40
C1 PC1 Y . 21.72 -13.76 -3.00
C2 PC1 Y . 22.33 -13.60 -4.37
O21 PC1 Y . 21.98 -14.76 -5.17
C21 PC1 Y . 20.90 -14.66 -5.97
O22 PC1 Y . 20.16 -13.72 -5.97
C22 PC1 Y . 20.77 -15.85 -6.86
C23 PC1 Y . 21.68 -15.78 -8.07
C24 PC1 Y . 21.49 -14.52 -8.89
C25 PC1 Y . 22.40 -14.41 -10.11
C26 PC1 Y . 22.24 -13.12 -10.88
C3 PC1 Y . 23.83 -13.57 -4.31
O31 PC1 Y . 24.28 -13.63 -5.67
C31 PC1 Y . 25.27 -12.82 -6.02
O32 PC1 Y . 25.82 -12.10 -5.25
C32 PC1 Y . 25.58 -12.92 -7.48
C33 PC1 Y . 26.43 -11.78 -7.98
C34 PC1 Y . 26.43 -11.67 -9.49
C35 PC1 Y . 27.31 -10.58 -10.03
C36 PC1 Y . 28.78 -10.83 -9.78
C37 PC1 Y . 29.69 -9.79 -10.39
C38 PC1 Y . 29.62 -9.70 -11.90
C39 PC1 Y . 30.83 -9.02 -12.50
C3A PC1 Y . 30.81 -9.00 -14.01
C3B PC1 Y . 29.83 -8.01 -14.58
C3C PC1 Y . 30.25 -6.57 -14.40
C3D PC1 Y . 31.52 -6.20 -15.14
C3E PC1 Y . 31.93 -4.76 -14.95
C3F PC1 Y . 33.24 -4.40 -15.59
C3G PC1 Y . 33.72 -3.01 -15.27
C3H PC1 Y . 35.07 -2.68 -15.81
O12 PC1 Z . 44.65 12.79 -11.80
P PC1 Z . 44.15 14.11 -11.36
O14 PC1 Z . 44.86 14.82 -10.28
O13 PC1 Z . 44.02 15.05 -12.64
C11 PC1 Z . 44.24 16.49 -12.56
C12 PC1 Z . 42.85 17.03 -12.33
N PC1 Z . 42.75 18.54 -12.21
O11 PC1 Z . 42.60 13.97 -11.01
C1 PC1 Z . 42.23 13.81 -9.64
C2 PC1 Z . 40.76 14.11 -9.44
O21 PC1 Z . 39.96 12.93 -9.77
C21 PC1 Z . 39.72 12.06 -8.78
O22 PC1 Z . 40.17 12.15 -7.68
C22 PC1 Z . 38.81 10.96 -9.25
C23 PC1 Z . 37.97 10.37 -8.12
C24 PC1 Z . 36.99 11.37 -7.52
C25 PC1 Z . 36.12 10.78 -6.44
C26 PC1 Z . 35.15 11.76 -5.82
C27 PC1 Z . 34.26 11.16 -4.76
C28 PC1 Z . 33.33 12.15 -4.08
C3 PC1 Z . 40.28 15.27 -10.26
O31 PC1 Z . 38.99 15.64 -9.72
C31 PC1 Z . 38.80 16.93 -9.43
O32 PC1 Z . 39.58 17.80 -9.70
C32 PC1 Z . 37.50 17.12 -8.70
C33 PC1 Z . 37.37 16.19 -7.52
C34 PC1 Z . 36.06 16.34 -6.79
C35 PC1 Z . 35.91 15.43 -5.60
C36 PC1 Z . 34.60 15.58 -4.86
C22 PC1 AA . 20.32 -9.54 -4.91
C23 PC1 AA . 21.66 -9.27 -5.58
C24 PC1 AA . 21.56 -9.11 -7.08
C25 PC1 AA . 22.87 -8.82 -7.75
C26 PC1 AA . 22.74 -8.47 -9.21
C27 PC1 AA . 24.06 -8.14 -9.89
C28 PC1 AA . 23.89 -7.53 -11.26
C29 PC1 AA . 25.19 -7.17 -11.93
C2A PC1 AA . 25.00 -6.26 -13.13
C2B PC1 AA . 26.30 -5.89 -13.82
C2C PC1 AA . 26.19 -4.74 -14.80
C2D PC1 AA . 27.47 -4.41 -15.50
C2E PC1 AA . 27.44 -3.14 -16.30
C2F PC1 AA . 27.25 -1.91 -15.46
P 3PE BA . 49.17 1.91 -11.08
O11 3PE BA . 48.13 2.36 -9.96
O12 3PE BA . 50.53 2.18 -10.54
O13 3PE BA . 48.92 2.93 -12.26
O14 3PE BA . 48.84 0.54 -11.53
C1 3PE BA . 48.62 2.70 -8.64
C2 3PE BA . 47.49 3.16 -7.76
C3 3PE BA . 46.25 3.48 -8.56
O31 3PE BA . 45.29 4.14 -7.69
O32 3PE BA . 43.74 3.95 -9.27
C31 3PE BA . 44.06 4.32 -8.18
C32 3PE BA . 43.17 5.03 -7.21
C33 3PE BA . 41.77 5.21 -7.78
C34 3PE BA . 40.80 5.91 -6.84
C35 3PE BA . 39.41 6.04 -7.45
C36 3PE BA . 38.37 6.61 -6.49
C37 3PE BA . 36.97 6.67 -7.10
C38 3PE BA . 35.87 7.01 -6.10
C39 3PE BA . 34.49 6.76 -6.65
C3A 3PE BA . 33.38 6.81 -5.62
C3B 3PE BA . 32.12 6.06 -6.03
C3C 3PE BA . 31.35 6.68 -7.18
C3D 3PE BA . 30.75 8.03 -6.84
C3E 3PE BA . 29.74 8.53 -7.86
O21 3PE BA . 47.18 2.09 -6.82
O22 3PE BA . 48.71 2.85 -5.37
C21 3PE BA . 47.86 2.06 -5.66
C22 3PE BA . 47.41 0.92 -4.80
C23 3PE BA . 46.23 1.25 -3.90
C24 3PE BA . 46.56 2.31 -2.86
O11 3PE CA . 18.80 -6.26 -1.31
C1 3PE CA . 18.50 -5.68 -2.60
C2 3PE CA . 19.79 -5.41 -3.32
C3 3PE CA . 20.88 -6.39 -2.95
O31 3PE CA . 22.10 -5.65 -2.75
O32 3PE CA . 21.93 -5.88 -0.53
C31 3PE CA . 22.48 -5.43 -1.49
C32 3PE CA . 23.68 -4.53 -1.43
C33 3PE CA . 24.95 -5.22 -0.94
C34 3PE CA . 26.19 -4.61 -1.53
C35 3PE CA . 26.44 -3.16 -1.14
C36 3PE CA . 27.64 -2.57 -1.86
C37 3PE CA . 28.09 -1.23 -1.34
C38 3PE CA . 29.42 -0.79 -1.93
C39 3PE CA . 30.09 0.34 -1.18
C3A 3PE CA . 29.68 1.73 -1.63
C3B 3PE CA . 30.20 2.10 -3.00
O21 3PE CA . 19.51 -5.55 -4.76
O22 3PE CA . 20.49 -3.58 -5.19
C21 3PE CA . 19.85 -4.52 -5.55
C22 3PE CA . 19.27 -4.71 -6.93
C23 3PE CA . 20.28 -4.57 -8.05
C24 3PE CA . 19.61 -4.40 -9.39
C25 3PE CA . 20.47 -4.75 -10.59
C26 3PE CA . 19.78 -4.48 -11.91
C27 3PE CA . 20.33 -5.26 -13.08
C28 3PE CA . 19.53 -5.05 -14.35
C29 3PE CA . 19.74 -6.08 -15.43
C2A 3PE CA . 21.05 -5.96 -16.18
C2B 3PE CA . 21.12 -6.86 -17.40
C2C 3PE CA . 22.42 -6.76 -18.17
C2D 3PE CA . 22.48 -7.64 -19.40
C23 PC1 DA . 17.49 6.45 10.88
C24 PC1 DA . 18.63 6.92 10.00
C25 PC1 DA . 19.62 5.83 9.62
C26 PC1 DA . 20.71 6.29 8.69
C27 PC1 DA . 21.70 5.21 8.31
C28 PC1 DA . 22.79 5.67 7.36
C29 PC1 DA . 23.84 4.61 7.07
C3 PC1 DA . 13.83 8.40 8.22
O31 PC1 DA . 14.42 8.14 6.93
C31 PC1 DA . 15.74 8.06 6.86
O32 PC1 DA . 16.46 8.19 7.82
C32 PC1 DA . 16.21 7.81 5.47
C33 PC1 DA . 17.68 7.46 5.38
C34 PC1 DA . 18.14 7.25 3.94
C35 PC1 DA . 19.57 6.77 3.79
C36 PC1 DA . 20.60 7.67 4.42
C37 PC1 DA . 22.01 7.37 4.00
C38 PC1 DA . 22.26 7.61 2.52
C39 PC1 DA . 23.69 7.33 2.07
C3A PC1 DA . 24.11 5.88 2.18
C3B PC1 DA . 25.47 5.59 1.59
C3C PC1 DA . 25.89 4.14 1.69
C3D PC1 DA . 27.24 3.83 1.08
C32 PC1 EA . 13.98 8.99 0.97
C33 PC1 EA . 15.39 9.43 0.59
C34 PC1 EA . 16.41 8.34 0.77
C35 PC1 EA . 17.81 8.73 0.35
C36 PC1 EA . 18.37 9.91 1.11
C37 PC1 EA . 19.86 10.13 0.88
C38 PC1 EA . 20.23 10.50 -0.53
C39 PC1 EA . 21.08 9.47 -1.27
C3A PC1 EA . 21.36 9.85 -2.70
C3B PC1 EA . 21.68 8.68 -3.60
C3C PC1 EA . 21.19 8.89 -5.01
C3D PC1 EA . 21.21 7.65 -5.88
C3E PC1 EA . 22.58 7.26 -6.40
C3F PC1 EA . 23.10 8.16 -7.50
C3G PC1 EA . 24.32 7.63 -8.20
C23 PC1 FA . -6.75 20.49 0.98
C24 PC1 FA . -5.86 21.46 0.22
C25 PC1 FA . -4.76 22.08 1.06
C26 PC1 FA . -3.84 23.01 0.28
C27 PC1 FA . -2.74 23.62 1.11
C28 PC1 FA . -1.82 24.54 0.33
C29 PC1 FA . -0.78 25.24 1.18
C3 PC1 FA . -6.48 16.80 -2.28
O31 PC1 FA . -5.10 17.00 -2.64
C31 PC1 FA . -4.61 18.23 -2.51
O32 PC1 FA . -5.24 19.16 -2.11
C32 PC1 FA . -3.18 18.30 -2.95
C33 PC1 FA . -2.49 19.60 -2.57
C34 PC1 FA . -1.06 19.66 -3.05
C35 PC1 FA . -0.28 20.88 -2.60
C36 PC1 FA . -0.90 22.19 -3.00
C37 PC1 FA . 0.02 23.38 -2.84
C38 PC1 FA . 1.24 23.33 -3.75
C39 PC1 FA . 2.16 24.51 -3.63
C3A PC1 FA . 2.85 24.64 -2.28
C3B PC1 FA . 3.89 25.73 -2.22
C3C PC1 FA . 4.58 25.85 -0.87
C3D PC1 FA . 5.64 26.93 -0.81
C32 PC1 GA . -0.60 15.38 -6.32
C33 PC1 GA . -0.05 16.73 -6.78
C34 PC1 GA . 0.60 17.52 -5.67
C35 PC1 GA . 1.20 18.82 -6.11
C36 PC1 GA . 0.22 19.78 -6.72
C37 PC1 GA . 0.76 21.18 -6.92
C38 PC1 GA . 1.90 21.28 -7.91
C39 PC1 GA . 3.23 21.70 -7.31
C3A PC1 GA . 4.35 21.73 -8.32
C3B PC1 GA . 5.73 21.57 -7.72
C3C PC1 GA . 6.69 20.83 -8.62
C3D PC1 GA . 7.97 20.39 -7.96
C3E PC1 GA . 8.99 21.49 -7.78
C3F PC1 GA . 9.69 21.91 -9.06
C3G PC1 GA . 10.88 22.81 -8.85
O12 PC1 HA . 40.20 21.08 -10.06
P PC1 HA . 39.52 22.38 -10.08
O14 PC1 HA . 39.70 23.33 -8.96
O13 PC1 HA . 39.85 23.10 -11.48
C11 PC1 HA . 40.90 22.64 -12.36
C12 PC1 HA . 40.17 22.35 -13.64
O11 PC1 HA . 37.97 22.13 -10.34
C1 PC1 HA . 37.29 21.09 -9.61
C2 PC1 HA . 36.79 21.71 -8.33
O21 PC1 HA . 35.98 20.79 -7.51
C21 PC1 HA . 34.76 20.33 -7.88
O22 PC1 HA . 34.25 20.53 -8.94
C22 PC1 HA . 34.14 19.53 -6.77
C23 PC1 HA . 32.68 19.92 -6.54
C24 PC1 HA . 32.04 19.14 -5.41
C25 PC1 HA . 31.68 17.71 -5.73
C26 PC1 HA . 31.09 16.96 -4.55
C27 PC1 HA . 30.64 15.54 -4.83
C28 PC1 HA . 29.45 15.43 -5.77
C29 PC1 HA . 28.73 14.09 -5.69
C2A PC1 HA . 29.64 12.89 -5.92
C2B PC1 HA . 28.98 11.55 -5.68
C3 PC1 HA . 36.13 23.04 -8.54
O31 PC1 HA . 35.38 23.28 -7.32
C31 PC1 HA . 36.03 23.85 -6.31
O32 PC1 HA . 37.10 24.37 -6.41
C32 PC1 HA . 35.25 23.71 -5.04
C33 PC1 HA . 33.82 23.22 -5.25
C34 PC1 HA . 33.15 22.83 -3.96
C35 PC1 HA . 31.68 22.54 -4.08
C36 PC1 HA . 31.08 22.02 -2.80
C37 PC1 HA . 29.59 21.82 -2.84
C38 PC1 HA . 29.02 21.43 -1.50
C39 PC1 HA . 27.52 21.30 -1.48
C3A PC1 HA . 26.96 20.90 -0.13
C1 PC1 IA . 40.93 29.10 -8.20
C2 PC1 IA . 40.58 29.25 -6.74
O21 PC1 IA . 39.13 29.13 -6.61
C21 PC1 IA . 38.64 27.91 -6.33
O22 PC1 IA . 39.31 26.93 -6.19
C22 PC1 IA . 37.14 27.95 -6.24
C23 PC1 IA . 36.59 27.43 -4.92
C24 PC1 IA . 35.08 27.46 -4.85
C25 PC1 IA . 34.52 27.01 -3.53
C26 PC1 IA . 33.01 27.03 -3.44
C27 PC1 IA . 32.47 26.53 -2.12
C28 PC1 IA . 30.97 26.62 -1.97
C29 PC1 IA . 30.46 26.10 -0.65
C2A PC1 IA . 28.97 26.22 -0.46
C3 PC1 IA . 40.98 30.59 -6.21
O12 PC1 JA . 13.49 18.23 14.77
P PC1 JA . 14.38 17.07 14.53
O14 PC1 JA . 13.78 15.76 14.21
O13 PC1 JA . 15.37 16.94 15.78
C11 PC1 JA . 15.10 17.56 17.05
O11 PC1 JA . 15.45 17.49 13.44
C1 PC1 JA . 15.26 17.07 12.08
C2 PC1 JA . 16.52 17.36 11.32
O21 PC1 JA . 17.61 16.60 11.91
C21 PC1 JA . 17.91 15.42 11.35
O22 PC1 JA . 17.25 14.91 10.48
C22 PC1 JA . 19.15 14.83 11.95
C23 PC1 JA . 20.42 15.43 11.35
C24 PC1 JA . 20.48 15.33 9.84
C25 PC1 JA . 21.74 15.93 9.22
C26 PC1 JA . 21.76 15.87 7.71
C3 PC1 JA . 16.91 18.81 11.43
O31 PC1 JA . 18.23 18.90 10.85
C31 PC1 JA . 18.45 19.94 10.04
O32 PC1 JA . 17.65 20.79 9.83
C32 PC1 JA . 19.82 19.88 9.44
C33 PC1 JA . 19.99 20.81 8.26
C34 PC1 JA . 21.21 20.48 7.43
C35 PC1 JA . 21.45 21.42 6.29
C36 PC1 JA . 21.79 22.82 6.73
C37 PC1 JA . 22.12 23.75 5.59
C38 PC1 JA . 23.33 23.36 4.78
C39 PC1 JA . 23.91 24.51 3.98
C3A PC1 JA . 25.16 24.15 3.22
C3B PC1 JA . 24.90 23.29 2.01
C3C PC1 JA . 24.23 24.03 0.88
C3D PC1 JA . 25.08 25.14 0.29
C3E PC1 JA . 24.40 25.87 -0.84
C3F PC1 JA . 25.17 27.05 -1.38
C3G PC1 JA . 24.42 27.87 -2.40
C3H PC1 JA . 25.14 29.11 -2.85
O12 PC1 KA . 17.77 42.36 -13.66
P PC1 KA . 16.65 42.27 -14.63
O14 PC1 KA . 15.64 43.34 -14.66
O13 PC1 KA . 17.27 42.04 -16.08
C11 PC1 KA . 16.63 42.56 -17.27
C12 PC1 KA . 15.77 41.42 -17.74
N PC1 KA . 14.97 41.66 -19.00
O11 PC1 KA . 15.95 40.84 -14.44
C1 PC1 KA . 14.76 40.77 -13.66
C2 PC1 KA . 14.01 39.49 -13.93
O21 PC1 KA . 14.57 38.40 -13.13
C21 PC1 KA . 14.06 38.22 -11.90
O22 PC1 KA . 13.22 38.93 -11.41
C22 PC1 KA . 14.66 37.02 -11.24
C23 PC1 KA . 13.72 36.36 -10.24
C24 PC1 KA . 12.47 35.77 -10.89
C25 PC1 KA . 11.56 35.08 -9.91
C26 PC1 KA . 10.31 34.50 -10.53
C27 PC1 KA . 9.41 33.77 -9.55
C28 PC1 KA . 8.12 33.26 -10.15
C3 PC1 KA . 14.04 39.09 -15.37
O31 PC1 KA . 13.02 38.07 -15.52
C31 PC1 KA . 12.15 38.22 -16.52
O32 PC1 KA . 12.22 39.07 -17.36
C32 PC1 KA . 11.05 37.19 -16.43
C33 PC1 KA . 10.43 37.15 -15.05
C34 PC1 KA . 9.36 36.10 -14.92
C35 PC1 KA . 8.72 36.04 -13.56
C36 PC1 KA . 7.63 35.00 -13.42
C22 PC1 LA . 14.56 16.18 7.37
C23 PC1 LA . 15.40 17.35 6.90
C24 PC1 LA . 16.56 16.94 6.03
C25 PC1 LA . 17.40 18.09 5.55
C26 PC1 LA . 18.44 17.71 4.51
C27 PC1 LA . 19.26 18.87 4.00
C28 PC1 LA . 20.09 18.52 2.79
C29 PC1 LA . 20.89 19.67 2.24
C2A PC1 LA . 21.43 19.41 0.85
C2B PC1 LA . 22.24 20.55 0.29
C2C PC1 LA . 22.52 20.46 -1.20
C2D PC1 LA . 23.35 21.59 -1.74
C2E PC1 LA . 23.44 21.64 -3.24
C2F PC1 LA . 22.13 21.91 -3.91
P 3PE MA . 23.39 44.55 -3.51
O11 3PE MA . 21.92 43.91 -3.43
O12 3PE MA . 23.23 46.02 -3.39
O13 3PE MA . 23.86 44.25 -4.99
O14 3PE MA . 24.28 43.84 -2.56
C1 3PE MA . 20.82 44.75 -3.05
C2 3PE MA . 19.53 43.98 -3.10
C3 3PE MA . 19.67 42.69 -3.86
O31 3PE MA . 18.36 42.11 -4.08
O32 3PE MA . 19.31 40.23 -4.80
C31 3PE MA . 18.32 40.87 -4.57
C32 3PE MA . 16.92 40.39 -4.77
C33 3PE MA . 16.89 38.97 -5.31
C34 3PE MA . 15.51 38.41 -5.52
C35 3PE MA . 15.53 36.98 -6.04
C36 3PE MA . 14.15 36.33 -6.15
C37 3PE MA . 14.20 34.88 -6.60
C38 3PE MA . 12.89 34.13 -6.48
C39 3PE MA . 13.04 32.64 -6.63
C3A 3PE MA . 11.81 31.83 -6.25
C3B 3PE MA . 12.11 30.39 -5.89
C3C 3PE MA . 12.57 29.51 -7.05
C3D 3PE MA . 11.50 29.31 -8.10
C3E 3PE MA . 11.83 28.22 -9.11
O21 3PE MA . 19.12 43.68 -1.73
O22 3PE MA . 18.02 45.63 -1.58
C21 3PE MA . 18.36 44.59 -1.09
C22 3PE MA . 18.02 44.13 0.29
C23 3PE MA . 16.75 43.28 0.35
C24 3PE MA . 15.50 44.06 -0.04
O11 3PE NA . 9.60 16.26 6.16
C1 3PE NA . 10.33 15.79 5.01
C2 3PE NA . 11.22 16.91 4.51
C3 3PE NA . 11.67 17.82 5.62
O31 3PE NA . 11.54 19.18 5.17
O32 3PE NA . 9.72 19.48 6.44
C31 3PE NA . 10.50 19.88 5.62
C32 3PE NA . 10.41 21.23 4.96
C33 3PE NA . 10.69 22.40 5.89
C34 3PE NA . 11.29 23.57 5.15
C35 3PE NA . 10.40 24.19 4.10
C36 3PE NA . 11.10 25.29 3.32
C37 3PE NA . 10.20 26.12 2.44
C38 3PE NA . 10.90 27.34 1.87
C39 3PE NA . 9.96 28.39 1.30
C3A 3PE NA . 9.60 28.18 -0.15
C3B 3PE NA . 10.75 28.44 -1.11
O21 3PE NA . 12.40 16.27 3.91
O22 3PE NA . 12.18 17.51 2.06
C21 3PE NA . 12.71 16.63 2.66
C22 3PE NA . 13.78 15.72 2.11
C23 3PE NA . 14.97 16.45 1.52
C24 3PE NA . 15.82 15.54 0.66
C25 3PE NA . 17.25 16.00 0.44
C26 3PE NA . 18.02 15.10 -0.48
C27 3PE NA . 19.53 15.19 -0.34
C28 3PE NA . 20.25 14.18 -1.20
C29 3PE NA . 21.69 13.91 -0.81
C2A 3PE NA . 22.66 15.01 -1.18
C2B 3PE NA . 24.12 14.61 -0.99
C2C 3PE NA . 25.11 15.68 -1.37
C2D 3PE NA . 26.56 15.27 -1.19
#